data_6NA4
#
_entry.id   6NA4
#
_cell.length_a   109.342
_cell.length_b   78.829
_cell.length_c   138.786
_cell.angle_alpha   90.000
_cell.angle_beta   108.060
_cell.angle_gamma   90.000
#
_symmetry.space_group_name_H-M   'P 1 21 1'
#
loop_
_entity.id
_entity.type
_entity.pdbx_description
1 polymer 'Putative crotonyl-CoA reductase'
2 non-polymer 'NADP NICOTINAMIDE-ADENINE-DINUCLEOTIDE PHOSPHATE'
3 non-polymer Pyrrolidine
4 non-polymer 9-ETHYL-9H-PURIN-6-YLAMINE
5 non-polymer '~{S}-[2-[3-[[(2~{R})-4-[[[(2~{S},3~{R},4~{S},5~{R})-5-(6-aminopurin-9-yl)-4-oxidanyl-3-phosphonooxy-oxolan-2-yl]methoxy-oxidanyl-phosphoryl]oxy-oxidanyl-phosphoryl]oxy-3,3-dimethyl-2-oxidanyl-butanoyl]amino]propanoylamino]ethyl] butanethioate'
6 non-polymer 'NADPH DIHYDRO-NICOTINAMIDE-ADENINE-DINUCLEOTIDE PHOSPHATE'
7 water water
#
_entity_poly.entity_id   1
_entity_poly.type   'polypeptide(L)'
_entity_poly.pdbx_seq_one_letter_code
;EGRHMQEILDAILSGDAASADYAALALPESYRAVTLHKGEERMFDGLASRDKDPRKSLHLDDVPLPELGPGEALVAVMAS
SVNYNTVWSSIFEPVSTFGFLERYGRLSPLTARHDLPYHVLGSDLAGVVLRTGAGVNAWKPGDEVVAHCLSVELESPDGH
NDTMMDPEQRIWGFETNFGGLAQLALVKTNQLLPKPKHLTWEEAASPGLVNSTAYRQLVSRNGAGLKQGDNVLIWGASGG
LGSYATQYALAGGATPICVVSSPRKADICRAMGAEAIIDRSAEGYRFWKDEHHQDPREWKRLGGKIREFTGGEDVDIVFE
HPGRETFGASVYVTRKGGTIVTCASTSGYMHQYDNRYLWMSLKRIVGSHFANYREAFEANRLVAKGKIHPTLSKVYALEE
TGQAALDVHHNKHQGKVGVLCLAPREGLGVTDPELRSKHLTKINAFRN
;
_entity_poly.pdbx_strand_id   A,B,C,D
#
# COMPACT_ATOMS: atom_id res chain seq x y z
N ARG A 3 -13.09 -45.20 -31.97
CA ARG A 3 -12.06 -44.45 -31.28
C ARG A 3 -12.41 -44.26 -29.82
N HIS A 4 -11.41 -44.43 -28.95
CA HIS A 4 -11.59 -44.00 -27.57
C HIS A 4 -11.87 -42.50 -27.52
N MET A 5 -11.29 -41.72 -28.43
CA MET A 5 -11.54 -40.28 -28.45
C MET A 5 -12.99 -39.99 -28.82
N GLN A 6 -13.51 -40.67 -29.84
CA GLN A 6 -14.91 -40.45 -30.20
C GLN A 6 -15.83 -40.79 -29.05
N GLU A 7 -15.51 -41.82 -28.27
CA GLU A 7 -16.37 -42.18 -27.14
C GLU A 7 -16.32 -41.11 -26.05
N ILE A 8 -15.18 -40.45 -25.87
CA ILE A 8 -15.11 -39.34 -24.92
C ILE A 8 -16.00 -38.19 -25.39
N LEU A 9 -15.89 -37.82 -26.67
CA LEU A 9 -16.69 -36.73 -27.21
C LEU A 9 -18.18 -37.05 -27.11
N ASP A 10 -18.57 -38.26 -27.50
CA ASP A 10 -19.98 -38.62 -27.40
C ASP A 10 -20.48 -38.50 -25.96
N ALA A 11 -19.63 -38.85 -24.98
CA ALA A 11 -20.02 -38.69 -23.59
C ALA A 11 -20.28 -37.23 -23.26
N ILE A 12 -19.37 -36.34 -23.67
CA ILE A 12 -19.55 -34.91 -23.41
C ILE A 12 -20.79 -34.41 -24.13
N LEU A 13 -20.96 -34.77 -25.41
CA LEU A 13 -22.09 -34.27 -26.17
C LEU A 13 -23.42 -34.79 -25.65
N SER A 14 -23.44 -35.94 -24.96
CA SER A 14 -24.70 -36.45 -24.45
C SER A 14 -25.27 -35.54 -23.37
N GLY A 15 -24.40 -34.88 -22.60
CA GLY A 15 -24.83 -33.93 -21.60
C GLY A 15 -25.28 -34.53 -20.29
N ASP A 16 -25.38 -35.86 -20.20
CA ASP A 16 -25.88 -36.50 -18.99
C ASP A 16 -25.00 -37.67 -18.56
N ALA A 17 -23.71 -37.64 -18.91
CA ALA A 17 -22.76 -38.59 -18.36
C ALA A 17 -22.37 -38.16 -16.95
N ALA A 18 -22.19 -39.14 -16.06
CA ALA A 18 -21.83 -38.87 -14.68
C ALA A 18 -20.33 -38.94 -14.49
N SER A 19 -19.88 -38.45 -13.33
CA SER A 19 -18.44 -38.53 -13.02
C SER A 19 -17.93 -39.96 -13.20
N ALA A 20 -18.70 -40.95 -12.75
CA ALA A 20 -18.28 -42.35 -12.87
C ALA A 20 -18.14 -42.77 -14.32
N ASP A 21 -18.98 -42.25 -15.21
CA ASP A 21 -18.85 -42.58 -16.62
C ASP A 21 -17.52 -42.07 -17.18
N TYR A 22 -17.13 -40.84 -16.83
CA TYR A 22 -15.84 -40.33 -17.29
C TYR A 22 -14.69 -41.16 -16.73
N ALA A 23 -14.81 -41.57 -15.47
CA ALA A 23 -13.75 -42.36 -14.85
C ALA A 23 -13.58 -43.71 -15.56
N ALA A 24 -14.65 -44.24 -16.16
CA ALA A 24 -14.63 -45.56 -16.80
C ALA A 24 -14.20 -45.52 -18.25
N LEU A 25 -14.15 -44.35 -18.88
CA LEU A 25 -13.77 -44.25 -20.28
C LEU A 25 -12.31 -44.59 -20.46
N ALA A 26 -12.01 -45.42 -21.45
CA ALA A 26 -10.62 -45.75 -21.76
C ALA A 26 -9.93 -44.53 -22.37
N LEU A 27 -8.71 -44.28 -21.93
CA LEU A 27 -7.94 -43.20 -22.50
C LEU A 27 -7.34 -43.61 -23.85
N PRO A 28 -7.47 -42.77 -24.88
CA PRO A 28 -6.80 -43.08 -26.15
C PRO A 28 -5.29 -43.11 -25.97
N GLU A 29 -4.62 -43.73 -26.95
CA GLU A 29 -3.16 -43.83 -26.90
C GLU A 29 -2.47 -42.64 -27.55
N SER A 30 -3.18 -41.82 -28.31
CA SER A 30 -2.65 -40.56 -28.82
C SER A 30 -3.77 -39.52 -28.88
N TYR A 31 -3.38 -38.26 -29.05
CA TYR A 31 -4.37 -37.21 -29.31
C TYR A 31 -3.80 -36.24 -30.35
N ARG A 32 -4.71 -35.56 -31.06
CA ARG A 32 -4.33 -34.58 -32.06
C ARG A 32 -3.96 -33.26 -31.38
N ALA A 33 -2.86 -32.65 -31.83
CA ALA A 33 -2.26 -31.51 -31.15
C ALA A 33 -1.60 -30.58 -32.17
N VAL A 34 -1.71 -29.27 -31.93
CA VAL A 34 -0.93 -28.29 -32.68
C VAL A 34 0.45 -28.18 -32.04
N THR A 35 1.50 -28.36 -32.83
CA THR A 35 2.84 -28.48 -32.27
C THR A 35 3.84 -27.69 -33.09
N LEU A 36 4.95 -27.37 -32.44
CA LEU A 36 6.20 -26.96 -33.07
C LEU A 36 7.17 -28.12 -33.04
N HIS A 37 8.12 -28.10 -33.98
CA HIS A 37 9.16 -29.12 -34.07
C HIS A 37 10.52 -28.52 -33.78
N LYS A 38 11.27 -29.16 -32.88
CA LYS A 38 12.56 -28.62 -32.43
C LYS A 38 13.51 -28.39 -33.60
N GLY A 39 13.55 -29.31 -34.56
CA GLY A 39 14.47 -29.19 -35.67
C GLY A 39 14.22 -27.98 -36.56
N GLU A 40 13.12 -27.27 -36.36
CA GLU A 40 12.75 -26.16 -37.24
C GLU A 40 12.95 -24.79 -36.59
N GLU A 41 13.51 -24.73 -35.38
CA GLU A 41 13.57 -23.44 -34.69
C GLU A 41 14.41 -22.41 -35.43
N ARG A 42 15.24 -22.81 -36.40
CA ARG A 42 16.02 -21.84 -37.18
C ARG A 42 15.43 -21.59 -38.58
N MET A 43 14.23 -22.09 -38.85
CA MET A 43 13.71 -22.06 -40.23
C MET A 43 13.48 -20.66 -40.75
N PHE A 44 13.30 -19.67 -39.88
CA PHE A 44 13.04 -18.29 -40.29
C PHE A 44 14.30 -17.42 -40.27
N ASP A 45 15.49 -18.03 -40.23
CA ASP A 45 16.74 -17.27 -40.27
C ASP A 45 16.75 -16.28 -41.42
N GLY A 46 17.10 -15.03 -41.13
CA GLY A 46 17.26 -14.02 -42.15
C GLY A 46 15.99 -13.32 -42.58
N LEU A 47 14.83 -13.70 -42.04
CA LEU A 47 13.58 -13.05 -42.40
C LEU A 47 13.23 -11.96 -41.39
N ALA A 48 12.59 -10.90 -41.91
CA ALA A 48 11.91 -9.97 -41.03
C ALA A 48 10.72 -10.66 -40.37
N SER A 49 10.43 -10.23 -39.13
N SER A 49 10.43 -10.24 -39.13
CA SER A 49 9.37 -10.87 -38.36
CA SER A 49 9.37 -10.88 -38.36
C SER A 49 8.06 -10.95 -39.13
C SER A 49 8.07 -10.96 -39.16
N ARG A 50 7.71 -9.87 -39.85
CA ARG A 50 6.46 -9.84 -40.59
C ARG A 50 6.33 -11.00 -41.58
N ASP A 51 7.45 -11.39 -42.18
CA ASP A 51 7.46 -12.41 -43.24
C ASP A 51 7.59 -13.83 -42.72
N LYS A 52 7.71 -14.02 -41.41
CA LYS A 52 7.65 -15.33 -40.79
C LYS A 52 6.20 -15.78 -40.73
N ASP A 53 5.91 -16.97 -41.26
CA ASP A 53 4.54 -17.43 -41.49
C ASP A 53 4.18 -18.54 -40.52
N PRO A 54 3.29 -18.31 -39.55
CA PRO A 54 2.96 -19.39 -38.60
C PRO A 54 2.41 -20.63 -39.26
N ARG A 55 1.84 -20.52 -40.46
CA ARG A 55 1.30 -21.71 -41.13
C ARG A 55 2.40 -22.71 -41.47
N LYS A 56 3.64 -22.24 -41.66
CA LYS A 56 4.74 -23.12 -42.01
C LYS A 56 5.32 -23.86 -40.81
N SER A 57 5.23 -23.28 -39.62
CA SER A 57 5.89 -23.84 -38.44
C SER A 57 4.95 -24.66 -37.56
N LEU A 58 3.64 -24.44 -37.67
CA LEU A 58 2.67 -25.12 -36.82
C LEU A 58 2.22 -26.42 -37.49
N HIS A 59 2.32 -27.51 -36.76
CA HIS A 59 2.03 -28.84 -37.27
C HIS A 59 0.84 -29.45 -36.53
N LEU A 60 0.06 -30.26 -37.25
CA LEU A 60 -1.04 -31.03 -36.66
C LEU A 60 -0.56 -32.47 -36.51
N ASP A 61 -0.23 -32.87 -35.28
CA ASP A 61 0.40 -34.16 -35.03
C ASP A 61 -0.46 -35.03 -34.14
N ASP A 62 -0.25 -36.34 -34.25
CA ASP A 62 -0.73 -37.28 -33.24
C ASP A 62 0.40 -37.46 -32.23
N VAL A 63 0.12 -37.18 -30.96
CA VAL A 63 1.14 -37.25 -29.93
C VAL A 63 0.67 -38.22 -28.84
N PRO A 64 1.59 -38.91 -28.16
CA PRO A 64 1.19 -39.79 -27.06
C PRO A 64 0.73 -38.99 -25.84
N LEU A 65 -0.13 -39.62 -25.06
CA LEU A 65 -0.58 -39.00 -23.82
C LEU A 65 0.55 -38.94 -22.81
N PRO A 66 0.79 -37.80 -22.16
CA PRO A 66 1.77 -37.76 -21.08
C PRO A 66 1.26 -38.49 -19.86
N GLU A 67 2.19 -38.89 -19.01
CA GLU A 67 1.82 -39.52 -17.74
C GLU A 67 1.26 -38.48 -16.79
N LEU A 68 0.17 -38.82 -16.12
CA LEU A 68 -0.47 -37.92 -15.19
C LEU A 68 0.28 -37.92 -13.87
N GLY A 69 0.57 -36.73 -13.34
CA GLY A 69 1.32 -36.62 -12.11
C GLY A 69 0.48 -36.09 -10.97
N PRO A 70 1.08 -36.01 -9.77
CA PRO A 70 0.34 -35.51 -8.61
C PRO A 70 -0.10 -34.05 -8.81
N GLY A 71 -1.30 -33.73 -8.32
CA GLY A 71 -1.82 -32.39 -8.43
C GLY A 71 -2.20 -31.94 -9.82
N GLU A 72 -2.38 -32.88 -10.75
CA GLU A 72 -2.63 -32.56 -12.15
C GLU A 72 -3.98 -33.15 -12.60
N ALA A 73 -4.43 -32.66 -13.76
CA ALA A 73 -5.66 -33.12 -14.37
C ALA A 73 -5.42 -33.33 -15.87
N LEU A 74 -5.92 -34.44 -16.39
CA LEU A 74 -6.02 -34.63 -17.82
C LEU A 74 -7.38 -34.10 -18.24
N VAL A 75 -7.41 -33.20 -19.22
CA VAL A 75 -8.65 -32.53 -19.61
C VAL A 75 -8.94 -32.80 -21.08
N ALA A 76 -10.20 -33.16 -21.36
CA ALA A 76 -10.73 -33.24 -22.71
C ALA A 76 -11.11 -31.82 -23.16
N VAL A 77 -10.46 -31.32 -24.21
CA VAL A 77 -10.54 -29.91 -24.56
C VAL A 77 -11.58 -29.74 -25.65
N MET A 78 -12.67 -29.01 -25.34
CA MET A 78 -13.65 -28.72 -26.38
C MET A 78 -13.23 -27.55 -27.26
N ALA A 79 -12.55 -26.55 -26.70
CA ALA A 79 -12.13 -25.37 -27.48
C ALA A 79 -11.00 -24.66 -26.76
N SER A 80 -10.30 -23.82 -27.52
CA SER A 80 -9.15 -23.07 -27.03
C SER A 80 -9.18 -21.71 -27.74
N SER A 81 -8.05 -21.00 -27.75
CA SER A 81 -7.98 -19.74 -28.47
C SER A 81 -6.55 -19.49 -28.90
N VAL A 82 -6.40 -18.61 -29.88
CA VAL A 82 -5.10 -18.07 -30.25
C VAL A 82 -4.78 -16.93 -29.30
N ASN A 83 -3.56 -16.91 -28.77
CA ASN A 83 -3.03 -15.79 -28.03
C ASN A 83 -1.79 -15.29 -28.75
N TYR A 84 -1.32 -14.10 -28.38
CA TYR A 84 -0.09 -13.64 -29.02
C TYR A 84 1.09 -14.53 -28.67
N ASN A 85 1.08 -15.17 -27.50
CA ASN A 85 2.20 -16.07 -27.20
C ASN A 85 2.19 -17.28 -28.13
N THR A 86 1.02 -17.62 -28.69
CA THR A 86 0.97 -18.59 -29.79
C THR A 86 1.72 -18.07 -31.01
N VAL A 87 1.54 -16.78 -31.33
CA VAL A 87 2.29 -16.17 -32.42
C VAL A 87 3.78 -16.15 -32.10
N TRP A 88 4.14 -15.60 -30.92
CA TRP A 88 5.56 -15.55 -30.55
C TRP A 88 6.20 -16.93 -30.69
N SER A 89 5.53 -17.95 -30.15
N SER A 89 5.52 -17.97 -30.21
CA SER A 89 6.05 -19.31 -30.22
CA SER A 89 6.12 -19.30 -30.23
C SER A 89 6.30 -19.72 -31.67
C SER A 89 6.25 -19.85 -31.64
N SER A 90 5.30 -19.53 -32.52
CA SER A 90 5.32 -20.04 -33.89
C SER A 90 6.37 -19.35 -34.75
N ILE A 91 6.82 -18.15 -34.40
CA ILE A 91 7.89 -17.51 -35.13
C ILE A 91 9.20 -17.55 -34.35
N PHE A 92 9.24 -18.30 -33.25
CA PHE A 92 10.45 -18.51 -32.43
C PHE A 92 11.05 -17.17 -31.97
N GLU A 93 10.18 -16.22 -31.59
CA GLU A 93 10.63 -14.92 -31.11
C GLU A 93 10.07 -14.63 -29.71
N PRO A 94 10.83 -13.92 -28.87
CA PRO A 94 12.19 -13.42 -29.11
C PRO A 94 13.21 -14.55 -29.09
N VAL A 95 12.81 -15.69 -28.49
CA VAL A 95 13.65 -16.88 -28.46
C VAL A 95 12.76 -18.12 -28.61
N SER A 96 13.39 -19.25 -28.91
CA SER A 96 12.65 -20.50 -29.11
C SER A 96 12.07 -21.01 -27.79
N THR A 97 10.81 -21.45 -27.82
CA THR A 97 10.23 -22.07 -26.64
C THR A 97 10.93 -23.37 -26.24
N PHE A 98 11.69 -23.98 -27.15
CA PHE A 98 12.37 -25.21 -26.76
C PHE A 98 13.44 -24.95 -25.71
N GLY A 99 14.00 -23.75 -25.70
CA GLY A 99 14.87 -23.37 -24.61
C GLY A 99 14.16 -23.34 -23.28
N PHE A 100 12.90 -22.86 -23.26
CA PHE A 100 12.11 -22.88 -22.03
C PHE A 100 11.87 -24.31 -21.57
N LEU A 101 11.52 -25.19 -22.52
CA LEU A 101 11.23 -26.58 -22.15
C LEU A 101 12.48 -27.29 -21.64
N GLU A 102 13.63 -27.06 -22.29
CA GLU A 102 14.86 -27.68 -21.82
C GLU A 102 15.18 -27.25 -20.38
N ARG A 103 15.10 -25.94 -20.11
CA ARG A 103 15.35 -25.45 -18.75
C ARG A 103 14.35 -26.02 -17.77
N TYR A 104 13.06 -26.02 -18.13
CA TYR A 104 12.03 -26.55 -17.24
C TYR A 104 12.31 -28.01 -16.87
N GLY A 105 12.66 -28.82 -17.87
CA GLY A 105 12.89 -30.25 -17.67
C GLY A 105 14.04 -30.58 -16.73
N ARG A 106 14.89 -29.61 -16.39
CA ARG A 106 16.00 -29.89 -15.50
C ARG A 106 15.61 -29.92 -14.03
N LEU A 107 14.39 -29.48 -13.68
CA LEU A 107 14.02 -29.38 -12.27
C LEU A 107 13.85 -30.76 -11.63
N SER A 108 13.11 -31.66 -12.29
CA SER A 108 12.84 -32.97 -11.71
C SER A 108 12.44 -33.93 -12.82
N PRO A 109 12.37 -35.22 -12.52
CA PRO A 109 11.83 -36.17 -13.51
C PRO A 109 10.42 -35.84 -13.94
N LEU A 110 9.60 -35.23 -13.07
CA LEU A 110 8.26 -34.86 -13.47
C LEU A 110 8.27 -33.71 -14.47
N THR A 111 9.07 -32.68 -14.23
CA THR A 111 9.13 -31.60 -15.21
C THR A 111 9.84 -32.04 -16.48
N ALA A 112 10.70 -33.06 -16.40
CA ALA A 112 11.38 -33.56 -17.60
C ALA A 112 10.40 -34.15 -18.60
N ARG A 113 9.19 -34.54 -18.17
CA ARG A 113 8.17 -34.99 -19.11
C ARG A 113 7.91 -33.95 -20.18
N HIS A 114 8.18 -32.66 -19.89
CA HIS A 114 7.86 -31.58 -20.82
C HIS A 114 8.92 -31.38 -21.89
N ASP A 115 10.13 -31.93 -21.67
CA ASP A 115 11.28 -31.68 -22.53
C ASP A 115 11.25 -32.69 -23.67
N LEU A 116 10.54 -32.34 -24.74
CA LEU A 116 10.27 -33.20 -25.88
C LEU A 116 10.71 -32.52 -27.17
N PRO A 117 10.89 -33.30 -28.24
CA PRO A 117 11.26 -32.69 -29.54
C PRO A 117 10.09 -32.03 -30.26
N TYR A 118 8.89 -32.03 -29.66
CA TYR A 118 7.75 -31.26 -30.14
C TYR A 118 7.16 -30.50 -28.97
N HIS A 119 6.49 -29.38 -29.28
CA HIS A 119 5.89 -28.52 -28.26
C HIS A 119 4.41 -28.36 -28.58
N VAL A 120 3.54 -28.88 -27.71
CA VAL A 120 2.10 -28.69 -27.88
C VAL A 120 1.73 -27.31 -27.32
N LEU A 121 1.23 -26.43 -28.18
CA LEU A 121 0.96 -25.05 -27.79
C LEU A 121 -0.46 -24.87 -27.27
N GLY A 122 -0.74 -23.67 -26.76
CA GLY A 122 -2.11 -23.28 -26.37
C GLY A 122 -2.13 -22.92 -24.90
N SER A 123 -2.70 -21.75 -24.59
CA SER A 123 -2.70 -21.24 -23.23
C SER A 123 -4.10 -20.93 -22.70
N ASP A 124 -5.15 -21.40 -23.42
CA ASP A 124 -6.53 -21.33 -22.96
C ASP A 124 -7.17 -22.70 -23.18
N LEU A 125 -8.21 -23.00 -22.40
CA LEU A 125 -9.03 -24.17 -22.71
C LEU A 125 -10.39 -24.03 -22.06
N ALA A 126 -11.37 -24.68 -22.67
CA ALA A 126 -12.67 -24.97 -22.05
C ALA A 126 -12.97 -26.43 -22.33
N GLY A 127 -13.41 -27.16 -21.31
CA GLY A 127 -13.60 -28.58 -21.52
C GLY A 127 -14.03 -29.32 -20.28
N VAL A 128 -13.72 -30.62 -20.22
CA VAL A 128 -14.24 -31.52 -19.20
C VAL A 128 -13.08 -32.33 -18.62
N VAL A 129 -13.00 -32.38 -17.29
CA VAL A 129 -11.95 -33.16 -16.64
C VAL A 129 -12.16 -34.65 -16.91
N LEU A 130 -11.08 -35.35 -17.27
CA LEU A 130 -11.14 -36.81 -17.44
C LEU A 130 -10.52 -37.56 -16.26
N ARG A 131 -9.34 -37.13 -15.80
CA ARG A 131 -8.62 -37.77 -14.72
C ARG A 131 -7.97 -36.71 -13.85
N THR A 132 -7.73 -37.05 -12.58
CA THR A 132 -6.96 -36.23 -11.67
C THR A 132 -5.88 -37.06 -10.99
N GLY A 133 -4.72 -36.45 -10.79
CA GLY A 133 -3.61 -37.10 -10.13
C GLY A 133 -3.78 -37.17 -8.62
N ALA A 134 -2.72 -37.61 -7.96
CA ALA A 134 -2.72 -37.72 -6.51
C ALA A 134 -2.82 -36.35 -5.86
N GLY A 135 -3.48 -36.31 -4.69
CA GLY A 135 -3.58 -35.09 -3.91
C GLY A 135 -4.64 -34.11 -4.37
N VAL A 136 -5.47 -34.49 -5.33
CA VAL A 136 -6.46 -33.60 -5.92
C VAL A 136 -7.81 -33.94 -5.31
N ASN A 137 -8.37 -33.01 -4.54
CA ASN A 137 -9.69 -33.19 -3.97
C ASN A 137 -10.71 -32.16 -4.43
N ALA A 138 -10.28 -31.03 -4.99
CA ALA A 138 -11.20 -29.97 -5.36
C ALA A 138 -11.84 -30.17 -6.72
N TRP A 139 -11.32 -31.08 -7.54
CA TRP A 139 -11.83 -31.28 -8.89
C TRP A 139 -11.88 -32.78 -9.17
N LYS A 140 -12.86 -33.19 -9.95
CA LYS A 140 -13.12 -34.60 -10.23
C LYS A 140 -13.50 -34.76 -11.69
N PRO A 141 -13.42 -35.98 -12.23
CA PRO A 141 -13.81 -36.20 -13.62
C PRO A 141 -15.25 -35.78 -13.86
N GLY A 142 -15.50 -35.20 -15.04
CA GLY A 142 -16.80 -34.67 -15.40
C GLY A 142 -16.99 -33.19 -15.10
N ASP A 143 -16.13 -32.60 -14.28
CA ASP A 143 -16.25 -31.17 -13.99
C ASP A 143 -16.02 -30.36 -15.27
N GLU A 144 -16.93 -29.42 -15.54
CA GLU A 144 -16.78 -28.51 -16.68
C GLU A 144 -15.88 -27.34 -16.29
N VAL A 145 -14.78 -27.15 -17.01
CA VAL A 145 -13.72 -26.27 -16.56
C VAL A 145 -13.26 -25.33 -17.67
N VAL A 146 -12.77 -24.17 -17.25
CA VAL A 146 -11.82 -23.41 -18.04
C VAL A 146 -10.51 -23.41 -17.25
N ALA A 147 -9.41 -23.07 -17.93
CA ALA A 147 -8.11 -23.11 -17.28
C ALA A 147 -7.38 -21.79 -17.53
N HIS A 148 -6.84 -21.19 -16.47
CA HIS A 148 -5.86 -20.13 -16.62
C HIS A 148 -4.48 -20.75 -16.85
N CYS A 149 -3.53 -19.95 -17.32
CA CYS A 149 -2.26 -20.51 -17.80
C CYS A 149 -1.10 -20.32 -16.82
N LEU A 150 -1.37 -20.05 -15.54
CA LEU A 150 -0.28 -19.95 -14.58
C LEU A 150 0.15 -21.35 -14.13
N SER A 151 1.44 -21.65 -14.25
CA SER A 151 2.03 -22.87 -13.73
C SER A 151 3.02 -22.49 -12.62
N VAL A 152 2.65 -22.76 -11.37
CA VAL A 152 3.52 -22.46 -10.23
C VAL A 152 3.73 -23.74 -9.44
N GLU A 153 4.98 -23.98 -9.04
CA GLU A 153 5.35 -25.15 -8.26
C GLU A 153 5.24 -24.90 -6.76
N LEU A 154 5.49 -23.66 -6.31
CA LEU A 154 5.24 -23.23 -4.94
C LEU A 154 6.09 -24.00 -3.92
N GLU A 155 7.21 -24.57 -4.35
CA GLU A 155 8.16 -25.14 -3.42
C GLU A 155 9.04 -24.06 -2.79
N SER A 156 9.44 -23.07 -3.58
CA SER A 156 10.17 -21.93 -3.05
C SER A 156 9.26 -21.09 -2.15
N PRO A 157 9.83 -20.46 -1.11
CA PRO A 157 9.02 -19.52 -0.29
C PRO A 157 8.58 -18.28 -1.05
N ASP A 158 9.26 -17.91 -2.13
CA ASP A 158 9.06 -16.59 -2.77
C ASP A 158 7.61 -16.35 -3.18
N GLY A 159 6.89 -17.38 -3.60
CA GLY A 159 5.55 -17.21 -4.13
C GLY A 159 4.44 -17.32 -3.11
N HIS A 160 4.75 -17.38 -1.81
CA HIS A 160 3.71 -17.60 -0.81
C HIS A 160 3.09 -16.31 -0.28
N ASN A 161 3.38 -15.16 -0.90
CA ASN A 161 2.73 -13.89 -0.60
C ASN A 161 2.25 -13.21 -1.88
N ASP A 162 1.90 -14.02 -2.88
CA ASP A 162 1.58 -13.67 -4.27
C ASP A 162 2.31 -14.68 -5.14
N THR A 163 1.60 -15.63 -5.73
CA THR A 163 2.28 -16.74 -6.40
C THR A 163 3.02 -16.33 -7.67
N MET A 164 2.75 -15.14 -8.21
CA MET A 164 3.50 -14.72 -9.38
C MET A 164 4.99 -14.61 -9.09
N MET A 165 5.37 -14.41 -7.82
CA MET A 165 6.77 -14.25 -7.45
C MET A 165 7.50 -15.59 -7.27
N ASP A 166 6.82 -16.72 -7.43
CA ASP A 166 7.51 -18.00 -7.47
C ASP A 166 8.64 -17.96 -8.50
N PRO A 167 9.88 -18.27 -8.12
CA PRO A 167 10.97 -18.23 -9.13
C PRO A 167 10.75 -19.21 -10.27
N GLU A 168 9.98 -20.28 -10.06
CA GLU A 168 9.70 -21.27 -11.08
C GLU A 168 8.37 -21.04 -11.76
N GLN A 169 7.74 -19.88 -11.53
CA GLN A 169 6.49 -19.53 -12.19
C GLN A 169 6.69 -19.55 -13.71
N ARG A 170 5.73 -20.14 -14.42
CA ARG A 170 5.78 -20.28 -15.87
C ARG A 170 4.38 -20.08 -16.45
N ILE A 171 4.33 -19.97 -17.78
CA ILE A 171 3.07 -19.86 -18.52
C ILE A 171 2.80 -21.20 -19.22
N TRP A 172 1.70 -21.84 -18.84
CA TRP A 172 1.29 -23.12 -19.44
C TRP A 172 1.11 -23.00 -20.95
N GLY A 173 1.65 -23.97 -21.69
CA GLY A 173 1.56 -23.98 -23.14
C GLY A 173 2.55 -23.09 -23.86
N PHE A 174 3.43 -22.41 -23.12
CA PHE A 174 4.40 -21.49 -23.70
C PHE A 174 5.77 -21.81 -23.12
N GLU A 175 5.86 -21.85 -21.78
CA GLU A 175 7.04 -22.33 -21.09
C GLU A 175 6.85 -23.75 -20.55
N THR A 176 5.70 -24.36 -20.81
CA THR A 176 5.47 -25.78 -20.54
C THR A 176 4.86 -26.43 -21.76
N ASN A 177 4.88 -27.75 -21.77
CA ASN A 177 4.29 -28.52 -22.85
C ASN A 177 2.82 -28.81 -22.56
N PHE A 178 2.19 -29.55 -23.49
CA PHE A 178 0.83 -30.08 -23.34
C PHE A 178 -0.21 -28.95 -23.22
N GLY A 179 -0.09 -27.97 -24.12
CA GLY A 179 -0.98 -26.83 -24.13
C GLY A 179 -2.37 -27.18 -24.63
N GLY A 180 -3.21 -26.13 -24.69
CA GLY A 180 -4.63 -26.30 -24.95
C GLY A 180 -5.06 -26.36 -26.40
N LEU A 181 -4.16 -26.14 -27.35
CA LEU A 181 -4.53 -26.25 -28.77
C LEU A 181 -4.35 -27.71 -29.21
N ALA A 182 -5.27 -28.53 -28.72
CA ALA A 182 -5.17 -29.99 -28.85
C ALA A 182 -6.47 -30.58 -28.33
N GLN A 183 -6.67 -31.89 -28.59
CA GLN A 183 -7.88 -32.54 -28.11
C GLN A 183 -7.85 -32.84 -26.62
N LEU A 184 -6.66 -32.99 -26.04
CA LEU A 184 -6.47 -33.22 -24.63
C LEU A 184 -5.40 -32.26 -24.13
N ALA A 185 -5.40 -32.01 -22.82
CA ALA A 185 -4.38 -31.15 -22.25
C ALA A 185 -4.06 -31.64 -20.84
N LEU A 186 -2.82 -31.37 -20.41
CA LEU A 186 -2.40 -31.65 -19.06
C LEU A 186 -2.15 -30.33 -18.33
N VAL A 187 -2.81 -30.16 -17.18
CA VAL A 187 -2.68 -28.93 -16.40
C VAL A 187 -2.59 -29.28 -14.93
N LYS A 188 -2.04 -28.35 -14.15
CA LYS A 188 -2.20 -28.44 -12.70
C LYS A 188 -3.64 -28.13 -12.33
N THR A 189 -4.14 -28.78 -11.27
CA THR A 189 -5.54 -28.55 -10.96
C THR A 189 -5.74 -27.16 -10.35
N ASN A 190 -4.67 -26.52 -9.87
CA ASN A 190 -4.80 -25.13 -9.44
C ASN A 190 -4.74 -24.16 -10.61
N GLN A 191 -4.92 -24.67 -11.82
CA GLN A 191 -5.25 -23.86 -13.00
C GLN A 191 -6.74 -23.87 -13.32
N LEU A 192 -7.53 -24.71 -12.65
CA LEU A 192 -8.91 -24.96 -13.06
C LEU A 192 -9.89 -23.97 -12.42
N LEU A 193 -10.87 -23.55 -13.21
CA LEU A 193 -11.95 -22.66 -12.80
C LEU A 193 -13.25 -23.20 -13.39
N PRO A 194 -14.39 -22.90 -12.76
CA PRO A 194 -15.66 -23.43 -13.27
C PRO A 194 -16.09 -22.74 -14.56
N LYS A 195 -16.54 -23.54 -15.52
CA LYS A 195 -16.96 -23.00 -16.81
C LYS A 195 -18.18 -22.08 -16.64
N PRO A 196 -18.14 -20.86 -17.16
CA PRO A 196 -19.38 -20.04 -17.21
C PRO A 196 -20.47 -20.77 -17.99
N LYS A 197 -21.61 -20.98 -17.33
CA LYS A 197 -22.63 -21.85 -17.90
C LYS A 197 -23.43 -21.19 -19.03
N HIS A 198 -23.41 -19.85 -19.15
CA HIS A 198 -24.19 -19.22 -20.20
C HIS A 198 -23.44 -19.10 -21.51
N LEU A 199 -22.20 -19.61 -21.58
CA LEU A 199 -21.35 -19.45 -22.74
C LEU A 199 -21.15 -20.78 -23.47
N THR A 200 -20.95 -20.69 -24.79
CA THR A 200 -20.53 -21.85 -25.57
C THR A 200 -19.09 -22.23 -25.22
N TRP A 201 -18.67 -23.42 -25.65
CA TRP A 201 -17.30 -23.85 -25.35
C TRP A 201 -16.29 -22.83 -25.86
N GLU A 202 -16.43 -22.41 -27.12
CA GLU A 202 -15.47 -21.46 -27.70
C GLU A 202 -15.55 -20.10 -27.00
N GLU A 203 -16.75 -19.65 -26.65
CA GLU A 203 -16.86 -18.41 -25.88
C GLU A 203 -16.18 -18.56 -24.53
N ALA A 204 -16.38 -19.70 -23.87
CA ALA A 204 -15.82 -19.85 -22.52
C ALA A 204 -14.31 -20.01 -22.54
N ALA A 205 -13.76 -20.51 -23.64
CA ALA A 205 -12.31 -20.61 -23.78
C ALA A 205 -11.64 -19.27 -24.10
N SER A 206 -12.40 -18.25 -24.51
CA SER A 206 -11.75 -17.06 -25.08
C SER A 206 -11.21 -16.07 -24.06
N PRO A 207 -11.81 -15.89 -22.86
CA PRO A 207 -11.32 -14.82 -21.97
C PRO A 207 -10.08 -15.18 -21.16
N GLY A 208 -9.92 -16.46 -20.81
CA GLY A 208 -9.02 -16.84 -19.73
C GLY A 208 -7.71 -16.10 -19.64
N LEU A 209 -6.87 -16.19 -20.68
CA LEU A 209 -5.55 -15.58 -20.60
C LEU A 209 -5.63 -14.05 -20.59
N VAL A 210 -6.25 -13.45 -21.60
CA VAL A 210 -6.17 -11.99 -21.69
C VAL A 210 -7.01 -11.33 -20.58
N ASN A 211 -8.13 -11.94 -20.20
CA ASN A 211 -8.99 -11.34 -19.18
C ASN A 211 -8.30 -11.37 -17.82
N SER A 212 -7.64 -12.49 -17.49
CA SER A 212 -6.90 -12.58 -16.24
C SER A 212 -5.80 -11.52 -16.18
N THR A 213 -5.07 -11.40 -17.26
CA THR A 213 -3.97 -10.42 -17.26
C THR A 213 -4.51 -8.99 -17.11
N ALA A 214 -5.54 -8.67 -17.87
CA ALA A 214 -6.09 -7.31 -17.80
C ALA A 214 -6.63 -7.02 -16.41
N TYR A 215 -7.20 -8.03 -15.76
CA TYR A 215 -7.73 -7.84 -14.40
C TYR A 215 -6.61 -7.52 -13.42
N ARG A 216 -5.54 -8.31 -13.41
CA ARG A 216 -4.44 -8.00 -12.50
C ARG A 216 -3.81 -6.66 -12.86
N GLN A 217 -3.67 -6.40 -14.15
CA GLN A 217 -2.95 -5.23 -14.61
C GLN A 217 -3.70 -3.93 -14.26
N LEU A 218 -5.03 -3.93 -14.39
CA LEU A 218 -5.78 -2.69 -14.25
C LEU A 218 -6.60 -2.62 -12.97
N VAL A 219 -7.25 -3.71 -12.59
CA VAL A 219 -8.21 -3.69 -11.48
C VAL A 219 -7.52 -3.93 -10.13
N SER A 220 -6.62 -4.90 -10.06
CA SER A 220 -6.09 -5.37 -8.78
C SER A 220 -5.10 -4.38 -8.18
N ARG A 221 -4.86 -4.54 -6.87
CA ARG A 221 -3.85 -3.72 -6.20
C ARG A 221 -2.44 -4.12 -6.60
N ASN A 222 -2.26 -5.29 -7.20
CA ASN A 222 -0.95 -5.67 -7.70
C ASN A 222 -0.61 -5.02 -9.03
N GLY A 223 -1.58 -4.39 -9.69
CA GLY A 223 -1.36 -3.58 -10.87
C GLY A 223 -1.63 -2.11 -10.62
N ALA A 224 -2.51 -1.51 -11.43
CA ALA A 224 -2.79 -0.08 -11.39
C ALA A 224 -3.84 0.34 -10.36
N GLY A 225 -4.61 -0.60 -9.79
CA GLY A 225 -5.59 -0.23 -8.79
C GLY A 225 -6.57 0.84 -9.22
N LEU A 226 -7.26 0.58 -10.33
CA LEU A 226 -8.27 1.49 -10.85
C LEU A 226 -9.30 1.90 -9.80
N LYS A 227 -9.75 3.15 -9.86
CA LYS A 227 -10.92 3.58 -9.08
C LYS A 227 -11.88 4.33 -9.99
N GLN A 228 -13.15 4.40 -9.59
CA GLN A 228 -14.10 5.13 -10.40
C GLN A 228 -13.70 6.60 -10.47
N GLY A 229 -13.95 7.22 -11.62
CA GLY A 229 -13.50 8.57 -11.90
C GLY A 229 -12.17 8.68 -12.60
N ASP A 230 -11.35 7.62 -12.57
CA ASP A 230 -10.05 7.65 -13.25
C ASP A 230 -10.25 7.80 -14.76
N ASN A 231 -9.29 8.46 -15.39
CA ASN A 231 -9.13 8.44 -16.85
C ASN A 231 -8.03 7.44 -17.19
N VAL A 232 -8.29 6.54 -18.14
CA VAL A 232 -7.40 5.43 -18.46
C VAL A 232 -7.14 5.39 -19.97
N LEU A 233 -5.89 5.60 -20.38
CA LEU A 233 -5.51 5.40 -21.78
C LEU A 233 -5.36 3.90 -22.03
N ILE A 234 -6.09 3.36 -23.02
CA ILE A 234 -6.05 1.92 -23.31
C ILE A 234 -5.55 1.73 -24.73
N TRP A 235 -4.27 1.37 -24.89
CA TRP A 235 -3.78 0.98 -26.21
C TRP A 235 -4.43 -0.32 -26.70
N GLY A 236 -4.54 -0.44 -28.02
CA GLY A 236 -5.03 -1.69 -28.62
C GLY A 236 -6.39 -2.09 -28.08
N ALA A 237 -7.30 -1.13 -27.95
CA ALA A 237 -8.50 -1.28 -27.14
C ALA A 237 -9.48 -2.32 -27.67
N SER A 238 -9.39 -2.69 -28.95
N SER A 238 -9.36 -2.68 -28.95
N SER A 238 -9.38 -2.69 -28.95
CA SER A 238 -10.28 -3.70 -29.52
CA SER A 238 -10.23 -3.66 -29.60
CA SER A 238 -10.26 -3.70 -29.54
C SER A 238 -9.60 -5.05 -29.73
C SER A 238 -9.50 -4.97 -29.94
C SER A 238 -9.54 -5.00 -29.86
N GLY A 239 -8.34 -5.20 -29.32
CA GLY A 239 -7.63 -6.46 -29.42
C GLY A 239 -7.95 -7.33 -28.22
N GLY A 240 -7.15 -8.36 -28.01
CA GLY A 240 -7.39 -9.30 -26.92
C GLY A 240 -7.40 -8.68 -25.53
N LEU A 241 -6.26 -8.16 -25.08
CA LEU A 241 -6.18 -7.47 -23.80
C LEU A 241 -7.14 -6.28 -23.75
N GLY A 242 -7.11 -5.44 -24.79
CA GLY A 242 -7.90 -4.22 -24.78
C GLY A 242 -9.40 -4.49 -24.68
N SER A 243 -9.85 -5.60 -25.26
CA SER A 243 -11.28 -5.92 -25.24
C SER A 243 -11.76 -6.23 -23.83
N TYR A 244 -10.86 -6.60 -22.91
CA TYR A 244 -11.21 -6.72 -21.51
C TYR A 244 -10.85 -5.47 -20.71
N ALA A 245 -9.71 -4.84 -20.98
CA ALA A 245 -9.37 -3.62 -20.23
C ALA A 245 -10.46 -2.57 -20.40
N THR A 246 -10.99 -2.42 -21.61
CA THR A 246 -12.04 -1.43 -21.83
C THR A 246 -13.28 -1.75 -21.02
N GLN A 247 -13.61 -3.05 -20.92
CA GLN A 247 -14.77 -3.44 -20.12
C GLN A 247 -14.53 -3.16 -18.65
N TYR A 248 -13.31 -3.39 -18.16
CA TYR A 248 -13.02 -3.12 -16.75
C TYR A 248 -13.06 -1.62 -16.46
N ALA A 249 -12.50 -0.80 -17.35
CA ALA A 249 -12.61 0.65 -17.18
C ALA A 249 -14.07 1.09 -17.04
N LEU A 250 -14.94 0.64 -17.95
CA LEU A 250 -16.33 1.11 -17.93
C LEU A 250 -17.09 0.56 -16.73
N ALA A 251 -16.96 -0.75 -16.48
CA ALA A 251 -17.72 -1.34 -15.37
C ALA A 251 -17.21 -0.85 -14.02
N GLY A 252 -15.95 -0.43 -13.93
CA GLY A 252 -15.41 0.13 -12.70
C GLY A 252 -15.69 1.60 -12.48
N GLY A 253 -16.43 2.25 -13.38
CA GLY A 253 -16.78 3.64 -13.21
C GLY A 253 -15.74 4.64 -13.67
N ALA A 254 -14.75 4.17 -14.43
CA ALA A 254 -13.69 5.02 -14.96
C ALA A 254 -14.00 5.38 -16.42
N THR A 255 -13.15 6.23 -16.98
CA THR A 255 -13.35 6.70 -18.35
C THR A 255 -12.21 6.18 -19.22
N PRO A 256 -12.49 5.27 -20.15
CA PRO A 256 -11.43 4.80 -21.04
C PRO A 256 -11.26 5.76 -22.21
N ILE A 257 -10.01 6.04 -22.55
CA ILE A 257 -9.65 6.66 -23.83
C ILE A 257 -9.09 5.52 -24.68
N CYS A 258 -9.89 5.01 -25.62
CA CYS A 258 -9.56 3.80 -26.38
C CYS A 258 -8.74 4.17 -27.61
N VAL A 259 -7.63 3.48 -27.83
CA VAL A 259 -6.84 3.65 -29.05
C VAL A 259 -7.01 2.41 -29.93
N VAL A 260 -7.34 2.64 -31.20
CA VAL A 260 -7.50 1.59 -32.19
C VAL A 260 -6.88 2.08 -33.50
N SER A 261 -6.95 1.25 -34.54
CA SER A 261 -6.36 1.67 -35.82
C SER A 261 -7.31 1.52 -36.99
N SER A 262 -8.63 1.48 -36.75
CA SER A 262 -9.57 1.44 -37.86
C SER A 262 -10.92 1.94 -37.38
N PRO A 263 -11.74 2.51 -38.28
CA PRO A 263 -13.09 2.91 -37.87
C PRO A 263 -13.95 1.73 -37.45
N ARG A 264 -13.75 0.56 -38.07
CA ARG A 264 -14.48 -0.64 -37.67
C ARG A 264 -14.25 -0.95 -36.20
N LYS A 265 -13.00 -0.88 -35.75
CA LYS A 265 -12.71 -1.13 -34.34
C LYS A 265 -13.26 -0.03 -33.46
N ALA A 266 -13.23 1.22 -33.94
CA ALA A 266 -13.84 2.30 -33.17
C ALA A 266 -15.31 2.02 -32.93
N ASP A 267 -16.02 1.52 -33.95
CA ASP A 267 -17.43 1.17 -33.79
C ASP A 267 -17.63 0.14 -32.69
N ILE A 268 -16.72 -0.84 -32.59
CA ILE A 268 -16.84 -1.85 -31.55
C ILE A 268 -16.67 -1.20 -30.17
N CYS A 269 -15.65 -0.36 -30.02
CA CYS A 269 -15.49 0.36 -28.75
C CYS A 269 -16.76 1.10 -28.36
N ARG A 270 -17.41 1.77 -29.32
CA ARG A 270 -18.68 2.45 -29.01
C ARG A 270 -19.74 1.44 -28.60
N ALA A 271 -19.77 0.28 -29.27
CA ALA A 271 -20.71 -0.76 -28.88
C ALA A 271 -20.44 -1.26 -27.46
N MET A 272 -19.19 -1.26 -27.02
CA MET A 272 -18.88 -1.63 -25.64
C MET A 272 -19.33 -0.57 -24.65
N GLY A 273 -19.58 0.66 -25.11
CA GLY A 273 -19.95 1.77 -24.25
C GLY A 273 -18.93 2.87 -24.12
N ALA A 274 -17.79 2.76 -24.80
CA ALA A 274 -16.79 3.81 -24.75
C ALA A 274 -17.19 4.96 -25.67
N GLU A 275 -16.78 6.15 -25.30
CA GLU A 275 -17.05 7.36 -26.10
C GLU A 275 -15.79 8.02 -26.62
N ALA A 276 -14.72 8.02 -25.84
CA ALA A 276 -13.45 8.65 -26.20
C ALA A 276 -12.61 7.63 -26.96
N ILE A 277 -12.54 7.76 -28.29
CA ILE A 277 -11.83 6.80 -29.13
C ILE A 277 -10.88 7.55 -30.05
N ILE A 278 -9.62 7.13 -30.06
CA ILE A 278 -8.58 7.69 -30.91
C ILE A 278 -8.14 6.62 -31.90
N ASP A 279 -8.20 6.96 -33.20
CA ASP A 279 -7.72 6.07 -34.26
C ASP A 279 -6.29 6.50 -34.59
N ARG A 280 -5.30 5.72 -34.13
CA ARG A 280 -3.91 6.11 -34.29
C ARG A 280 -3.48 6.14 -35.76
N SER A 281 -4.18 5.43 -36.63
N SER A 281 -4.18 5.43 -36.64
CA SER A 281 -3.86 5.49 -38.06
CA SER A 281 -3.85 5.49 -38.06
C SER A 281 -4.37 6.79 -38.67
C SER A 281 -4.38 6.78 -38.68
N ALA A 282 -5.63 7.13 -38.39
CA ALA A 282 -6.16 8.42 -38.84
C ALA A 282 -5.34 9.59 -38.31
N GLU A 283 -4.89 9.52 -37.05
CA GLU A 283 -4.11 10.63 -36.50
C GLU A 283 -2.69 10.65 -37.06
N GLY A 284 -2.16 9.51 -37.49
CA GLY A 284 -0.84 9.45 -38.07
C GLY A 284 0.31 9.70 -37.12
N TYR A 285 0.20 9.25 -35.87
CA TYR A 285 1.28 9.49 -34.91
C TYR A 285 2.56 8.83 -35.40
N ARG A 286 3.67 9.58 -35.31
CA ARG A 286 5.02 9.09 -35.61
C ARG A 286 5.87 9.41 -34.38
N PHE A 287 5.75 8.56 -33.36
CA PHE A 287 6.46 8.83 -32.11
C PHE A 287 7.97 8.75 -32.28
N TRP A 288 8.45 8.02 -33.28
CA TRP A 288 9.87 7.91 -33.54
C TRP A 288 10.21 8.66 -34.83
N LYS A 289 11.17 9.59 -34.73
CA LYS A 289 11.70 10.28 -35.91
C LYS A 289 12.50 9.33 -36.80
N ASP A 290 13.34 8.49 -36.18
CA ASP A 290 14.17 7.53 -36.88
C ASP A 290 14.36 6.35 -35.94
N GLU A 291 15.37 5.51 -36.21
N GLU A 291 15.38 5.53 -36.22
CA GLU A 291 15.50 4.29 -35.42
CA GLU A 291 15.59 4.30 -35.46
C GLU A 291 16.03 4.54 -34.02
C GLU A 291 15.98 4.56 -34.02
N HIS A 292 16.55 5.74 -33.73
CA HIS A 292 17.15 6.00 -32.42
C HIS A 292 16.57 7.18 -31.67
N HIS A 293 15.75 8.03 -32.29
CA HIS A 293 15.27 9.23 -31.64
C HIS A 293 13.76 9.34 -31.76
N GLN A 294 13.12 9.75 -30.67
CA GLN A 294 11.69 10.00 -30.65
C GLN A 294 11.40 11.47 -30.93
N ASP A 295 10.12 11.79 -31.07
CA ASP A 295 9.63 13.13 -31.43
C ASP A 295 8.70 13.61 -30.32
N PRO A 296 9.21 14.34 -29.34
CA PRO A 296 8.34 14.84 -28.27
C PRO A 296 7.18 15.69 -28.75
N ARG A 297 7.24 16.28 -29.95
CA ARG A 297 6.08 16.97 -30.48
C ARG A 297 4.92 16.00 -30.74
N GLU A 298 5.24 14.76 -31.09
CA GLU A 298 4.20 13.77 -31.33
C GLU A 298 3.64 13.22 -30.02
N TRP A 299 4.50 13.04 -29.00
CA TRP A 299 3.99 12.79 -27.65
C TRP A 299 2.95 13.84 -27.26
N LYS A 300 3.30 15.11 -27.45
CA LYS A 300 2.42 16.21 -27.05
C LYS A 300 1.14 16.22 -27.88
N ARG A 301 1.23 15.85 -29.16
CA ARG A 301 0.03 15.81 -29.98
C ARG A 301 -0.95 14.77 -29.47
N LEU A 302 -0.46 13.58 -29.11
CA LEU A 302 -1.31 12.60 -28.46
C LEU A 302 -1.91 13.17 -27.18
N GLY A 303 -1.07 13.75 -26.32
CA GLY A 303 -1.58 14.31 -25.07
C GLY A 303 -2.67 15.34 -25.28
N GLY A 304 -2.52 16.18 -26.31
CA GLY A 304 -3.55 17.17 -26.59
C GLY A 304 -4.85 16.54 -27.04
N LYS A 305 -4.77 15.46 -27.82
CA LYS A 305 -5.96 14.76 -28.28
C LYS A 305 -6.71 14.14 -27.11
N ILE A 306 -5.97 13.52 -26.19
CA ILE A 306 -6.58 12.98 -24.98
C ILE A 306 -7.33 14.06 -24.22
N ARG A 307 -6.67 15.21 -23.99
CA ARG A 307 -7.31 16.30 -23.26
C ARG A 307 -8.59 16.78 -23.93
N GLU A 308 -8.71 16.66 -25.25
CA GLU A 308 -9.96 17.01 -25.93
C GLU A 308 -11.12 16.18 -25.40
N PHE A 309 -10.86 14.91 -25.05
CA PHE A 309 -11.94 14.04 -24.60
C PHE A 309 -12.23 14.20 -23.12
N THR A 310 -11.22 14.57 -22.33
CA THR A 310 -11.33 14.59 -20.87
C THR A 310 -11.55 16.00 -20.32
N GLY A 311 -11.76 17.00 -21.17
CA GLY A 311 -11.87 18.35 -20.66
C GLY A 311 -10.59 18.86 -20.03
N GLY A 312 -9.44 18.55 -20.62
CA GLY A 312 -8.17 19.05 -20.15
C GLY A 312 -7.45 18.22 -19.11
N GLU A 313 -7.95 17.03 -18.78
CA GLU A 313 -7.31 16.17 -17.78
C GLU A 313 -6.38 15.16 -18.44
N ASP A 314 -5.24 14.88 -17.79
CA ASP A 314 -4.33 13.85 -18.25
C ASP A 314 -4.64 12.54 -17.53
N VAL A 315 -4.37 11.42 -18.19
CA VAL A 315 -4.85 10.13 -17.68
C VAL A 315 -4.15 9.76 -16.39
N ASP A 316 -4.92 9.14 -15.49
CA ASP A 316 -4.38 8.56 -14.26
C ASP A 316 -3.58 7.29 -14.52
N ILE A 317 -3.97 6.51 -15.53
CA ILE A 317 -3.36 5.20 -15.80
C ILE A 317 -3.19 5.07 -17.30
N VAL A 318 -2.04 4.53 -17.74
CA VAL A 318 -1.86 4.06 -19.11
C VAL A 318 -1.77 2.54 -19.08
N PHE A 319 -2.63 1.89 -19.86
CA PHE A 319 -2.63 0.44 -20.02
C PHE A 319 -1.72 0.13 -21.21
N GLU A 320 -0.46 -0.19 -20.93
CA GLU A 320 0.55 -0.40 -21.97
C GLU A 320 0.69 -1.87 -22.33
N HIS A 321 1.21 -2.09 -23.55
CA HIS A 321 1.58 -3.40 -24.07
C HIS A 321 2.18 -3.27 -25.47
N PRO A 322 1.92 -2.20 -26.23
CA PRO A 322 2.61 -2.08 -27.53
C PRO A 322 4.12 -1.90 -27.42
N GLY A 323 4.64 -1.34 -26.34
CA GLY A 323 6.08 -1.34 -26.13
C GLY A 323 6.80 -0.17 -26.79
N ARG A 324 7.91 -0.47 -27.47
N ARG A 324 7.92 -0.47 -27.45
CA ARG A 324 8.86 0.55 -27.89
CA ARG A 324 8.86 0.58 -27.87
C ARG A 324 8.19 1.71 -28.62
C ARG A 324 8.17 1.72 -28.61
N GLU A 325 7.30 1.41 -29.56
CA GLU A 325 6.75 2.48 -30.41
C GLU A 325 6.01 3.54 -29.59
N THR A 326 5.21 3.10 -28.61
CA THR A 326 4.28 3.97 -27.87
C THR A 326 4.79 4.36 -26.49
N PHE A 327 5.83 3.70 -25.98
CA PHE A 327 6.09 3.78 -24.53
C PHE A 327 6.60 5.16 -24.11
N GLY A 328 7.38 5.83 -24.95
CA GLY A 328 7.79 7.19 -24.60
C GLY A 328 6.61 8.13 -24.47
N ALA A 329 5.64 8.00 -25.38
CA ALA A 329 4.43 8.82 -25.31
C ALA A 329 3.62 8.48 -24.07
N SER A 330 3.48 7.18 -23.77
CA SER A 330 2.71 6.76 -22.59
C SER A 330 3.25 7.42 -21.33
N VAL A 331 4.58 7.42 -21.16
CA VAL A 331 5.16 8.03 -19.97
C VAL A 331 4.90 9.55 -19.97
N TYR A 332 5.04 10.19 -21.13
CA TYR A 332 4.84 11.65 -21.21
C TYR A 332 3.42 12.06 -20.85
N VAL A 333 2.42 11.38 -21.40
CA VAL A 333 1.05 11.89 -21.30
C VAL A 333 0.42 11.60 -19.94
N THR A 334 1.01 10.72 -19.15
CA THR A 334 0.43 10.37 -17.87
C THR A 334 0.41 11.58 -16.92
N ARG A 335 -0.66 11.69 -16.14
CA ARG A 335 -0.81 12.72 -15.12
C ARG A 335 0.31 12.67 -14.08
N LYS A 336 0.61 13.82 -13.48
CA LYS A 336 1.50 13.86 -12.32
C LYS A 336 1.00 12.87 -11.26
N GLY A 337 1.90 12.01 -10.78
CA GLY A 337 1.56 10.98 -9.81
C GLY A 337 0.93 9.73 -10.40
N GLY A 338 0.80 9.63 -11.73
CA GLY A 338 0.05 8.56 -12.34
C GLY A 338 0.88 7.32 -12.58
N THR A 339 0.26 6.31 -13.20
CA THR A 339 0.87 4.99 -13.35
C THR A 339 0.82 4.52 -14.80
N ILE A 340 1.94 4.04 -15.31
CA ILE A 340 2.00 3.30 -16.57
C ILE A 340 2.20 1.84 -16.19
N VAL A 341 1.22 0.99 -16.50
N VAL A 341 1.20 1.01 -16.47
CA VAL A 341 1.30 -0.43 -16.19
CA VAL A 341 1.28 -0.43 -16.23
C VAL A 341 1.50 -1.19 -17.50
C VAL A 341 1.58 -1.11 -17.56
N THR A 342 2.54 -2.04 -17.55
CA THR A 342 2.96 -2.71 -18.78
C THR A 342 3.10 -4.21 -18.57
N CYS A 343 2.57 -4.99 -19.52
CA CYS A 343 2.70 -6.45 -19.51
C CYS A 343 3.29 -7.01 -20.80
N ALA A 344 3.84 -6.16 -21.67
CA ALA A 344 4.23 -6.65 -22.99
C ALA A 344 4.99 -5.57 -23.74
N SER A 345 5.60 -5.96 -24.86
CA SER A 345 6.33 -5.05 -25.75
C SER A 345 6.19 -5.57 -27.18
N THR A 346 4.97 -5.54 -27.71
CA THR A 346 4.68 -6.11 -29.03
C THR A 346 5.60 -5.54 -30.11
N SER A 347 5.80 -4.22 -30.11
CA SER A 347 6.56 -3.54 -31.15
C SER A 347 8.06 -3.51 -30.89
N GLY A 348 8.52 -4.11 -29.79
CA GLY A 348 9.94 -4.10 -29.44
C GLY A 348 10.15 -3.86 -27.95
N TYR A 349 11.05 -4.66 -27.33
CA TYR A 349 11.17 -4.62 -25.88
C TYR A 349 12.24 -3.65 -25.38
N MET A 350 13.02 -3.02 -26.26
CA MET A 350 14.00 -2.03 -25.80
C MET A 350 13.29 -0.68 -25.69
N HIS A 351 12.73 -0.43 -24.51
CA HIS A 351 11.98 0.79 -24.26
C HIS A 351 12.91 1.98 -24.08
N GLN A 352 12.50 3.14 -24.60
CA GLN A 352 13.19 4.40 -24.39
C GLN A 352 12.20 5.44 -23.86
N TYR A 353 12.56 6.16 -22.80
CA TYR A 353 11.64 7.18 -22.29
C TYR A 353 12.44 8.29 -21.61
N ASP A 354 11.81 9.44 -21.46
CA ASP A 354 12.44 10.61 -20.84
C ASP A 354 12.16 10.57 -19.35
N ASN A 355 13.21 10.28 -18.57
CA ASN A 355 13.03 10.08 -17.12
C ASN A 355 12.71 11.38 -16.38
N ARG A 356 12.96 12.54 -16.98
CA ARG A 356 12.52 13.79 -16.34
C ARG A 356 11.01 13.78 -16.09
N TYR A 357 10.24 13.26 -17.05
CA TYR A 357 8.79 13.22 -16.85
C TYR A 357 8.41 12.22 -15.77
N LEU A 358 9.17 11.14 -15.63
CA LEU A 358 8.83 10.15 -14.61
C LEU A 358 9.21 10.62 -13.21
N TRP A 359 10.45 11.09 -13.02
CA TRP A 359 10.86 11.40 -11.64
C TRP A 359 10.32 12.75 -11.20
N MET A 360 10.38 13.79 -12.03
N MET A 360 10.42 13.78 -12.03
CA MET A 360 9.94 15.11 -11.58
CA MET A 360 9.94 15.10 -11.65
C MET A 360 8.43 15.20 -11.43
C MET A 360 8.45 15.07 -11.31
N SER A 361 7.68 14.28 -12.06
CA SER A 361 6.24 14.21 -11.89
C SER A 361 5.82 13.00 -11.06
N LEU A 362 6.77 12.34 -10.39
CA LEU A 362 6.47 11.27 -9.43
C LEU A 362 5.53 10.21 -10.02
N LYS A 363 5.78 9.84 -11.27
CA LYS A 363 5.07 8.74 -11.92
C LYS A 363 5.75 7.41 -11.65
N ARG A 364 5.05 6.31 -11.96
CA ARG A 364 5.65 4.99 -11.83
C ARG A 364 5.30 4.13 -13.03
N ILE A 365 6.22 3.22 -13.36
CA ILE A 365 6.04 2.20 -14.39
C ILE A 365 5.96 0.87 -13.64
N VAL A 366 4.80 0.21 -13.69
CA VAL A 366 4.58 -1.04 -12.97
C VAL A 366 4.60 -2.19 -13.96
N GLY A 367 5.56 -3.09 -13.80
CA GLY A 367 5.59 -4.31 -14.60
C GLY A 367 4.56 -5.31 -14.08
N SER A 368 3.74 -5.84 -14.98
CA SER A 368 2.70 -6.78 -14.63
C SER A 368 2.82 -8.02 -15.51
N HIS A 369 2.52 -9.18 -14.94
CA HIS A 369 2.62 -10.43 -15.69
C HIS A 369 1.50 -11.34 -15.22
N PHE A 370 0.76 -11.89 -16.18
CA PHE A 370 -0.42 -12.71 -16.00
C PHE A 370 -1.19 -12.40 -14.71
N ALA A 371 -1.37 -13.37 -13.82
CA ALA A 371 -2.26 -13.26 -12.66
C ALA A 371 -2.06 -14.48 -11.76
N ASN A 372 -2.16 -14.27 -10.44
CA ASN A 372 -2.20 -15.41 -9.54
C ASN A 372 -3.60 -16.03 -9.55
N TYR A 373 -3.73 -17.19 -8.89
CA TYR A 373 -5.00 -17.93 -8.93
C TYR A 373 -6.16 -17.09 -8.42
N ARG A 374 -5.94 -16.26 -7.40
CA ARG A 374 -7.02 -15.47 -6.84
C ARG A 374 -7.50 -14.43 -7.84
N GLU A 375 -6.56 -13.74 -8.50
CA GLU A 375 -6.95 -12.79 -9.55
C GLU A 375 -7.63 -13.49 -10.72
N ALA A 376 -7.12 -14.65 -11.15
CA ALA A 376 -7.77 -15.38 -12.24
C ALA A 376 -9.18 -15.82 -11.82
N PHE A 377 -9.34 -16.24 -10.56
CA PHE A 377 -10.68 -16.58 -10.08
C PHE A 377 -11.61 -15.39 -10.13
N GLU A 378 -11.12 -14.23 -9.70
CA GLU A 378 -11.97 -13.04 -9.66
C GLU A 378 -12.37 -12.61 -11.07
N ALA A 379 -11.44 -12.71 -12.01
CA ALA A 379 -11.74 -12.33 -13.40
C ALA A 379 -12.77 -13.28 -14.02
N ASN A 380 -12.62 -14.59 -13.80
CA ASN A 380 -13.61 -15.55 -14.30
C ASN A 380 -14.94 -15.41 -13.57
N ARG A 381 -14.91 -15.07 -12.29
CA ARG A 381 -16.14 -14.82 -11.54
C ARG A 381 -16.97 -13.70 -12.17
N LEU A 382 -16.30 -12.66 -12.65
CA LEU A 382 -17.04 -11.54 -13.25
C LEU A 382 -17.63 -11.94 -14.60
N VAL A 383 -16.99 -12.85 -15.34
CA VAL A 383 -17.60 -13.41 -16.54
C VAL A 383 -18.82 -14.25 -16.17
N ALA A 384 -18.66 -15.13 -15.17
CA ALA A 384 -19.76 -15.99 -14.74
C ALA A 384 -20.95 -15.18 -14.25
N LYS A 385 -20.72 -14.03 -13.64
CA LYS A 385 -21.80 -13.17 -13.17
C LYS A 385 -22.42 -12.32 -14.28
N GLY A 386 -21.92 -12.41 -15.51
CA GLY A 386 -22.45 -11.59 -16.59
C GLY A 386 -22.07 -10.14 -16.52
N LYS A 387 -20.97 -9.82 -15.84
CA LYS A 387 -20.48 -8.45 -15.72
C LYS A 387 -19.34 -8.17 -16.68
N ILE A 388 -18.64 -9.20 -17.13
CA ILE A 388 -17.62 -9.12 -18.18
C ILE A 388 -18.00 -10.14 -19.25
N HIS A 389 -17.86 -9.77 -20.53
CA HIS A 389 -18.35 -10.64 -21.59
C HIS A 389 -17.23 -11.11 -22.51
N PRO A 390 -17.37 -12.31 -23.08
CA PRO A 390 -16.40 -12.78 -24.08
C PRO A 390 -16.44 -11.92 -25.33
N THR A 391 -15.33 -11.95 -26.08
CA THR A 391 -15.07 -11.01 -27.16
C THR A 391 -14.64 -11.76 -28.43
N LEU A 392 -15.30 -12.89 -28.69
CA LEU A 392 -14.97 -13.71 -29.85
C LEU A 392 -15.38 -13.01 -31.15
N SER A 393 -14.45 -12.93 -32.11
CA SER A 393 -14.80 -12.40 -33.43
C SER A 393 -14.92 -13.48 -34.50
N LYS A 394 -14.12 -14.53 -34.41
CA LYS A 394 -14.03 -15.56 -35.44
C LYS A 394 -13.54 -16.85 -34.79
N VAL A 395 -13.98 -17.98 -35.32
CA VAL A 395 -13.62 -19.30 -34.81
C VAL A 395 -13.12 -20.16 -35.96
N TYR A 396 -11.98 -20.81 -35.75
CA TYR A 396 -11.37 -21.73 -36.70
C TYR A 396 -11.40 -23.16 -36.15
N ALA A 397 -11.39 -24.13 -37.05
CA ALA A 397 -11.18 -25.51 -36.65
C ALA A 397 -9.73 -25.72 -36.24
N LEU A 398 -9.50 -26.77 -35.44
CA LEU A 398 -8.15 -27.05 -34.97
C LEU A 398 -7.13 -27.12 -36.10
N GLU A 399 -7.52 -27.74 -37.23
CA GLU A 399 -6.59 -27.91 -38.34
C GLU A 399 -6.17 -26.58 -38.95
N GLU A 400 -6.91 -25.50 -38.70
CA GLU A 400 -6.61 -24.18 -39.27
C GLU A 400 -5.99 -23.23 -38.25
N THR A 401 -5.44 -23.75 -37.16
CA THR A 401 -4.78 -22.90 -36.16
C THR A 401 -3.69 -22.05 -36.79
N GLY A 402 -3.02 -22.55 -37.84
CA GLY A 402 -1.99 -21.76 -38.49
C GLY A 402 -2.52 -20.44 -39.04
N GLN A 403 -3.71 -20.47 -39.65
CA GLN A 403 -4.27 -19.23 -40.19
C GLN A 403 -4.79 -18.33 -39.08
N ALA A 404 -5.37 -18.94 -38.03
CA ALA A 404 -5.77 -18.17 -36.87
C ALA A 404 -4.60 -17.39 -36.30
N ALA A 405 -3.42 -18.02 -36.22
CA ALA A 405 -2.26 -17.31 -35.68
C ALA A 405 -1.77 -16.25 -36.64
N LEU A 406 -1.81 -16.54 -37.95
CA LEU A 406 -1.42 -15.53 -38.93
C LEU A 406 -2.31 -14.29 -38.84
N ASP A 407 -3.62 -14.48 -38.65
CA ASP A 407 -4.52 -13.36 -38.44
C ASP A 407 -3.98 -12.40 -37.38
N VAL A 408 -3.60 -12.95 -36.22
CA VAL A 408 -3.15 -12.10 -35.12
C VAL A 408 -1.77 -11.52 -35.41
N HIS A 409 -0.87 -12.36 -35.93
CA HIS A 409 0.49 -11.94 -36.34
C HIS A 409 0.45 -10.68 -37.18
N HIS A 410 -0.51 -10.59 -38.10
CA HIS A 410 -0.61 -9.47 -39.02
C HIS A 410 -1.65 -8.45 -38.58
N ASN A 411 -2.18 -8.57 -37.37
CA ASN A 411 -3.10 -7.57 -36.81
C ASN A 411 -4.34 -7.39 -37.69
N LYS A 412 -4.84 -8.50 -38.24
CA LYS A 412 -6.01 -8.48 -39.12
C LYS A 412 -7.30 -8.81 -38.38
N HIS A 413 -7.24 -9.07 -37.07
CA HIS A 413 -8.35 -9.55 -36.28
C HIS A 413 -8.91 -8.43 -35.40
N GLN A 414 -9.99 -8.75 -34.69
CA GLN A 414 -10.45 -7.94 -33.57
C GLN A 414 -10.82 -8.88 -32.43
N GLY A 415 -10.76 -8.37 -31.20
CA GLY A 415 -11.14 -9.21 -30.06
C GLY A 415 -10.32 -10.48 -29.99
N LYS A 416 -11.01 -11.60 -29.74
CA LYS A 416 -10.37 -12.91 -29.60
C LYS A 416 -10.70 -13.80 -30.80
N VAL A 417 -9.69 -14.53 -31.27
CA VAL A 417 -9.86 -15.55 -32.31
C VAL A 417 -9.87 -16.91 -31.62
N GLY A 418 -10.98 -17.64 -31.76
CA GLY A 418 -11.13 -18.91 -31.09
C GLY A 418 -10.80 -20.10 -31.98
N VAL A 419 -10.58 -21.24 -31.35
CA VAL A 419 -10.23 -22.49 -32.04
C VAL A 419 -11.05 -23.63 -31.44
N LEU A 420 -11.79 -24.35 -32.28
CA LEU A 420 -12.46 -25.57 -31.82
C LEU A 420 -11.46 -26.71 -31.73
N CYS A 421 -11.55 -27.49 -30.66
CA CYS A 421 -10.66 -28.62 -30.47
C CYS A 421 -11.49 -29.88 -30.67
N LEU A 422 -12.07 -30.46 -29.61
CA LEU A 422 -12.99 -31.58 -29.80
C LEU A 422 -14.36 -31.14 -30.29
N ALA A 423 -14.79 -29.93 -29.96
CA ALA A 423 -16.13 -29.49 -30.32
C ALA A 423 -16.32 -29.59 -31.82
N PRO A 424 -17.33 -30.34 -32.30
CA PRO A 424 -17.47 -30.52 -33.76
C PRO A 424 -18.03 -29.31 -34.49
N ARG A 425 -18.59 -28.34 -33.78
CA ARG A 425 -19.09 -27.12 -34.40
C ARG A 425 -19.25 -26.07 -33.32
N GLU A 426 -19.53 -24.84 -33.75
CA GLU A 426 -19.82 -23.73 -32.84
C GLU A 426 -21.22 -23.89 -32.25
N GLY A 427 -21.45 -23.20 -31.13
CA GLY A 427 -22.78 -23.08 -30.55
C GLY A 427 -23.13 -24.08 -29.48
N LEU A 428 -22.23 -24.98 -29.11
CA LEU A 428 -22.52 -26.01 -28.12
C LEU A 428 -22.03 -25.58 -26.73
N GLY A 429 -22.63 -26.19 -25.71
CA GLY A 429 -22.15 -26.08 -24.35
C GLY A 429 -22.90 -25.13 -23.43
N VAL A 430 -23.90 -24.40 -23.92
CA VAL A 430 -24.67 -23.52 -23.05
C VAL A 430 -25.60 -24.35 -22.17
N THR A 431 -25.54 -24.13 -20.85
CA THR A 431 -26.51 -24.74 -19.94
C THR A 431 -27.24 -23.71 -19.07
N ASP A 432 -27.04 -22.41 -19.31
CA ASP A 432 -27.83 -21.35 -18.67
C ASP A 432 -28.37 -20.43 -19.77
N PRO A 433 -29.44 -20.86 -20.45
CA PRO A 433 -29.95 -20.07 -21.58
C PRO A 433 -30.61 -18.76 -21.16
N GLU A 434 -31.16 -18.69 -19.95
CA GLU A 434 -31.80 -17.44 -19.52
C GLU A 434 -30.77 -16.34 -19.30
N LEU A 435 -29.66 -16.66 -18.65
CA LEU A 435 -28.61 -15.65 -18.48
C LEU A 435 -27.98 -15.31 -19.82
N ARG A 436 -27.81 -16.30 -20.70
CA ARG A 436 -27.27 -16.01 -22.02
C ARG A 436 -28.13 -14.99 -22.76
N SER A 437 -29.46 -15.20 -22.78
N SER A 437 -29.44 -15.23 -22.80
CA SER A 437 -30.31 -14.29 -23.53
CA SER A 437 -30.31 -14.37 -23.61
C SER A 437 -30.24 -12.87 -22.98
C SER A 437 -30.28 -12.92 -23.14
N LYS A 438 -30.02 -12.72 -21.68
N LYS A 438 -30.14 -12.71 -21.83
CA LYS A 438 -29.95 -11.40 -21.08
CA LYS A 438 -30.02 -11.35 -21.31
C LYS A 438 -28.75 -10.60 -21.61
C LYS A 438 -28.84 -10.63 -21.96
N HIS A 439 -27.69 -11.29 -22.03
CA HIS A 439 -26.45 -10.63 -22.43
C HIS A 439 -26.03 -10.90 -23.87
N LEU A 440 -26.88 -11.57 -24.66
CA LEU A 440 -26.44 -12.07 -25.96
C LEU A 440 -25.93 -10.96 -26.87
N THR A 441 -26.58 -9.79 -26.83
CA THR A 441 -26.18 -8.71 -27.71
C THR A 441 -24.75 -8.26 -27.40
N LYS A 442 -24.41 -8.14 -26.12
CA LYS A 442 -23.03 -7.79 -25.76
C LYS A 442 -22.08 -8.95 -26.06
N ILE A 443 -22.51 -10.17 -25.77
CA ILE A 443 -21.67 -11.33 -26.06
C ILE A 443 -21.22 -11.37 -27.52
N ASN A 444 -22.07 -10.90 -28.44
CA ASN A 444 -21.76 -11.00 -29.86
C ASN A 444 -21.17 -9.71 -30.44
N ALA A 445 -20.77 -8.75 -29.58
CA ALA A 445 -20.39 -7.43 -30.07
C ALA A 445 -19.18 -7.47 -31.00
N PHE A 446 -18.30 -8.47 -30.87
CA PHE A 446 -17.09 -8.54 -31.68
C PHE A 446 -17.23 -9.43 -32.91
N ARG A 447 -18.37 -10.10 -33.08
CA ARG A 447 -18.50 -11.08 -34.15
C ARG A 447 -18.46 -10.42 -35.52
N ASN A 448 -17.70 -11.03 -36.43
CA ASN A 448 -17.63 -10.56 -37.82
C ASN A 448 -19.02 -10.40 -38.43
N GLU B 1 -35.15 42.46 6.41
N GLU B 1 -35.41 42.54 7.28
CA GLU B 1 -34.15 41.69 5.67
CA GLU B 1 -34.33 41.93 6.52
C GLU B 1 -32.76 42.32 5.84
C GLU B 1 -33.00 42.66 6.74
N GLY B 2 -32.73 43.65 5.89
CA GLY B 2 -31.49 44.40 5.95
C GLY B 2 -31.07 44.88 4.58
N ARG B 3 -30.80 46.19 4.41
CA ARG B 3 -30.59 46.73 3.07
C ARG B 3 -29.34 46.15 2.41
N HIS B 4 -28.23 46.09 3.14
CA HIS B 4 -27.01 45.62 2.50
C HIS B 4 -27.10 44.14 2.16
N MET B 5 -27.68 43.34 3.06
CA MET B 5 -27.90 41.92 2.76
C MET B 5 -28.83 41.75 1.57
N GLN B 6 -29.91 42.54 1.50
CA GLN B 6 -30.82 42.44 0.37
C GLN B 6 -30.11 42.76 -0.94
N GLU B 7 -29.23 43.76 -0.94
CA GLU B 7 -28.50 44.11 -2.15
C GLU B 7 -27.59 42.97 -2.61
N ILE B 8 -27.00 42.24 -1.67
CA ILE B 8 -26.17 41.08 -2.03
C ILE B 8 -27.04 40.02 -2.68
N LEU B 9 -28.18 39.71 -2.07
CA LEU B 9 -29.07 38.70 -2.66
C LEU B 9 -29.55 39.12 -4.04
N ASP B 10 -29.93 40.41 -4.20
CA ASP B 10 -30.35 40.87 -5.51
C ASP B 10 -29.26 40.68 -6.55
N ALA B 11 -28.00 40.97 -6.19
CA ALA B 11 -26.90 40.74 -7.11
C ALA B 11 -26.84 39.28 -7.54
N ILE B 12 -26.88 38.36 -6.58
CA ILE B 12 -26.85 36.94 -6.91
C ILE B 12 -28.01 36.59 -7.84
N LEU B 13 -29.23 36.98 -7.47
CA LEU B 13 -30.41 36.60 -8.25
C LEU B 13 -30.39 37.21 -9.64
N SER B 14 -29.78 38.38 -9.81
CA SER B 14 -29.75 39.01 -11.13
C SER B 14 -29.09 38.13 -12.16
N GLY B 15 -28.11 37.32 -11.75
CA GLY B 15 -27.47 36.36 -12.61
C GLY B 15 -26.32 36.89 -13.43
N ASP B 16 -26.14 38.21 -13.51
CA ASP B 16 -25.13 38.80 -14.37
C ASP B 16 -24.27 39.83 -13.62
N ALA B 17 -24.11 39.68 -12.31
CA ALA B 17 -23.18 40.51 -11.57
C ALA B 17 -21.76 40.05 -11.82
N ALA B 18 -20.83 41.00 -11.98
CA ALA B 18 -19.44 40.67 -12.22
C ALA B 18 -18.64 40.63 -10.93
N SER B 19 -17.43 40.07 -10.99
CA SER B 19 -16.58 40.00 -9.80
C SER B 19 -16.41 41.37 -9.17
N ALA B 20 -16.21 42.40 -9.99
CA ALA B 20 -16.05 43.76 -9.48
C ALA B 20 -17.32 44.28 -8.80
N ASP B 21 -18.49 43.81 -9.25
CA ASP B 21 -19.73 44.22 -8.59
C ASP B 21 -19.80 43.67 -7.17
N TYR B 22 -19.48 42.39 -6.99
CA TYR B 22 -19.44 41.82 -5.65
C TYR B 22 -18.39 42.52 -4.79
N ALA B 23 -17.22 42.82 -5.36
CA ALA B 23 -16.18 43.50 -4.61
C ALA B 23 -16.66 44.85 -4.08
N ALA B 24 -17.51 45.54 -4.86
CA ALA B 24 -18.01 46.88 -4.51
C ALA B 24 -19.21 46.87 -3.57
N LEU B 25 -19.85 45.73 -3.36
CA LEU B 25 -21.00 45.67 -2.47
C LEU B 25 -20.60 45.93 -1.02
N ALA B 26 -21.29 46.86 -0.37
CA ALA B 26 -21.09 47.09 1.05
C ALA B 26 -21.47 45.86 1.87
N LEU B 27 -20.65 45.55 2.87
CA LEU B 27 -20.93 44.41 3.72
C LEU B 27 -21.88 44.79 4.85
N PRO B 28 -22.87 43.96 5.15
CA PRO B 28 -23.74 44.23 6.30
C PRO B 28 -22.94 44.17 7.59
N GLU B 29 -23.46 44.82 8.62
CA GLU B 29 -22.81 44.74 9.91
C GLU B 29 -23.24 43.53 10.74
N SER B 30 -24.30 42.84 10.34
CA SER B 30 -24.72 41.62 11.02
C SER B 30 -25.33 40.67 10.00
N TYR B 31 -25.44 39.39 10.38
CA TYR B 31 -26.12 38.42 9.52
C TYR B 31 -26.90 37.43 10.38
N ARG B 32 -27.96 36.87 9.79
CA ARG B 32 -28.81 35.93 10.52
C ARG B 32 -28.16 34.56 10.52
N ALA B 33 -28.17 33.89 11.68
CA ALA B 33 -27.43 32.65 11.88
C ALA B 33 -28.15 31.74 12.87
N VAL B 34 -28.07 30.42 12.62
CA VAL B 34 -28.48 29.43 13.61
C VAL B 34 -27.34 29.22 14.60
N THR B 35 -27.63 29.38 15.90
CA THR B 35 -26.59 29.38 16.90
C THR B 35 -26.95 28.51 18.09
N LEU B 36 -25.90 28.11 18.82
CA LEU B 36 -26.02 27.64 20.19
C LEU B 36 -25.50 28.72 21.12
N HIS B 37 -26.00 28.70 22.36
CA HIS B 37 -25.61 29.64 23.39
C HIS B 37 -24.82 28.93 24.47
N LYS B 38 -23.65 29.48 24.82
CA LYS B 38 -22.75 28.86 25.79
C LYS B 38 -23.45 28.63 27.14
N GLY B 39 -24.29 29.58 27.57
CA GLY B 39 -24.96 29.44 28.86
C GLY B 39 -25.91 28.26 28.95
N GLU B 40 -26.24 27.63 27.84
CA GLU B 40 -27.25 26.57 27.84
C GLU B 40 -26.66 25.17 27.68
N GLU B 41 -25.32 25.02 27.72
CA GLU B 41 -24.72 23.73 27.35
C GLU B 41 -25.05 22.62 28.32
N ARG B 42 -25.52 22.93 29.53
N ARG B 42 -25.52 22.93 29.53
CA ARG B 42 -25.93 21.92 30.50
CA ARG B 42 -25.93 21.90 30.48
C ARG B 42 -27.44 21.73 30.54
C ARG B 42 -27.44 21.77 30.57
N MET B 43 -28.19 22.38 29.64
CA MET B 43 -29.65 22.39 29.73
C MET B 43 -30.28 20.99 29.62
N PHE B 44 -29.59 20.02 29.02
CA PHE B 44 -30.12 18.66 28.86
C PHE B 44 -29.52 17.67 29.86
N ASP B 45 -28.85 18.14 30.91
CA ASP B 45 -28.20 17.22 31.82
C ASP B 45 -29.22 16.29 32.46
N GLY B 46 -28.87 15.00 32.51
CA GLY B 46 -29.72 13.99 33.11
C GLY B 46 -30.78 13.40 32.21
N LEU B 47 -30.95 13.90 31.00
CA LEU B 47 -31.93 13.37 30.06
C LEU B 47 -31.34 12.28 29.19
N ALA B 48 -32.19 11.33 28.80
CA ALA B 48 -31.83 10.42 27.72
C ALA B 48 -31.68 11.21 26.42
N SER B 49 -30.72 10.78 25.60
N SER B 49 -30.74 10.77 25.58
N SER B 49 -30.75 10.77 25.58
CA SER B 49 -30.41 11.49 24.37
CA SER B 49 -30.41 11.49 24.37
CA SER B 49 -30.43 11.55 24.39
C SER B 49 -31.67 11.77 23.55
C SER B 49 -31.65 11.76 23.52
C SER B 49 -31.66 11.76 23.50
N ARG B 50 -32.52 10.75 23.37
CA ARG B 50 -33.68 10.90 22.50
C ARG B 50 -34.62 12.00 22.98
N ASP B 51 -34.67 12.26 24.28
CA ASP B 51 -35.55 13.29 24.81
C ASP B 51 -34.96 14.69 24.72
N LYS B 52 -33.72 14.84 24.26
CA LYS B 52 -33.13 16.16 24.06
C LYS B 52 -33.67 16.74 22.76
N ASP B 53 -34.15 17.97 22.81
CA ASP B 53 -34.92 18.54 21.71
C ASP B 53 -34.12 19.65 21.04
N PRO B 54 -33.58 19.44 19.82
CA PRO B 54 -32.82 20.50 19.14
C PRO B 54 -33.58 21.80 19.00
N ARG B 55 -34.92 21.74 19.01
CA ARG B 55 -35.69 22.97 18.86
C ARG B 55 -35.56 23.88 20.06
N LYS B 56 -35.16 23.35 21.22
CA LYS B 56 -34.97 24.15 22.41
C LYS B 56 -33.61 24.82 22.46
N SER B 57 -32.60 24.25 21.81
CA SER B 57 -31.23 24.74 21.94
C SER B 57 -30.76 25.57 20.76
N LEU B 58 -31.42 25.45 19.60
CA LEU B 58 -31.03 26.19 18.41
C LEU B 58 -31.76 27.52 18.37
N HIS B 59 -31.01 28.59 18.12
CA HIS B 59 -31.53 29.94 18.11
C HIS B 59 -31.29 30.59 16.76
N LEU B 60 -32.17 31.51 16.37
CA LEU B 60 -31.98 32.29 15.15
C LEU B 60 -31.60 33.69 15.58
N ASP B 61 -30.32 34.01 15.44
CA ASP B 61 -29.73 35.23 16.00
C ASP B 61 -29.17 36.12 14.91
N ASP B 62 -29.06 37.41 15.22
CA ASP B 62 -28.27 38.34 14.42
C ASP B 62 -26.87 38.40 15.03
N VAL B 63 -25.85 38.12 14.22
N VAL B 63 -25.85 38.12 14.22
CA VAL B 63 -24.50 38.08 14.77
CA VAL B 63 -24.48 38.03 14.71
C VAL B 63 -23.60 39.00 13.95
C VAL B 63 -23.58 38.98 13.93
N PRO B 64 -22.58 39.59 14.56
CA PRO B 64 -21.66 40.45 13.81
C PRO B 64 -20.81 39.66 12.84
N LEU B 65 -20.36 40.33 11.79
CA LEU B 65 -19.47 39.69 10.83
C LEU B 65 -18.10 39.50 11.46
N PRO B 66 -17.50 38.32 11.35
CA PRO B 66 -16.13 38.14 11.83
C PRO B 66 -15.14 38.84 10.91
N GLU B 67 -13.99 39.15 11.47
CA GLU B 67 -12.93 39.77 10.69
C GLU B 67 -12.32 38.76 9.74
N LEU B 68 -12.24 39.11 8.46
CA LEU B 68 -11.67 38.21 7.46
C LEU B 68 -10.15 38.14 7.63
N GLY B 69 -9.61 36.91 7.60
CA GLY B 69 -8.19 36.71 7.79
C GLY B 69 -7.50 36.15 6.57
N PRO B 70 -6.18 35.99 6.64
CA PRO B 70 -5.45 35.45 5.50
C PRO B 70 -5.91 34.04 5.15
N GLY B 71 -5.96 33.77 3.84
CA GLY B 71 -6.33 32.44 3.36
C GLY B 71 -7.79 32.11 3.50
N GLU B 72 -8.65 33.10 3.71
CA GLU B 72 -10.06 32.88 3.97
C GLU B 72 -10.94 33.58 2.94
N ALA B 73 -12.22 33.17 2.92
CA ALA B 73 -13.24 33.83 2.13
C ALA B 73 -14.47 34.06 2.98
N LEU B 74 -15.12 35.21 2.78
CA LEU B 74 -16.47 35.45 3.27
C LEU B 74 -17.42 35.06 2.15
N VAL B 75 -18.41 34.23 2.47
CA VAL B 75 -19.27 33.64 1.44
C VAL B 75 -20.71 33.99 1.76
N ALA B 76 -21.42 34.47 0.74
CA ALA B 76 -22.86 34.63 0.81
C ALA B 76 -23.50 33.26 0.59
N VAL B 77 -24.21 32.74 1.60
CA VAL B 77 -24.69 31.37 1.60
C VAL B 77 -26.12 31.33 1.06
N MET B 78 -26.32 30.62 -0.07
CA MET B 78 -27.67 30.46 -0.59
C MET B 78 -28.41 29.30 0.07
N ALA B 79 -27.69 28.25 0.47
CA ALA B 79 -28.32 27.09 1.09
C ALA B 79 -27.26 26.28 1.81
N SER B 80 -27.73 25.46 2.76
CA SER B 80 -26.87 24.59 3.54
C SER B 80 -27.61 23.26 3.71
N SER B 81 -27.19 22.42 4.66
CA SER B 81 -27.95 21.22 4.95
C SER B 81 -27.82 20.89 6.43
N VAL B 82 -28.74 20.05 6.92
CA VAL B 82 -28.56 19.44 8.23
C VAL B 82 -27.62 18.27 8.09
N ASN B 83 -26.66 18.16 9.01
CA ASN B 83 -25.84 16.96 9.14
C ASN B 83 -26.05 16.42 10.53
N TYR B 84 -25.61 15.18 10.76
CA TYR B 84 -25.72 14.64 12.10
C TYR B 84 -24.88 15.45 13.10
N ASN B 85 -23.76 16.01 12.64
CA ASN B 85 -22.99 16.81 13.54
C ASN B 85 -23.78 18.02 14.02
N THR B 86 -24.66 18.50 13.17
CA THR B 86 -25.58 19.55 13.61
C THR B 86 -26.44 19.07 14.77
N VAL B 87 -26.91 17.81 14.69
CA VAL B 87 -27.69 17.21 15.76
C VAL B 87 -26.84 17.02 17.02
N TRP B 88 -25.66 16.40 16.87
CA TRP B 88 -24.75 16.25 18.00
C TRP B 88 -24.51 17.58 18.71
N SER B 89 -24.24 18.63 17.92
CA SER B 89 -23.98 19.96 18.50
C SER B 89 -25.16 20.42 19.32
N SER B 90 -26.36 20.31 18.75
CA SER B 90 -27.57 20.86 19.36
C SER B 90 -27.97 20.12 20.63
N ILE B 91 -27.52 18.88 20.83
CA ILE B 91 -27.78 18.18 22.09
C ILE B 91 -26.55 18.11 22.96
N PHE B 92 -25.48 18.82 22.58
CA PHE B 92 -24.26 18.90 23.38
C PHE B 92 -23.69 17.52 23.67
N GLU B 93 -23.73 16.62 22.66
CA GLU B 93 -23.19 15.27 22.77
C GLU B 93 -22.16 14.99 21.67
N PRO B 94 -21.14 14.17 21.96
CA PRO B 94 -20.82 13.60 23.28
C PRO B 94 -20.33 14.63 24.28
N VAL B 95 -19.88 15.78 23.77
CA VAL B 95 -19.43 16.90 24.60
C VAL B 95 -19.86 18.18 23.91
N SER B 96 -19.91 19.27 24.68
CA SER B 96 -20.32 20.55 24.15
C SER B 96 -19.29 21.07 23.14
N THR B 97 -19.77 21.62 22.02
CA THR B 97 -18.85 22.22 21.06
C THR B 97 -18.14 23.45 21.61
N PHE B 98 -18.65 24.07 22.68
CA PHE B 98 -17.93 25.23 23.18
C PHE B 98 -16.57 24.84 23.73
N GLY B 99 -16.42 23.59 24.18
CA GLY B 99 -15.10 23.09 24.52
C GLY B 99 -14.17 23.04 23.32
N PHE B 100 -14.70 22.67 22.15
CA PHE B 100 -13.88 22.69 20.93
C PHE B 100 -13.45 24.12 20.61
N LEU B 101 -14.38 25.08 20.67
CA LEU B 101 -14.08 26.46 20.32
C LEU B 101 -13.06 27.05 21.28
N GLU B 102 -13.17 26.71 22.57
CA GLU B 102 -12.23 27.22 23.56
C GLU B 102 -10.83 26.69 23.30
N ARG B 103 -10.70 25.38 23.05
CA ARG B 103 -9.38 24.83 22.76
C ARG B 103 -8.83 25.41 21.46
N TYR B 104 -9.69 25.58 20.46
CA TYR B 104 -9.23 26.12 19.18
C TYR B 104 -8.71 27.53 19.34
N GLY B 105 -9.43 28.36 20.11
CA GLY B 105 -9.07 29.75 20.31
C GLY B 105 -7.73 29.96 20.96
N ARG B 106 -7.12 28.91 21.54
CA ARG B 106 -5.84 29.09 22.20
C ARG B 106 -4.66 29.09 21.23
N LEU B 107 -4.86 28.68 19.98
CA LEU B 107 -3.73 28.55 19.06
C LEU B 107 -3.13 29.90 18.68
N SER B 108 -3.96 30.90 18.38
CA SER B 108 -3.42 32.17 17.91
C SER B 108 -4.52 33.22 18.03
N PRO B 109 -4.17 34.51 17.93
CA PRO B 109 -5.20 35.54 17.89
C PRO B 109 -6.19 35.34 16.75
N LEU B 110 -5.76 34.76 15.63
CA LEU B 110 -6.69 34.48 14.53
C LEU B 110 -7.69 33.38 14.91
N THR B 111 -7.21 32.25 15.45
CA THR B 111 -8.18 31.24 15.86
C THR B 111 -9.03 31.71 17.04
N ALA B 112 -8.53 32.65 17.84
CA ALA B 112 -9.31 33.17 18.96
C ALA B 112 -10.58 33.88 18.50
N ARG B 113 -10.67 34.30 17.23
CA ARG B 113 -11.92 34.86 16.72
C ARG B 113 -13.08 33.89 16.90
N HIS B 114 -12.79 32.58 16.96
CA HIS B 114 -13.83 31.56 17.02
C HIS B 114 -14.36 31.33 18.42
N ASP B 115 -13.64 31.79 19.45
CA ASP B 115 -13.99 31.53 20.84
C ASP B 115 -14.97 32.60 21.31
N LEU B 116 -16.26 32.35 21.08
CA LEU B 116 -17.35 33.28 21.32
C LEU B 116 -18.43 32.62 22.14
N PRO B 117 -19.28 33.41 22.81
CA PRO B 117 -20.36 32.81 23.61
C PRO B 117 -21.53 32.28 22.80
N TYR B 118 -21.48 32.38 21.47
CA TYR B 118 -22.43 31.72 20.59
C TYR B 118 -21.67 30.91 19.55
N HIS B 119 -22.31 29.88 19.01
CA HIS B 119 -21.69 29.00 18.01
C HIS B 119 -22.58 28.96 16.78
N VAL B 120 -22.12 29.56 15.69
CA VAL B 120 -22.84 29.47 14.42
C VAL B 120 -22.55 28.10 13.80
N LEU B 121 -23.59 27.28 13.65
CA LEU B 121 -23.40 25.90 13.20
C LEU B 121 -23.50 25.77 11.67
N GLY B 122 -23.19 24.57 11.18
CA GLY B 122 -23.44 24.26 9.75
C GLY B 122 -22.14 23.87 9.08
N SER B 123 -22.17 22.71 8.39
CA SER B 123 -20.96 22.14 7.81
C SER B 123 -21.09 21.88 6.31
N ASP B 124 -22.11 22.45 5.67
CA ASP B 124 -22.24 22.46 4.22
C ASP B 124 -22.58 23.89 3.78
N LEU B 125 -22.27 24.23 2.53
CA LEU B 125 -22.81 25.45 1.95
C LEU B 125 -22.73 25.37 0.43
N ALA B 126 -23.63 26.13 -0.20
CA ALA B 126 -23.54 26.50 -1.61
C ALA B 126 -23.85 27.99 -1.67
N GLY B 127 -23.03 28.74 -2.40
CA GLY B 127 -23.19 30.19 -2.42
C GLY B 127 -22.18 30.90 -3.31
N VAL B 128 -21.88 32.16 -2.98
CA VAL B 128 -21.07 33.02 -3.83
C VAL B 128 -20.03 33.74 -2.97
N VAL B 129 -18.77 33.69 -3.39
CA VAL B 129 -17.70 34.37 -2.67
C VAL B 129 -17.96 35.88 -2.69
N LEU B 130 -17.88 36.52 -1.53
CA LEU B 130 -17.94 37.98 -1.46
C LEU B 130 -16.57 38.65 -1.29
N ARG B 131 -15.66 38.04 -0.54
CA ARG B 131 -14.37 38.64 -0.23
C ARG B 131 -13.34 37.54 -0.01
N THR B 132 -12.09 37.82 -0.33
CA THR B 132 -11.02 36.89 -0.02
C THR B 132 -9.92 37.63 0.73
N GLY B 133 -9.24 36.90 1.62
CA GLY B 133 -8.19 37.45 2.43
C GLY B 133 -6.85 37.40 1.72
N ALA B 134 -5.82 37.79 2.46
CA ALA B 134 -4.47 37.83 1.92
C ALA B 134 -4.00 36.43 1.51
N GLY B 135 -3.23 36.37 0.43
CA GLY B 135 -2.63 35.13 -0.02
C GLY B 135 -3.52 34.23 -0.86
N VAL B 136 -4.73 34.67 -1.20
CA VAL B 136 -5.68 33.85 -1.93
C VAL B 136 -5.61 34.24 -3.41
N ASN B 137 -5.23 33.29 -4.26
CA ASN B 137 -5.21 33.58 -5.69
C ASN B 137 -6.09 32.68 -6.52
N ALA B 138 -6.57 31.56 -5.97
CA ALA B 138 -7.34 30.59 -6.75
C ALA B 138 -8.84 30.88 -6.75
N TRP B 139 -9.30 31.82 -5.93
CA TRP B 139 -10.72 32.10 -5.77
C TRP B 139 -10.91 33.60 -5.67
N LYS B 140 -12.06 34.08 -6.15
CA LYS B 140 -12.26 35.53 -6.23
C LYS B 140 -13.73 35.84 -5.99
N PRO B 141 -14.06 37.08 -5.63
CA PRO B 141 -15.46 37.46 -5.45
C PRO B 141 -16.28 37.13 -6.69
N GLY B 142 -17.48 36.60 -6.46
CA GLY B 142 -18.36 36.19 -7.52
C GLY B 142 -18.29 34.70 -7.87
N ASP B 143 -17.25 34.00 -7.47
CA ASP B 143 -17.17 32.57 -7.79
C ASP B 143 -18.30 31.81 -7.10
N GLU B 144 -18.99 30.94 -7.87
CA GLU B 144 -20.04 30.09 -7.31
C GLU B 144 -19.40 28.86 -6.69
N VAL B 145 -19.63 28.64 -5.40
CA VAL B 145 -18.84 27.66 -4.65
C VAL B 145 -19.74 26.72 -3.87
N VAL B 146 -19.25 25.50 -3.65
CA VAL B 146 -19.65 24.70 -2.51
C VAL B 146 -18.42 24.59 -1.61
N ALA B 147 -18.64 24.23 -0.35
CA ALA B 147 -17.53 24.11 0.60
C ALA B 147 -17.52 22.72 1.23
N HIS B 148 -16.35 22.09 1.25
CA HIS B 148 -16.19 20.97 2.17
C HIS B 148 -15.84 21.53 3.55
N CYS B 149 -15.92 20.68 4.57
CA CYS B 149 -15.83 21.15 5.94
C CYS B 149 -14.48 20.86 6.61
N LEU B 150 -13.44 20.52 5.85
CA LEU B 150 -12.14 20.30 6.46
C LEU B 150 -11.46 21.63 6.76
N SER B 151 -11.03 21.81 8.00
CA SER B 151 -10.24 22.99 8.39
C SER B 151 -8.87 22.49 8.82
N VAL B 152 -7.85 22.72 7.99
CA VAL B 152 -6.49 22.34 8.32
C VAL B 152 -5.59 23.56 8.24
N GLU B 153 -4.74 23.73 9.25
CA GLU B 153 -3.79 24.84 9.31
C GLU B 153 -2.51 24.54 8.56
N LEU B 154 -2.08 23.26 8.53
CA LEU B 154 -0.94 22.76 7.74
C LEU B 154 0.38 23.42 8.14
N GLU B 155 0.46 23.94 9.36
CA GLU B 155 1.73 24.41 9.90
C GLU B 155 2.59 23.24 10.37
N SER B 156 1.98 22.26 11.01
CA SER B 156 2.68 21.05 11.43
C SER B 156 3.08 20.23 10.20
N PRO B 157 4.22 19.52 10.27
CA PRO B 157 4.56 18.60 9.16
C PRO B 157 3.65 17.40 9.05
N ASP B 158 2.86 17.08 10.07
CA ASP B 158 2.16 15.79 10.09
C ASP B 158 1.18 15.65 8.92
N GLY B 159 0.58 16.75 8.48
CA GLY B 159 -0.42 16.72 7.45
C GLY B 159 0.07 16.82 6.02
N HIS B 160 1.39 16.79 5.78
CA HIS B 160 1.86 17.04 4.42
C HIS B 160 2.00 15.76 3.58
N ASN B 161 1.49 14.63 4.06
CA ASN B 161 1.39 13.42 3.26
C ASN B 161 -0.03 12.85 3.30
N ASP B 162 -1.02 13.74 3.45
CA ASP B 162 -2.44 13.45 3.70
C ASP B 162 -2.86 14.43 4.79
N THR B 163 -3.62 15.47 4.42
CA THR B 163 -3.86 16.55 5.37
C THR B 163 -4.75 16.14 6.53
N MET B 164 -5.48 15.02 6.43
CA MET B 164 -6.26 14.59 7.58
C MET B 164 -5.39 14.36 8.81
N MET B 165 -4.10 14.09 8.63
CA MET B 165 -3.23 13.81 9.76
C MET B 165 -2.70 15.07 10.46
N ASP B 166 -3.03 16.26 9.98
CA ASP B 166 -2.68 17.49 10.68
C ASP B 166 -3.17 17.40 12.13
N PRO B 167 -2.31 17.66 13.13
CA PRO B 167 -2.80 17.58 14.52
C PRO B 167 -3.89 18.60 14.83
N GLU B 168 -3.92 19.71 14.11
CA GLU B 168 -4.93 20.76 14.31
C GLU B 168 -6.07 20.66 13.30
N GLN B 169 -6.16 19.56 12.57
CA GLN B 169 -7.29 19.33 11.66
C GLN B 169 -8.60 19.39 12.43
N ARG B 170 -9.59 20.11 11.89
CA ARG B 170 -10.88 20.29 12.52
C ARG B 170 -11.99 20.21 11.49
N ILE B 171 -13.23 20.13 11.97
CA ILE B 171 -14.42 20.15 11.12
C ILE B 171 -15.07 21.53 11.23
N TRP B 172 -15.09 22.25 10.11
CA TRP B 172 -15.71 23.59 10.05
C TRP B 172 -17.18 23.54 10.47
N GLY B 173 -17.59 24.48 11.33
CA GLY B 173 -18.97 24.57 11.80
C GLY B 173 -19.31 23.64 12.94
N PHE B 174 -18.35 22.88 13.44
CA PHE B 174 -18.54 21.91 14.51
C PHE B 174 -17.45 22.09 15.56
N GLU B 175 -16.19 22.07 15.11
CA GLU B 175 -15.05 22.42 15.93
C GLU B 175 -14.54 23.82 15.62
N THR B 176 -15.15 24.52 14.65
CA THR B 176 -14.91 25.93 14.40
C THR B 176 -16.24 26.68 14.40
N ASN B 177 -16.15 28.00 14.45
CA ASN B 177 -17.32 28.86 14.40
C ASN B 177 -17.60 29.26 12.95
N PHE B 178 -18.63 30.10 12.76
CA PHE B 178 -18.99 30.71 11.47
C PHE B 178 -19.38 29.65 10.44
N GLY B 179 -20.27 28.74 10.86
CA GLY B 179 -20.74 27.67 10.00
C GLY B 179 -21.73 28.14 8.95
N GLY B 180 -22.20 27.17 8.16
CA GLY B 180 -22.99 27.42 6.97
C GLY B 180 -24.49 27.56 7.15
N LEU B 181 -25.02 27.30 8.34
CA LEU B 181 -26.46 27.49 8.59
C LEU B 181 -26.70 28.94 9.00
N ALA B 182 -26.52 29.82 8.01
CA ALA B 182 -26.51 31.26 8.23
C ALA B 182 -26.51 31.93 6.86
N GLN B 183 -26.75 33.25 6.85
CA GLN B 183 -26.75 33.97 5.58
C GLN B 183 -25.34 34.21 5.04
N LEU B 184 -24.34 34.22 5.91
CA LEU B 184 -22.94 34.38 5.52
C LEU B 184 -22.12 33.36 6.29
N ALA B 185 -20.96 33.01 5.73
CA ALA B 185 -20.07 32.05 6.38
C ALA B 185 -18.63 32.47 6.12
N LEU B 186 -17.75 32.11 7.04
CA LEU B 186 -16.31 32.32 6.89
C LEU B 186 -15.64 30.95 6.74
N VAL B 187 -14.88 30.75 5.66
CA VAL B 187 -14.18 29.49 5.43
C VAL B 187 -12.76 29.77 4.96
N LYS B 188 -11.90 28.75 5.11
CA LYS B 188 -10.62 28.77 4.41
C LYS B 188 -10.88 28.55 2.93
N THR B 189 -10.10 29.23 2.08
CA THR B 189 -10.34 29.07 0.66
C THR B 189 -9.93 27.69 0.19
N ASN B 190 -9.13 26.95 0.95
CA ASN B 190 -8.87 25.56 0.58
C ASN B 190 -9.99 24.63 1.04
N GLN B 191 -11.13 25.22 1.42
CA GLN B 191 -12.40 24.49 1.52
C GLN B 191 -13.26 24.62 0.28
N LEU B 192 -12.90 25.48 -0.68
CA LEU B 192 -13.81 25.84 -1.75
C LEU B 192 -13.70 24.89 -2.94
N LEU B 193 -14.83 24.60 -3.55
CA LEU B 193 -14.95 23.78 -4.75
C LEU B 193 -15.98 24.43 -5.69
N PRO B 194 -15.89 24.16 -6.98
CA PRO B 194 -16.82 24.79 -7.94
C PRO B 194 -18.23 24.21 -7.81
N LYS B 195 -19.23 25.08 -7.72
CA LYS B 195 -20.62 24.62 -7.63
C LYS B 195 -21.02 23.81 -8.88
N PRO B 196 -21.56 22.60 -8.71
CA PRO B 196 -22.13 21.88 -9.88
C PRO B 196 -23.24 22.70 -10.52
N LYS B 197 -23.06 23.01 -11.81
CA LYS B 197 -23.93 23.97 -12.50
C LYS B 197 -25.31 23.42 -12.79
N HIS B 198 -25.50 22.10 -12.82
CA HIS B 198 -26.80 21.53 -13.14
C HIS B 198 -27.70 21.39 -11.93
N LEU B 199 -27.24 21.80 -10.75
CA LEU B 199 -27.98 21.62 -9.50
C LEU B 199 -28.47 22.97 -8.98
N THR B 200 -29.61 22.93 -8.29
CA THR B 200 -30.09 24.10 -7.56
C THR B 200 -29.16 24.36 -6.37
N TRP B 201 -29.31 25.54 -5.76
CA TRP B 201 -28.50 25.88 -4.59
C TRP B 201 -28.63 24.81 -3.52
N GLU B 202 -29.86 24.43 -3.17
CA GLU B 202 -30.05 23.46 -2.09
C GLU B 202 -29.56 22.07 -2.49
N GLU B 203 -29.73 21.69 -3.75
CA GLU B 203 -29.17 20.42 -4.20
C GLU B 203 -27.64 20.45 -4.11
N ALA B 204 -27.03 21.55 -4.56
CA ALA B 204 -25.58 21.67 -4.57
C ALA B 204 -24.99 21.67 -3.16
N ALA B 205 -25.71 22.21 -2.18
CA ALA B 205 -25.25 22.21 -0.79
C ALA B 205 -25.39 20.85 -0.12
N SER B 206 -26.10 19.91 -0.73
N SER B 206 -26.09 19.90 -0.73
CA SER B 206 -26.48 18.70 -0.01
CA SER B 206 -26.48 18.71 0.04
C SER B 206 -25.34 17.69 0.13
C SER B 206 -25.42 17.61 0.10
N PRO B 207 -24.54 17.44 -0.93
CA PRO B 207 -23.60 16.30 -0.88
C PRO B 207 -22.32 16.51 -0.08
N GLY B 208 -21.85 17.75 0.04
CA GLY B 208 -20.48 18.03 0.44
C GLY B 208 -19.95 17.19 1.59
N LEU B 209 -20.61 17.26 2.75
CA LEU B 209 -20.08 16.56 3.90
C LEU B 209 -20.16 15.04 3.72
N VAL B 210 -21.38 14.51 3.52
CA VAL B 210 -21.51 13.05 3.54
C VAL B 210 -20.87 12.42 2.30
N ASN B 211 -20.94 13.09 1.15
CA ASN B 211 -20.36 12.53 -0.06
C ASN B 211 -18.84 12.46 0.04
N SER B 212 -18.23 13.50 0.59
CA SER B 212 -16.78 13.50 0.75
C SER B 212 -16.34 12.36 1.68
N THR B 213 -17.04 12.21 2.81
CA THR B 213 -16.68 11.15 3.76
C THR B 213 -16.86 9.78 3.13
N ALA B 214 -18.00 9.55 2.45
CA ALA B 214 -18.24 8.25 1.84
C ALA B 214 -17.18 7.93 0.78
N TYR B 215 -16.74 8.95 0.04
CA TYR B 215 -15.70 8.74 -0.97
C TYR B 215 -14.39 8.27 -0.34
N ARG B 216 -13.89 9.01 0.66
CA ARG B 216 -12.66 8.57 1.32
C ARG B 216 -12.85 7.20 1.96
N GLN B 217 -14.01 6.99 2.60
CA GLN B 217 -14.23 5.78 3.37
C GLN B 217 -14.31 4.54 2.48
N LEU B 218 -14.96 4.63 1.32
CA LEU B 218 -15.19 3.46 0.48
C LEU B 218 -14.32 3.40 -0.77
N VAL B 219 -14.14 4.52 -1.46
CA VAL B 219 -13.51 4.50 -2.78
C VAL B 219 -11.99 4.63 -2.66
N SER B 220 -11.50 5.52 -1.79
CA SER B 220 -10.09 5.91 -1.82
C SER B 220 -9.20 4.84 -1.18
N ARG B 221 -7.90 4.91 -1.51
CA ARG B 221 -6.95 3.98 -0.90
C ARG B 221 -6.69 4.29 0.56
N ASN B 222 -7.08 5.48 1.04
CA ASN B 222 -6.99 5.81 2.46
C ASN B 222 -8.13 5.20 3.27
N GLY B 223 -9.14 4.66 2.59
CA GLY B 223 -10.22 3.94 3.24
C GLY B 223 -10.22 2.48 2.83
N ALA B 224 -11.35 1.99 2.30
CA ALA B 224 -11.50 0.57 1.99
C ALA B 224 -10.99 0.17 0.61
N GLY B 225 -10.76 1.12 -0.29
CA GLY B 225 -10.22 0.78 -1.59
C GLY B 225 -11.08 -0.20 -2.38
N LEU B 226 -12.36 0.13 -2.55
CA LEU B 226 -13.31 -0.68 -3.30
C LEU B 226 -12.79 -1.06 -4.70
N LYS B 227 -13.13 -2.27 -5.15
CA LYS B 227 -12.92 -2.66 -6.54
C LYS B 227 -14.19 -3.32 -7.09
N GLN B 228 -14.35 -3.29 -8.41
CA GLN B 228 -15.51 -3.94 -9.00
C GLN B 228 -15.50 -5.43 -8.66
N GLY B 229 -16.69 -5.98 -8.46
CA GLY B 229 -16.83 -7.36 -8.00
C GLY B 229 -16.96 -7.52 -6.50
N ASP B 230 -16.51 -6.53 -5.71
CA ASP B 230 -16.63 -6.61 -4.25
C ASP B 230 -18.09 -6.69 -3.84
N ASN B 231 -18.33 -7.37 -2.72
CA ASN B 231 -19.61 -7.32 -2.00
C ASN B 231 -19.43 -6.37 -0.83
N VAL B 232 -20.36 -5.40 -0.66
CA VAL B 232 -20.23 -4.32 0.32
C VAL B 232 -21.51 -4.24 1.15
N LEU B 233 -21.39 -4.46 2.46
CA LEU B 233 -22.52 -4.27 3.38
C LEU B 233 -22.60 -2.79 3.74
N ILE B 234 -23.74 -2.15 3.46
CA ILE B 234 -23.89 -0.72 3.67
C ILE B 234 -24.99 -0.49 4.70
N TRP B 235 -24.61 -0.23 5.94
CA TRP B 235 -25.60 0.16 6.94
C TRP B 235 -26.21 1.52 6.59
N GLY B 236 -27.44 1.73 7.05
CA GLY B 236 -28.09 3.04 6.87
C GLY B 236 -28.09 3.52 5.43
N ALA B 237 -28.38 2.61 4.50
CA ALA B 237 -28.12 2.83 3.07
C ALA B 237 -28.94 3.95 2.45
N SER B 238 -30.03 4.37 3.08
N SER B 238 -30.04 4.35 3.09
N SER B 238 -30.03 4.36 3.10
CA SER B 238 -30.84 5.45 2.53
CA SER B 238 -30.88 5.43 2.59
CA SER B 238 -30.88 5.42 2.60
C SER B 238 -30.64 6.78 3.26
C SER B 238 -30.83 6.67 3.48
C SER B 238 -30.82 6.68 3.46
N GLY B 239 -29.78 6.82 4.29
CA GLY B 239 -29.52 8.05 5.02
C GLY B 239 -28.47 8.88 4.31
N GLY B 240 -27.90 9.85 5.05
CA GLY B 240 -26.94 10.76 4.44
C GLY B 240 -25.73 10.06 3.84
N LEU B 241 -24.91 9.41 4.67
CA LEU B 241 -23.73 8.69 4.17
C LEU B 241 -24.13 7.58 3.23
N GLY B 242 -25.14 6.79 3.61
CA GLY B 242 -25.48 5.63 2.81
C GLY B 242 -25.99 5.98 1.43
N SER B 243 -26.65 7.13 1.29
CA SER B 243 -27.17 7.53 -0.01
C SER B 243 -26.04 7.85 -0.99
N TYR B 244 -24.81 8.06 -0.51
CA TYR B 244 -23.66 8.17 -1.41
C TYR B 244 -22.84 6.88 -1.47
N ALA B 245 -22.70 6.18 -0.35
CA ALA B 245 -21.98 4.90 -0.39
C ALA B 245 -22.65 3.94 -1.36
N THR B 246 -23.98 3.89 -1.36
CA THR B 246 -24.68 3.00 -2.29
C THR B 246 -24.40 3.38 -3.73
N GLN B 247 -24.38 4.68 -4.04
CA GLN B 247 -24.06 5.09 -5.40
C GLN B 247 -22.63 4.72 -5.77
N TYR B 248 -21.69 4.86 -4.82
CA TYR B 248 -20.29 4.51 -5.11
C TYR B 248 -20.13 3.01 -5.33
N ALA B 249 -20.82 2.18 -4.53
CA ALA B 249 -20.75 0.75 -4.74
C ALA B 249 -21.24 0.39 -6.15
N LEU B 250 -22.39 0.94 -6.55
CA LEU B 250 -22.95 0.57 -7.85
C LEU B 250 -22.13 1.13 -9.01
N ALA B 251 -21.75 2.42 -8.94
CA ALA B 251 -21.00 3.01 -10.04
C ALA B 251 -19.59 2.43 -10.15
N GLY B 252 -19.04 1.89 -9.06
CA GLY B 252 -17.75 1.23 -9.05
C GLY B 252 -17.77 -0.22 -9.48
N GLY B 253 -18.93 -0.76 -9.83
CA GLY B 253 -19.02 -2.12 -10.30
C GLY B 253 -19.08 -3.15 -9.20
N ALA B 254 -19.35 -2.73 -7.96
CA ALA B 254 -19.48 -3.64 -6.84
C ALA B 254 -20.95 -3.90 -6.55
N THR B 255 -21.21 -4.79 -5.59
CA THR B 255 -22.56 -5.18 -5.22
C THR B 255 -22.85 -4.67 -3.82
N PRO B 256 -23.74 -3.69 -3.64
CA PRO B 256 -24.12 -3.29 -2.29
C PRO B 256 -25.18 -4.22 -1.72
N ILE B 257 -25.01 -4.57 -0.46
N ILE B 257 -25.02 -4.55 -0.44
CA ILE B 257 -26.08 -5.15 0.35
CA ILE B 257 -26.07 -5.14 0.37
C ILE B 257 -26.55 -4.02 1.26
C ILE B 257 -26.56 -4.03 1.28
N CYS B 258 -27.70 -3.42 0.93
CA CYS B 258 -28.17 -2.23 1.62
C CYS B 258 -29.01 -2.62 2.83
N VAL B 259 -28.74 -1.99 3.97
CA VAL B 259 -29.55 -2.16 5.17
C VAL B 259 -30.32 -0.86 5.42
N VAL B 260 -31.63 -0.99 5.63
CA VAL B 260 -32.55 0.11 5.91
C VAL B 260 -33.55 -0.39 6.94
N SER B 261 -34.42 0.50 7.41
CA SER B 261 -35.43 0.11 8.40
C SER B 261 -36.86 0.36 7.94
N SER B 262 -37.12 0.49 6.64
CA SER B 262 -38.50 0.65 6.20
C SER B 262 -38.63 0.23 4.75
N PRO B 263 -39.81 -0.21 4.32
CA PRO B 263 -40.00 -0.54 2.90
C PRO B 263 -39.90 0.67 1.98
N ARG B 264 -40.29 1.86 2.46
CA ARG B 264 -40.14 3.07 1.67
C ARG B 264 -38.67 3.33 1.34
N LYS B 265 -37.78 3.10 2.32
CA LYS B 265 -36.35 3.25 2.08
C LYS B 265 -35.83 2.14 1.17
N ALA B 266 -36.36 0.93 1.33
CA ALA B 266 -36.00 -0.15 0.41
C ALA B 266 -36.34 0.22 -1.02
N ASP B 267 -37.49 0.87 -1.25
CA ASP B 267 -37.88 1.28 -2.60
C ASP B 267 -36.88 2.29 -3.17
N ILE B 268 -36.37 3.18 -2.33
CA ILE B 268 -35.39 4.15 -2.82
C ILE B 268 -34.11 3.45 -3.24
N CYS B 269 -33.62 2.53 -2.40
CA CYS B 269 -32.44 1.75 -2.78
C CYS B 269 -32.64 1.06 -4.12
N ARG B 270 -33.82 0.47 -4.34
CA ARG B 270 -34.09 -0.14 -5.64
C ARG B 270 -34.09 0.91 -6.75
N ALA B 271 -34.61 2.10 -6.46
CA ALA B 271 -34.57 3.18 -7.45
C ALA B 271 -33.13 3.56 -7.79
N MET B 272 -32.23 3.50 -6.79
CA MET B 272 -30.81 3.77 -7.05
C MET B 272 -30.15 2.69 -7.89
N GLY B 273 -30.74 1.49 -7.97
CA GLY B 273 -30.19 0.39 -8.73
C GLY B 273 -29.74 -0.79 -7.90
N ALA B 274 -29.88 -0.71 -6.58
CA ALA B 274 -29.55 -1.83 -5.72
C ALA B 274 -30.64 -2.89 -5.81
N GLU B 275 -30.25 -4.13 -5.58
CA GLU B 275 -31.17 -5.27 -5.57
C GLU B 275 -31.19 -6.01 -4.25
N ALA B 276 -30.06 -6.07 -3.54
CA ALA B 276 -29.95 -6.80 -2.28
C ALA B 276 -30.22 -5.80 -1.16
N ILE B 277 -31.40 -5.89 -0.56
CA ILE B 277 -31.82 -4.93 0.46
C ILE B 277 -32.36 -5.70 1.66
N ILE B 278 -31.85 -5.37 2.84
CA ILE B 278 -32.25 -5.95 4.12
C ILE B 278 -32.95 -4.87 4.95
N ASP B 279 -34.17 -5.15 5.41
CA ASP B 279 -34.89 -4.27 6.33
C ASP B 279 -34.63 -4.78 7.74
N ARG B 280 -33.73 -4.10 8.46
CA ARG B 280 -33.35 -4.58 9.80
C ARG B 280 -34.53 -4.56 10.78
N SER B 281 -35.54 -3.73 10.54
N SER B 281 -35.55 -3.74 10.53
CA SER B 281 -36.71 -3.73 11.41
CA SER B 281 -36.70 -3.74 11.42
C SER B 281 -37.62 -4.91 11.10
C SER B 281 -37.63 -4.90 11.10
N ALA B 282 -37.82 -5.21 9.81
CA ALA B 282 -38.57 -6.40 9.45
C ALA B 282 -37.87 -7.66 9.96
N GLU B 283 -36.54 -7.72 9.84
CA GLU B 283 -35.83 -8.91 10.29
C GLU B 283 -35.78 -9.00 11.81
N GLY B 284 -35.89 -7.87 12.50
CA GLY B 284 -35.87 -7.85 13.95
C GLY B 284 -34.57 -8.28 14.60
N TYR B 285 -33.42 -7.89 14.03
CA TYR B 285 -32.16 -8.30 14.61
C TYR B 285 -32.03 -7.74 16.02
N ARG B 286 -31.54 -8.56 16.93
CA ARG B 286 -31.24 -8.14 18.31
C ARG B 286 -29.80 -8.57 18.60
N PHE B 287 -28.84 -7.77 18.13
CA PHE B 287 -27.44 -8.14 18.28
C PHE B 287 -26.98 -8.14 19.73
N TRP B 288 -27.66 -7.40 20.60
CA TRP B 288 -27.32 -7.35 22.01
C TRP B 288 -28.45 -8.01 22.79
N LYS B 289 -28.13 -9.03 23.59
CA LYS B 289 -29.20 -9.66 24.35
C LYS B 289 -29.46 -8.96 25.67
N ASP B 290 -28.50 -8.20 26.18
CA ASP B 290 -28.71 -7.30 27.30
C ASP B 290 -27.71 -6.16 27.20
N GLU B 291 -27.52 -5.43 28.30
CA GLU B 291 -26.72 -4.22 28.28
C GLU B 291 -25.24 -4.49 28.07
N HIS B 292 -24.78 -5.71 28.37
CA HIS B 292 -23.36 -6.01 28.37
C HIS B 292 -22.94 -7.17 27.49
N HIS B 293 -23.88 -7.94 26.93
CA HIS B 293 -23.53 -9.13 26.17
C HIS B 293 -24.25 -9.17 24.84
N GLN B 294 -23.53 -9.58 23.80
CA GLN B 294 -24.10 -9.70 22.47
C GLN B 294 -24.59 -11.13 22.24
N ASP B 295 -25.29 -11.31 21.13
CA ASP B 295 -25.85 -12.61 20.73
C ASP B 295 -25.24 -13.08 19.42
N PRO B 296 -24.20 -13.92 19.46
CA PRO B 296 -23.61 -14.43 18.20
C PRO B 296 -24.58 -15.13 17.28
N ARG B 297 -25.71 -15.65 17.79
CA ARG B 297 -26.68 -16.25 16.86
C ARG B 297 -27.30 -15.20 15.96
N GLU B 298 -27.44 -13.97 16.45
CA GLU B 298 -27.98 -12.89 15.63
C GLU B 298 -26.94 -12.36 14.64
N TRP B 299 -25.66 -12.34 15.04
CA TRP B 299 -24.60 -12.10 14.05
C TRP B 299 -24.74 -13.09 12.92
N LYS B 300 -24.85 -14.38 13.25
N LYS B 300 -24.85 -14.38 13.26
CA LYS B 300 -24.93 -15.41 12.23
CA LYS B 300 -24.93 -15.42 12.25
C LYS B 300 -26.19 -15.28 11.39
C LYS B 300 -26.18 -15.27 11.39
N ARG B 301 -27.31 -14.87 12.00
CA ARG B 301 -28.54 -14.71 11.23
C ARG B 301 -28.38 -13.63 10.18
N LEU B 302 -27.81 -12.48 10.57
CA LEU B 302 -27.50 -11.46 9.56
C LEU B 302 -26.58 -12.03 8.49
N GLY B 303 -25.54 -12.75 8.90
CA GLY B 303 -24.61 -13.32 7.93
C GLY B 303 -25.28 -14.27 6.97
N GLY B 304 -26.24 -15.07 7.44
CA GLY B 304 -26.95 -15.96 6.54
C GLY B 304 -27.82 -15.22 5.55
N LYS B 305 -28.41 -14.10 6.00
CA LYS B 305 -29.26 -13.29 5.13
C LYS B 305 -28.44 -12.65 4.02
N ILE B 306 -27.27 -12.11 4.36
CA ILE B 306 -26.36 -11.61 3.34
C ILE B 306 -26.06 -12.69 2.31
N ARG B 307 -25.74 -13.90 2.79
CA ARG B 307 -25.35 -14.98 1.88
C ARG B 307 -26.49 -15.38 0.94
N GLU B 308 -27.74 -15.15 1.35
CA GLU B 308 -28.85 -15.40 0.42
C GLU B 308 -28.75 -14.53 -0.81
N PHE B 309 -28.32 -13.28 -0.64
CA PHE B 309 -28.25 -12.35 -1.77
C PHE B 309 -26.99 -12.54 -2.62
N THR B 310 -25.91 -13.05 -2.03
CA THR B 310 -24.63 -13.10 -2.73
C THR B 310 -24.31 -14.49 -3.27
N GLY B 311 -25.19 -15.46 -3.08
CA GLY B 311 -24.88 -16.82 -3.47
C GLY B 311 -23.82 -17.46 -2.60
N GLY B 312 -23.85 -17.20 -1.30
CA GLY B 312 -22.94 -17.82 -0.36
C GLY B 312 -21.68 -17.05 -0.05
N GLU B 313 -21.52 -15.84 -0.57
CA GLU B 313 -20.31 -15.05 -0.35
C GLU B 313 -20.48 -14.08 0.82
N ASP B 314 -19.41 -13.92 1.60
CA ASP B 314 -19.37 -12.93 2.68
C ASP B 314 -18.75 -11.63 2.16
N VAL B 315 -19.14 -10.51 2.76
CA VAL B 315 -18.82 -9.21 2.16
C VAL B 315 -17.32 -8.92 2.29
N ASP B 316 -16.79 -8.30 1.25
CA ASP B 316 -15.40 -7.84 1.28
C ASP B 316 -15.21 -6.63 2.18
N ILE B 317 -16.23 -5.77 2.25
CA ILE B 317 -16.16 -4.51 2.98
C ILE B 317 -17.46 -4.33 3.74
N VAL B 318 -17.37 -3.86 4.98
CA VAL B 318 -18.52 -3.32 5.71
C VAL B 318 -18.33 -1.82 5.87
N PHE B 319 -19.34 -1.07 5.44
CA PHE B 319 -19.39 0.39 5.56
C PHE B 319 -20.13 0.69 6.86
N GLU B 320 -19.37 0.93 7.93
CA GLU B 320 -19.89 1.10 9.27
C GLU B 320 -20.07 2.57 9.64
N HIS B 321 -20.98 2.81 10.59
CA HIS B 321 -21.23 4.11 11.22
C HIS B 321 -22.29 4.00 12.33
N PRO B 322 -23.17 2.98 12.33
CA PRO B 322 -24.08 2.87 13.48
C PRO B 322 -23.40 2.59 14.81
N GLY B 323 -22.23 1.96 14.81
CA GLY B 323 -21.45 1.82 16.03
C GLY B 323 -21.85 0.62 16.88
N ARG B 324 -21.97 0.85 18.19
CA ARG B 324 -22.06 -0.24 19.17
C ARG B 324 -23.07 -1.31 18.79
N GLU B 325 -24.28 -0.89 18.39
CA GLU B 325 -25.35 -1.88 18.18
C GLU B 325 -24.97 -2.91 17.13
N THR B 326 -24.34 -2.46 16.03
CA THR B 326 -24.09 -3.30 14.86
C THR B 326 -22.65 -3.78 14.72
N PHE B 327 -21.71 -3.18 15.46
CA PHE B 327 -20.29 -3.36 15.14
C PHE B 327 -19.82 -4.78 15.37
N GLY B 328 -20.31 -5.44 16.42
CA GLY B 328 -19.95 -6.84 16.61
C GLY B 328 -20.36 -7.70 15.43
N ALA B 329 -21.58 -7.50 14.93
CA ALA B 329 -22.04 -8.23 13.75
C ALA B 329 -21.22 -7.89 12.52
N SER B 330 -20.90 -6.60 12.33
CA SER B 330 -20.10 -6.19 11.18
C SER B 330 -18.77 -6.94 11.14
N VAL B 331 -18.07 -7.02 12.28
CA VAL B 331 -16.80 -7.74 12.31
C VAL B 331 -17.00 -9.23 12.02
N TYR B 332 -18.05 -9.83 12.58
CA TYR B 332 -18.32 -11.26 12.35
C TYR B 332 -18.58 -11.56 10.88
N VAL B 333 -19.44 -10.78 10.22
CA VAL B 333 -19.91 -11.19 8.90
C VAL B 333 -18.89 -10.93 7.81
N THR B 334 -17.84 -10.18 8.09
CA THR B 334 -16.87 -9.83 7.06
C THR B 334 -16.11 -11.07 6.58
N ARG B 335 -15.84 -11.11 5.28
CA ARG B 335 -15.07 -12.19 4.69
C ARG B 335 -13.66 -12.25 5.26
N LYS B 336 -13.05 -13.44 5.21
CA LYS B 336 -11.65 -13.57 5.62
C LYS B 336 -10.80 -12.61 4.80
N GLY B 337 -9.96 -11.83 5.47
CA GLY B 337 -9.13 -10.84 4.79
C GLY B 337 -9.79 -9.51 4.53
N GLY B 338 -11.07 -9.35 4.90
CA GLY B 338 -11.83 -8.17 4.52
C GLY B 338 -11.69 -7.01 5.50
N THR B 339 -12.42 -5.94 5.22
CA THR B 339 -12.25 -4.66 5.90
C THR B 339 -13.56 -4.13 6.44
N ILE B 340 -13.55 -3.71 7.70
CA ILE B 340 -14.63 -2.92 8.28
C ILE B 340 -14.11 -1.49 8.37
N VAL B 341 -14.73 -0.57 7.64
CA VAL B 341 -14.31 0.82 7.67
C VAL B 341 -15.38 1.62 8.43
N THR B 342 -14.95 2.36 9.46
CA THR B 342 -15.88 3.05 10.35
C THR B 342 -15.53 4.52 10.49
N CYS B 343 -16.53 5.38 10.38
CA CYS B 343 -16.36 6.83 10.53
C CYS B 343 -17.25 7.41 11.63
N ALA B 344 -17.86 6.59 12.48
CA ALA B 344 -18.87 7.11 13.40
C ALA B 344 -19.39 5.99 14.29
N SER B 345 -20.17 6.37 15.31
CA SER B 345 -20.76 5.46 16.30
C SER B 345 -22.12 6.01 16.76
N THR B 346 -23.07 6.13 15.84
CA THR B 346 -24.35 6.79 16.15
C THR B 346 -24.99 6.21 17.40
N SER B 347 -25.02 4.88 17.51
CA SER B 347 -25.70 4.22 18.61
C SER B 347 -24.85 4.07 19.87
N GLY B 348 -23.63 4.58 19.89
CA GLY B 348 -22.76 4.41 21.03
C GLY B 348 -21.33 4.10 20.62
N TYR B 349 -20.37 4.83 21.18
CA TYR B 349 -18.98 4.72 20.74
C TYR B 349 -18.17 3.67 21.50
N MET B 350 -18.71 3.02 22.52
CA MET B 350 -17.97 1.94 23.19
C MET B 350 -18.25 0.64 22.44
N HIS B 351 -17.36 0.34 21.50
CA HIS B 351 -17.53 -0.83 20.64
C HIS B 351 -17.08 -2.09 21.37
N GLN B 352 -17.81 -3.19 21.12
CA GLN B 352 -17.43 -4.52 21.59
C GLN B 352 -17.42 -5.48 20.40
N TYR B 353 -16.35 -6.27 20.25
CA TYR B 353 -16.30 -7.23 19.17
C TYR B 353 -15.42 -8.41 19.59
N ASP B 354 -15.58 -9.52 18.87
CA ASP B 354 -14.86 -10.75 19.17
C ASP B 354 -13.59 -10.78 18.32
N ASN B 355 -12.45 -10.55 18.96
CA ASN B 355 -11.19 -10.43 18.24
C ASN B 355 -10.75 -11.73 17.59
N ARG B 356 -11.28 -12.89 18.02
CA ARG B 356 -10.96 -14.13 17.33
C ARG B 356 -11.31 -14.05 15.85
N TYR B 357 -12.45 -13.44 15.53
CA TYR B 357 -12.80 -13.30 14.12
C TYR B 357 -11.90 -12.31 13.41
N LEU B 358 -11.34 -11.36 14.13
CA LEU B 358 -10.49 -10.36 13.49
C LEU B 358 -9.08 -10.92 13.25
N TRP B 359 -8.43 -11.44 14.28
CA TRP B 359 -7.05 -11.86 14.04
C TRP B 359 -6.98 -13.19 13.30
N MET B 360 -7.81 -14.17 13.66
N MET B 360 -7.81 -14.17 13.66
CA MET B 360 -7.69 -15.48 13.00
CA MET B 360 -7.72 -15.48 13.03
C MET B 360 -8.11 -15.47 11.54
C MET B 360 -8.12 -15.47 11.56
N SER B 361 -8.93 -14.49 11.14
CA SER B 361 -9.33 -14.36 9.75
C SER B 361 -8.70 -13.14 9.09
N LEU B 362 -7.67 -12.54 9.69
CA LEU B 362 -6.84 -11.52 9.05
C LEU B 362 -7.66 -10.34 8.53
N LYS B 363 -8.67 -9.93 9.30
CA LYS B 363 -9.50 -8.79 8.96
C LYS B 363 -8.87 -7.52 9.52
N ARG B 364 -9.39 -6.36 9.11
CA ARG B 364 -8.93 -5.10 9.67
C ARG B 364 -10.09 -4.15 9.88
N ILE B 365 -9.97 -3.30 10.89
CA ILE B 365 -10.90 -2.22 11.15
C ILE B 365 -10.17 -0.93 10.84
N VAL B 366 -10.63 -0.19 9.83
CA VAL B 366 -9.98 1.04 9.41
C VAL B 366 -10.83 2.22 9.89
N GLY B 367 -10.24 3.05 10.75
CA GLY B 367 -10.88 4.30 11.16
C GLY B 367 -10.75 5.33 10.06
N SER B 368 -11.88 5.94 9.67
CA SER B 368 -11.91 6.93 8.61
C SER B 368 -12.59 8.20 9.12
N HIS B 369 -12.11 9.35 8.66
CA HIS B 369 -12.67 10.63 9.10
C HIS B 369 -12.62 11.61 7.93
N PHE B 370 -13.74 12.29 7.71
CA PHE B 370 -13.99 13.17 6.58
C PHE B 370 -13.14 12.85 5.35
N ALA B 371 -12.32 13.79 4.87
CA ALA B 371 -11.64 13.67 3.58
C ALA B 371 -10.65 14.82 3.45
N ASN B 372 -9.51 14.55 2.79
CA ASN B 372 -8.62 15.66 2.46
C ASN B 372 -9.11 16.37 1.20
N TYR B 373 -8.51 17.53 0.90
CA TYR B 373 -9.01 18.38 -0.19
C TYR B 373 -9.05 17.62 -1.50
N ARG B 374 -8.05 16.76 -1.75
CA ARG B 374 -8.03 16.01 -3.00
C ARG B 374 -9.22 15.04 -3.08
N GLU B 375 -9.48 14.32 -1.99
CA GLU B 375 -10.65 13.43 -1.96
C GLU B 375 -11.94 14.21 -2.08
N ALA B 376 -12.05 15.34 -1.38
CA ALA B 376 -13.24 16.17 -1.53
C ALA B 376 -13.38 16.65 -2.96
N PHE B 377 -12.26 17.05 -3.60
CA PHE B 377 -12.32 17.47 -4.99
C PHE B 377 -12.81 16.33 -5.89
N GLU B 378 -12.34 15.11 -5.63
CA GLU B 378 -12.72 13.99 -6.49
C GLU B 378 -14.20 13.65 -6.31
N ALA B 379 -14.72 13.73 -5.09
CA ALA B 379 -16.12 13.45 -4.85
C ALA B 379 -17.02 14.49 -5.52
N ASN B 380 -16.65 15.77 -5.41
CA ASN B 380 -17.43 16.83 -6.04
C ASN B 380 -17.31 16.77 -7.56
N ARG B 381 -16.12 16.38 -8.06
CA ARG B 381 -15.94 16.18 -9.49
C ARG B 381 -16.93 15.15 -10.04
N LEU B 382 -17.15 14.06 -9.30
CA LEU B 382 -18.10 13.06 -9.79
C LEU B 382 -19.53 13.57 -9.79
N VAL B 383 -19.89 14.44 -8.84
CA VAL B 383 -21.20 15.09 -8.90
C VAL B 383 -21.28 15.99 -10.12
N ALA B 384 -20.24 16.81 -10.32
CA ALA B 384 -20.23 17.74 -11.46
C ALA B 384 -20.34 17.00 -12.79
N LYS B 385 -19.81 15.78 -12.86
CA LYS B 385 -19.86 15.01 -14.10
C LYS B 385 -21.17 14.27 -14.28
N GLY B 386 -22.09 14.39 -13.33
CA GLY B 386 -23.34 13.66 -13.36
C GLY B 386 -23.19 12.18 -13.13
N LYS B 387 -22.11 11.74 -12.46
CA LYS B 387 -21.91 10.34 -12.13
C LYS B 387 -22.40 9.99 -10.74
N ILE B 388 -22.48 10.99 -9.86
CA ILE B 388 -23.03 10.86 -8.51
C ILE B 388 -24.07 11.97 -8.36
N HIS B 389 -25.20 11.64 -7.73
CA HIS B 389 -26.32 12.58 -7.74
C HIS B 389 -26.70 13.01 -6.32
N PRO B 390 -27.20 14.24 -6.17
CA PRO B 390 -27.68 14.68 -4.85
C PRO B 390 -28.90 13.87 -4.40
N THR B 391 -29.13 13.86 -3.09
CA THR B 391 -30.10 12.97 -2.46
C THR B 391 -31.06 13.74 -1.55
N LEU B 392 -31.48 14.93 -1.99
CA LEU B 392 -32.36 15.77 -1.17
C LEU B 392 -33.76 15.15 -1.07
N SER B 393 -34.29 15.07 0.14
CA SER B 393 -35.66 14.60 0.37
C SER B 393 -36.63 15.72 0.70
N LYS B 394 -36.17 16.72 1.45
CA LYS B 394 -37.03 17.76 2.00
C LYS B 394 -36.16 18.96 2.32
N VAL B 395 -36.72 20.16 2.14
CA VAL B 395 -35.99 21.41 2.34
C VAL B 395 -36.78 22.28 3.31
N TYR B 396 -36.09 22.82 4.31
CA TYR B 396 -36.66 23.73 5.29
C TYR B 396 -36.09 25.13 5.09
N ALA B 397 -36.84 26.13 5.54
CA ALA B 397 -36.27 27.47 5.60
C ALA B 397 -35.31 27.56 6.79
N LEU B 398 -34.41 28.55 6.74
CA LEU B 398 -33.42 28.71 7.79
C LEU B 398 -34.06 28.79 9.17
N GLU B 399 -35.18 29.53 9.28
CA GLU B 399 -35.87 29.66 10.56
C GLU B 399 -36.37 28.34 11.11
N GLU B 400 -36.48 27.30 10.29
CA GLU B 400 -37.00 26.00 10.71
C GLU B 400 -35.91 24.96 10.90
N THR B 401 -34.66 25.38 11.11
CA THR B 401 -33.56 24.43 11.25
C THR B 401 -33.74 23.51 12.46
N GLY B 402 -34.41 24.00 13.51
CA GLY B 402 -34.63 23.16 14.67
C GLY B 402 -35.45 21.92 14.34
N GLN B 403 -36.53 22.10 13.59
CA GLN B 403 -37.35 20.95 13.18
C GLN B 403 -36.57 20.06 12.22
N ALA B 404 -35.78 20.66 11.32
CA ALA B 404 -34.97 19.87 10.42
C ALA B 404 -34.00 18.98 11.20
N ALA B 405 -33.36 19.53 12.24
CA ALA B 405 -32.46 18.73 13.07
C ALA B 405 -33.21 17.67 13.85
N LEU B 406 -34.41 17.99 14.33
CA LEU B 406 -35.21 16.99 15.03
C LEU B 406 -35.55 15.82 14.12
N ASP B 407 -35.91 16.10 12.85
CA ASP B 407 -36.15 15.03 11.88
C ASP B 407 -35.02 14.00 11.91
N VAL B 408 -33.77 14.47 11.80
CA VAL B 408 -32.64 13.56 11.71
C VAL B 408 -32.37 12.90 13.06
N HIS B 409 -32.51 13.67 14.14
CA HIS B 409 -32.32 13.16 15.50
C HIS B 409 -33.19 11.94 15.77
N HIS B 410 -34.44 11.97 15.30
CA HIS B 410 -35.36 10.86 15.52
C HIS B 410 -35.47 9.91 14.33
N ASN B 411 -34.56 10.01 13.37
CA ASN B 411 -34.48 9.07 12.24
C ASN B 411 -35.78 9.05 11.43
N LYS B 412 -36.39 10.22 11.25
CA LYS B 412 -37.65 10.33 10.52
C LYS B 412 -37.46 10.67 9.05
N HIS B 413 -36.22 10.85 8.62
CA HIS B 413 -35.88 11.39 7.31
C HIS B 413 -35.33 10.27 6.40
N GLN B 414 -35.10 10.65 5.15
CA GLN B 414 -34.31 9.84 4.23
C GLN B 414 -33.37 10.76 3.45
N GLY B 415 -32.27 10.19 2.96
CA GLY B 415 -31.31 11.00 2.22
C GLY B 415 -30.85 12.22 3.01
N LYS B 416 -30.82 13.37 2.34
CA LYS B 416 -30.38 14.61 2.97
C LYS B 416 -31.56 15.55 3.20
N VAL B 417 -31.51 16.27 4.32
CA VAL B 417 -32.47 17.34 4.61
C VAL B 417 -31.78 18.67 4.37
N GLY B 418 -32.29 19.45 3.43
CA GLY B 418 -31.67 20.71 3.06
C GLY B 418 -32.27 21.92 3.78
N VAL B 419 -31.52 23.01 3.80
CA VAL B 419 -31.93 24.24 4.45
C VAL B 419 -31.63 25.42 3.53
N LEU B 420 -32.65 26.23 3.27
CA LEU B 420 -32.46 27.47 2.53
C LEU B 420 -31.89 28.52 3.46
N CYS B 421 -30.89 29.26 2.96
CA CYS B 421 -30.26 30.31 3.76
C CYS B 421 -30.68 31.62 3.14
N LEU B 422 -29.89 32.22 2.24
CA LEU B 422 -30.35 33.41 1.55
C LEU B 422 -31.33 33.11 0.42
N ALA B 423 -31.32 31.89 -0.14
CA ALA B 423 -32.21 31.59 -1.26
C ALA B 423 -33.66 31.79 -0.82
N PRO B 424 -34.47 32.58 -1.55
CA PRO B 424 -35.84 32.86 -1.10
C PRO B 424 -36.82 31.72 -1.35
N ARG B 425 -36.49 30.78 -2.23
CA ARG B 425 -37.34 29.64 -2.53
C ARG B 425 -36.46 28.55 -3.14
N GLU B 426 -37.02 27.36 -3.21
CA GLU B 426 -36.36 26.25 -3.89
C GLU B 426 -36.33 26.48 -5.40
N GLY B 427 -35.42 25.80 -6.07
CA GLY B 427 -35.44 25.72 -7.52
C GLY B 427 -34.50 26.66 -8.25
N LEU B 428 -33.78 27.54 -7.55
CA LEU B 428 -32.91 28.51 -8.18
C LEU B 428 -31.47 27.97 -8.28
N GLY B 429 -30.69 28.59 -9.18
CA GLY B 429 -29.26 28.34 -9.26
C GLY B 429 -28.79 27.45 -10.39
N VAL B 430 -29.70 26.84 -11.14
CA VAL B 430 -29.27 25.97 -12.24
C VAL B 430 -28.77 26.82 -13.39
N THR B 431 -27.54 26.55 -13.87
CA THR B 431 -27.04 27.19 -15.07
C THR B 431 -26.60 26.21 -16.14
N ASP B 432 -26.79 24.90 -15.94
CA ASP B 432 -26.59 23.87 -16.97
C ASP B 432 -27.90 23.09 -17.10
N PRO B 433 -28.89 23.63 -17.81
CA PRO B 433 -30.21 22.97 -17.84
C PRO B 433 -30.23 21.65 -18.61
N GLU B 434 -29.36 21.46 -19.59
CA GLU B 434 -29.41 20.23 -20.39
C GLU B 434 -28.82 19.06 -19.62
N LEU B 435 -27.73 19.29 -18.87
CA LEU B 435 -27.24 18.23 -17.99
C LEU B 435 -28.28 17.89 -16.92
N ARG B 436 -28.90 18.91 -16.32
CA ARG B 436 -29.96 18.64 -15.35
C ARG B 436 -31.05 17.77 -15.96
N SER B 437 -31.55 18.16 -17.14
CA SER B 437 -32.63 17.41 -17.78
C SER B 437 -32.22 15.95 -18.01
N LYS B 438 -30.96 15.73 -18.35
CA LYS B 438 -30.49 14.36 -18.56
C LYS B 438 -30.62 13.50 -17.30
N HIS B 439 -30.43 14.10 -16.13
CA HIS B 439 -30.34 13.30 -14.91
C HIS B 439 -31.50 13.56 -13.95
N LEU B 440 -32.57 14.21 -14.41
CA LEU B 440 -33.56 14.74 -13.47
C LEU B 440 -34.21 13.65 -12.63
N THR B 441 -34.51 12.49 -13.25
CA THR B 441 -35.18 11.43 -12.49
C THR B 441 -34.34 10.98 -11.30
N LYS B 442 -33.05 10.76 -11.53
CA LYS B 442 -32.18 10.34 -10.43
C LYS B 442 -31.99 11.47 -9.43
N ILE B 443 -31.83 12.71 -9.90
CA ILE B 443 -31.67 13.84 -8.98
C ILE B 443 -32.81 13.89 -7.97
N ASN B 444 -34.01 13.50 -8.38
CA ASN B 444 -35.20 13.61 -7.54
C ASN B 444 -35.59 12.30 -6.87
N ALA B 445 -34.70 11.30 -6.88
CA ALA B 445 -35.10 9.97 -6.40
C ALA B 445 -35.45 9.95 -4.92
N PHE B 446 -34.93 10.87 -4.12
CA PHE B 446 -35.20 10.88 -2.68
C PHE B 446 -36.33 11.82 -2.28
N ARG B 447 -36.91 12.55 -3.23
CA ARG B 447 -37.85 13.62 -2.89
C ARG B 447 -39.15 13.05 -2.34
N ASN B 448 -39.72 13.74 -1.36
CA ASN B 448 -41.06 13.37 -0.88
C ASN B 448 -42.09 13.53 -2.00
N GLY C 2 27.24 46.57 12.67
CA GLY C 2 25.92 47.07 13.03
C GLY C 2 25.55 46.69 14.46
N ARG C 3 25.12 47.69 15.24
CA ARG C 3 24.89 47.46 16.66
C ARG C 3 23.76 46.46 16.90
N HIS C 4 22.65 46.62 16.19
CA HIS C 4 21.51 45.75 16.40
C HIS C 4 21.82 44.31 15.99
N MET C 5 22.49 44.13 14.85
CA MET C 5 22.88 42.78 14.45
C MET C 5 23.85 42.17 15.47
N GLN C 6 24.77 42.98 15.99
CA GLN C 6 25.71 42.45 16.98
C GLN C 6 24.98 42.01 18.25
N GLU C 7 23.99 42.77 18.70
CA GLU C 7 23.25 42.40 19.90
C GLU C 7 22.53 41.07 19.72
N ILE C 8 21.99 40.84 18.52
CA ILE C 8 21.36 39.56 18.21
C ILE C 8 22.38 38.43 18.30
N LEU C 9 23.54 38.59 17.65
CA LEU C 9 24.57 37.56 17.73
C LEU C 9 25.02 37.33 19.17
N ASP C 10 25.20 38.40 19.94
CA ASP C 10 25.60 38.26 21.33
C ASP C 10 24.59 37.43 22.11
N ALA C 11 23.30 37.65 21.86
CA ALA C 11 22.26 36.88 22.53
C ALA C 11 22.39 35.40 22.21
N ILE C 12 22.58 35.07 20.93
CA ILE C 12 22.72 33.67 20.51
C ILE C 12 23.94 33.04 21.16
N LEU C 13 25.09 33.72 21.05
CA LEU C 13 26.33 33.15 21.58
C LEU C 13 26.26 32.96 23.09
N SER C 14 25.50 33.80 23.79
CA SER C 14 25.44 33.69 25.25
C SER C 14 24.86 32.34 25.68
N GLY C 15 24.04 31.73 24.83
CA GLY C 15 23.49 30.41 25.10
C GLY C 15 22.27 30.37 26.00
N ASP C 16 21.95 31.46 26.70
CA ASP C 16 20.86 31.42 27.67
C ASP C 16 19.87 32.56 27.50
N ALA C 17 19.71 33.09 26.28
CA ALA C 17 18.66 34.08 26.05
C ALA C 17 17.31 33.39 26.01
N ALA C 18 16.30 34.04 26.59
CA ALA C 18 14.94 33.51 26.60
C ALA C 18 14.17 34.04 25.40
N SER C 19 13.01 33.42 25.14
CA SER C 19 12.19 33.85 24.02
C SER C 19 11.85 35.33 24.13
N ALA C 20 11.49 35.79 25.33
CA ALA C 20 11.15 37.20 25.50
C ALA C 20 12.35 38.10 25.23
N ASP C 21 13.57 37.62 25.48
CA ASP C 21 14.76 38.40 25.15
C ASP C 21 14.87 38.63 23.64
N TYR C 22 14.64 37.58 22.85
CA TYR C 22 14.68 37.72 21.39
C TYR C 22 13.55 38.62 20.90
N ALA C 23 12.36 38.47 21.48
CA ALA C 23 11.25 39.33 21.09
C ALA C 23 11.56 40.80 21.32
N ALA C 24 12.34 41.11 22.35
CA ALA C 24 12.65 42.50 22.71
C ALA C 24 13.83 43.08 21.96
N LEU C 25 14.62 42.27 21.26
CA LEU C 25 15.79 42.80 20.55
C LEU C 25 15.33 43.63 19.35
N ALA C 26 15.88 44.84 19.24
CA ALA C 26 15.59 45.67 18.08
C ALA C 26 16.11 44.99 16.82
N LEU C 27 15.27 44.94 15.80
CA LEU C 27 15.71 44.40 14.52
C LEU C 27 16.67 45.38 13.84
N PRO C 28 17.69 44.87 13.14
CA PRO C 28 18.50 45.75 12.30
C PRO C 28 17.68 46.19 11.08
N GLU C 29 18.13 47.27 10.45
CA GLU C 29 17.44 47.77 9.27
C GLU C 29 18.09 47.34 7.97
N SER C 30 19.20 46.60 8.06
CA SER C 30 19.81 45.94 6.91
C SER C 30 20.47 44.66 7.40
N TYR C 31 20.78 43.77 6.47
CA TYR C 31 21.56 42.59 6.81
C TYR C 31 22.49 42.24 5.65
N ARG C 32 23.61 41.61 5.99
CA ARG C 32 24.60 41.22 4.99
C ARG C 32 24.15 39.93 4.31
N ALA C 33 24.25 39.88 2.98
CA ALA C 33 23.69 38.81 2.19
C ALA C 33 24.53 38.57 0.95
N VAL C 34 24.58 37.31 0.51
CA VAL C 34 25.20 36.94 -0.76
C VAL C 34 24.15 37.06 -1.85
N THR C 35 24.41 37.86 -2.87
CA THR C 35 23.40 38.19 -3.86
C THR C 35 23.93 38.06 -5.28
N LEU C 36 22.98 37.86 -6.20
CA LEU C 36 23.16 38.11 -7.61
C LEU C 36 22.54 39.46 -7.95
N HIS C 37 23.04 40.10 -9.00
CA HIS C 37 22.53 41.39 -9.47
C HIS C 37 21.88 41.21 -10.84
N LYS C 38 20.62 41.68 -10.96
CA LYS C 38 19.84 41.47 -12.18
C LYS C 38 20.59 41.91 -13.44
N GLY C 39 21.35 43.00 -13.34
CA GLY C 39 22.01 43.52 -14.55
C GLY C 39 23.16 42.68 -15.06
N GLU C 40 23.56 41.64 -14.34
CA GLU C 40 24.73 40.84 -14.71
C GLU C 40 24.38 39.47 -15.27
N GLU C 41 23.10 39.20 -15.54
CA GLU C 41 22.68 37.84 -15.86
C GLU C 41 23.25 37.32 -17.18
N ARG C 42 23.86 38.16 -18.00
CA ARG C 42 24.43 37.73 -19.27
C ARG C 42 25.96 37.70 -19.24
N MET C 43 26.58 37.96 -18.08
CA MET C 43 28.03 38.09 -18.01
C MET C 43 28.78 36.81 -18.36
N PHE C 44 28.11 35.67 -18.45
CA PHE C 44 28.78 34.40 -18.75
C PHE C 44 28.46 33.86 -20.14
N ASP C 45 27.73 34.60 -20.96
CA ASP C 45 27.31 34.07 -22.26
C ASP C 45 28.52 33.69 -23.10
N GLY C 46 28.40 32.55 -23.81
CA GLY C 46 29.45 32.04 -24.65
C GLY C 46 30.45 31.14 -23.97
N LEU C 47 30.53 31.17 -22.64
CA LEU C 47 31.46 30.34 -21.92
C LEU C 47 30.89 28.93 -21.70
N ALA C 48 31.77 27.95 -21.65
CA ALA C 48 31.38 26.63 -21.18
C ALA C 48 31.08 26.69 -19.69
N SER C 49 30.09 25.91 -19.25
CA SER C 49 29.67 25.98 -17.85
C SER C 49 30.86 25.89 -16.91
N ARG C 50 31.79 24.97 -17.19
CA ARG C 50 32.91 24.76 -16.28
C ARG C 50 33.75 26.02 -16.08
N ASP C 51 33.76 26.91 -17.06
CA ASP C 51 34.58 28.12 -16.96
C ASP C 51 33.83 29.32 -16.40
N LYS C 52 32.57 29.16 -16.03
CA LYS C 52 31.83 30.24 -15.36
C LYS C 52 32.21 30.27 -13.88
N ASP C 53 32.67 31.42 -13.40
CA ASP C 53 33.30 31.56 -12.10
C ASP C 53 32.34 32.22 -11.12
N PRO C 54 31.80 31.49 -10.13
CA PRO C 54 30.87 32.14 -9.18
C PRO C 54 31.49 33.29 -8.41
N ARG C 55 32.81 33.32 -8.25
CA ARG C 55 33.42 34.43 -7.54
C ARG C 55 33.21 35.76 -8.26
N LYS C 56 32.90 35.74 -9.55
CA LYS C 56 32.68 36.96 -10.30
C LYS C 56 31.25 37.46 -10.23
N SER C 57 30.27 36.56 -10.01
CA SER C 57 28.87 36.94 -10.03
C SER C 57 28.26 37.14 -8.65
N LEU C 58 28.88 36.63 -7.58
CA LEU C 58 28.30 36.71 -6.26
C LEU C 58 28.82 37.94 -5.52
N HIS C 59 27.90 38.70 -4.93
CA HIS C 59 28.21 39.95 -4.25
C HIS C 59 27.88 39.84 -2.76
N LEU C 60 28.66 40.53 -1.93
CA LEU C 60 28.37 40.65 -0.50
C LEU C 60 27.74 42.03 -0.27
N ASP C 61 26.42 42.06 -0.13
CA ASP C 61 25.65 43.29 -0.08
C ASP C 61 24.96 43.48 1.26
N ASP C 62 24.76 44.73 1.64
CA ASP C 62 23.81 45.09 2.68
C ASP C 62 22.44 45.28 2.04
N VAL C 63 21.44 44.57 2.53
CA VAL C 63 20.10 44.63 1.94
C VAL C 63 19.08 44.92 3.04
N PRO C 64 17.95 45.55 2.71
CA PRO C 64 16.91 45.80 3.71
C PRO C 64 16.16 44.55 4.09
N LEU C 65 15.54 44.57 5.30
CA LEU C 65 14.74 43.43 5.72
C LEU C 65 13.41 43.42 4.98
N PRO C 66 12.96 42.25 4.53
CA PRO C 66 11.64 42.15 3.91
C PRO C 66 10.54 42.25 4.96
N GLU C 67 9.33 42.51 4.49
CA GLU C 67 8.16 42.56 5.39
C GLU C 67 7.68 41.14 5.68
N LEU C 68 7.55 40.83 6.97
CA LEU C 68 7.12 39.51 7.41
C LEU C 68 5.62 39.32 7.19
N GLY C 69 5.25 38.24 6.51
CA GLY C 69 3.87 38.01 6.15
C GLY C 69 3.24 36.91 6.97
N PRO C 70 1.95 36.63 6.73
CA PRO C 70 1.29 35.53 7.43
C PRO C 70 2.02 34.20 7.23
N GLY C 71 2.13 33.42 8.32
CA GLY C 71 2.70 32.10 8.24
C GLY C 71 4.18 32.06 7.91
N GLU C 72 4.91 33.14 8.18
CA GLU C 72 6.33 33.25 7.88
C GLU C 72 7.11 33.51 9.16
N ALA C 73 8.43 33.32 9.07
CA ALA C 73 9.33 33.57 10.18
C ALA C 73 10.58 34.27 9.67
N LEU C 74 11.07 35.22 10.46
CA LEU C 74 12.38 35.84 10.24
C LEU C 74 13.40 35.12 11.10
N VAL C 75 14.46 34.61 10.46
CA VAL C 75 15.43 33.73 11.13
C VAL C 75 16.78 34.42 11.14
N ALA C 76 17.46 34.39 12.28
CA ALA C 76 18.85 34.80 12.37
C ALA C 76 19.72 33.59 12.01
N VAL C 77 20.46 33.70 10.91
CA VAL C 77 21.13 32.54 10.31
C VAL C 77 22.55 32.42 10.85
N MET C 78 22.83 31.31 11.54
CA MET C 78 24.19 31.04 12.00
C MET C 78 25.05 30.37 10.94
N ALA C 79 24.45 29.52 10.09
CA ALA C 79 25.20 28.80 9.06
C ALA C 79 24.27 28.40 7.93
N SER C 80 24.87 28.09 6.78
CA SER C 80 24.13 27.69 5.57
C SER C 80 24.99 26.68 4.80
N SER C 81 24.69 26.52 3.51
CA SER C 81 25.35 25.51 2.69
C SER C 81 25.43 26.02 1.26
N VAL C 82 26.29 25.39 0.47
CA VAL C 82 26.32 25.61 -0.98
C VAL C 82 26.13 24.26 -1.65
N ASN C 83 25.04 24.11 -2.39
N ASN C 83 25.06 24.11 -2.42
CA ASN C 83 24.69 22.90 -3.13
CA ASN C 83 24.81 22.89 -3.16
C ASN C 83 24.65 23.21 -4.62
C ASN C 83 24.66 23.21 -4.64
N TYR C 84 24.39 22.17 -5.43
CA TYR C 84 24.36 22.34 -6.88
C TYR C 84 23.35 23.39 -7.31
N ASN C 85 22.18 23.44 -6.65
CA ASN C 85 21.19 24.46 -6.96
C ASN C 85 21.79 25.86 -6.82
N THR C 86 22.49 26.11 -5.71
CA THR C 86 23.13 27.40 -5.48
C THR C 86 24.15 27.71 -6.57
N VAL C 87 24.97 26.71 -6.94
CA VAL C 87 25.97 26.93 -7.97
C VAL C 87 25.30 27.31 -9.30
N TRP C 88 24.29 26.53 -9.72
CA TRP C 88 23.64 26.83 -10.99
C TRP C 88 23.09 28.25 -11.01
N SER C 89 22.41 28.65 -9.92
CA SER C 89 21.92 30.02 -9.82
C SER C 89 23.04 31.01 -10.01
N SER C 90 24.18 30.77 -9.35
CA SER C 90 25.26 31.76 -9.38
C SER C 90 25.90 31.91 -10.76
N ILE C 91 25.67 30.97 -11.67
CA ILE C 91 26.14 31.10 -13.05
C ILE C 91 24.98 31.26 -14.02
N PHE C 92 23.78 31.57 -13.50
CA PHE C 92 22.59 31.87 -14.31
C PHE C 92 22.22 30.70 -15.20
N GLU C 93 22.39 29.48 -14.70
CA GLU C 93 22.00 28.28 -15.44
C GLU C 93 20.87 27.55 -14.70
N PRO C 94 19.94 26.93 -15.44
CA PRO C 94 19.85 26.90 -16.90
C PRO C 94 19.43 28.26 -17.48
N VAL C 95 18.71 29.05 -16.67
CA VAL C 95 18.39 30.44 -16.98
C VAL C 95 18.58 31.27 -15.72
N SER C 96 18.48 32.58 -15.89
CA SER C 96 18.56 33.51 -14.76
C SER C 96 17.40 33.28 -13.81
N THR C 97 17.69 33.22 -12.50
CA THR C 97 16.62 33.08 -11.52
C THR C 97 15.70 34.30 -11.48
N PHE C 98 16.15 35.45 -11.99
CA PHE C 98 15.33 36.66 -11.90
C PHE C 98 14.05 36.53 -12.74
N GLY C 99 14.08 35.69 -13.78
CA GLY C 99 12.90 35.52 -14.61
C GLY C 99 11.69 35.05 -13.82
N PHE C 100 11.86 33.98 -13.04
CA PHE C 100 10.75 33.49 -12.24
C PHE C 100 10.36 34.50 -11.16
N LEU C 101 11.34 35.06 -10.45
CA LEU C 101 11.02 36.03 -9.41
C LEU C 101 10.15 37.17 -9.96
N GLU C 102 10.39 37.57 -11.20
CA GLU C 102 9.61 38.66 -11.79
C GLU C 102 8.20 38.20 -12.14
N ARG C 103 8.09 37.10 -12.89
CA ARG C 103 6.77 36.59 -13.27
C ARG C 103 5.93 36.28 -12.03
N TYR C 104 6.49 35.50 -11.11
CA TYR C 104 5.72 35.16 -9.91
C TYR C 104 5.39 36.41 -9.11
N GLY C 105 6.28 37.42 -9.12
CA GLY C 105 6.02 38.66 -8.41
C GLY C 105 4.83 39.45 -8.93
N ARG C 106 4.27 39.07 -10.09
CA ARG C 106 3.08 39.75 -10.58
C ARG C 106 1.82 39.32 -9.84
N LEU C 107 1.85 38.16 -9.18
CA LEU C 107 0.65 37.59 -8.59
C LEU C 107 -0.01 38.54 -7.60
N SER C 108 0.74 39.06 -6.63
CA SER C 108 0.14 39.81 -5.55
C SER C 108 1.22 40.69 -4.93
N PRO C 109 0.82 41.60 -4.03
CA PRO C 109 1.84 42.37 -3.29
C PRO C 109 2.75 41.47 -2.47
N LEU C 110 2.27 40.30 -2.05
CA LEU C 110 3.09 39.42 -1.23
C LEU C 110 4.15 38.70 -2.07
N THR C 111 3.76 38.14 -3.22
CA THR C 111 4.76 37.51 -4.07
C THR C 111 5.71 38.54 -4.66
N ALA C 112 5.27 39.79 -4.79
CA ALA C 112 6.11 40.83 -5.36
C ALA C 112 7.24 41.24 -4.42
N ARG C 113 7.13 40.93 -3.12
CA ARG C 113 8.26 41.21 -2.23
C ARG C 113 9.55 40.59 -2.75
N HIS C 114 9.43 39.44 -3.43
CA HIS C 114 10.60 38.70 -3.90
C HIS C 114 11.20 39.27 -5.18
N ASP C 115 10.44 40.07 -5.93
CA ASP C 115 10.89 40.63 -7.21
C ASP C 115 11.75 41.86 -6.93
N LEU C 116 13.06 41.69 -6.95
CA LEU C 116 13.99 42.74 -6.59
C LEU C 116 15.16 42.74 -7.56
N PRO C 117 15.93 43.84 -7.61
CA PRO C 117 17.13 43.87 -8.47
C PRO C 117 18.29 43.02 -7.94
N TYR C 118 18.16 42.43 -6.75
CA TYR C 118 19.14 41.48 -6.25
C TYR C 118 18.43 40.23 -5.78
N HIS C 119 19.16 39.12 -5.75
CA HIS C 119 18.62 37.82 -5.35
C HIS C 119 19.52 37.24 -4.26
N VAL C 120 18.99 37.13 -3.04
CA VAL C 120 19.70 36.51 -1.93
C VAL C 120 19.55 34.99 -2.07
N LEU C 121 20.67 34.31 -2.30
CA LEU C 121 20.67 32.87 -2.56
C LEU C 121 20.78 32.07 -1.27
N GLY C 122 20.69 30.74 -1.41
CA GLY C 122 20.88 29.83 -0.29
C GLY C 122 19.62 29.06 0.04
N SER C 123 19.71 27.72 0.07
CA SER C 123 18.55 26.86 0.25
C SER C 123 18.68 25.99 1.50
N ASP C 124 19.60 26.33 2.38
CA ASP C 124 19.77 25.71 3.69
C ASP C 124 19.96 26.79 4.73
N LEU C 125 19.59 26.49 5.98
CA LEU C 125 19.97 27.36 7.09
C LEU C 125 19.97 26.55 8.37
N ALA C 126 20.72 27.06 9.33
CA ALA C 126 20.63 26.70 10.74
C ALA C 126 20.72 27.99 11.54
N GLY C 127 19.77 28.21 12.45
CA GLY C 127 19.74 29.49 13.14
C GLY C 127 18.65 29.56 14.17
N VAL C 128 18.24 30.79 14.49
CA VAL C 128 17.35 31.06 15.62
C VAL C 128 16.21 31.95 15.14
N VAL C 129 14.97 31.55 15.42
CA VAL C 129 13.81 32.35 15.05
C VAL C 129 13.84 33.68 15.78
N LEU C 130 13.65 34.77 15.03
CA LEU C 130 13.59 36.11 15.62
C LEU C 130 12.17 36.66 15.73
N ARG C 131 11.34 36.45 14.71
CA ARG C 131 9.98 36.96 14.65
C ARG C 131 9.13 35.97 13.87
N THR C 132 7.84 35.97 14.16
CA THR C 132 6.88 35.17 13.40
C THR C 132 5.72 36.06 12.96
N GLY C 133 5.18 35.77 11.78
CA GLY C 133 4.05 36.49 11.23
C GLY C 133 2.73 36.00 11.78
N ALA C 134 1.65 36.54 11.23
CA ALA C 134 0.31 36.28 11.74
C ALA C 134 -0.08 34.82 11.57
N GLY C 135 -0.82 34.30 12.56
CA GLY C 135 -1.34 32.94 12.53
C GLY C 135 -0.39 31.87 13.00
N VAL C 136 0.89 32.20 13.20
CA VAL C 136 1.88 31.19 13.55
C VAL C 136 1.65 30.70 14.96
N ASN C 137 1.64 29.38 15.13
CA ASN C 137 1.44 28.76 16.43
C ASN C 137 2.62 27.92 16.90
N ALA C 138 3.25 27.15 16.02
CA ALA C 138 4.17 26.11 16.44
C ALA C 138 5.60 26.61 16.69
N TRP C 139 5.89 27.88 16.42
CA TRP C 139 7.26 28.40 16.50
C TRP C 139 7.24 29.75 17.19
N LYS C 140 8.32 30.06 17.89
CA LYS C 140 8.39 31.31 18.64
C LYS C 140 9.84 31.81 18.65
N PRO C 141 10.04 33.09 18.93
CA PRO C 141 11.40 33.64 18.98
C PRO C 141 12.29 32.83 19.92
N GLY C 142 13.52 32.56 19.47
CA GLY C 142 14.46 31.78 20.23
C GLY C 142 14.56 30.32 19.81
N ASP C 143 13.56 29.80 19.09
CA ASP C 143 13.61 28.39 18.67
C ASP C 143 14.77 28.17 17.71
N GLU C 144 15.53 27.08 17.92
CA GLU C 144 16.65 26.73 17.05
C GLU C 144 16.14 25.86 15.91
N VAL C 145 16.44 26.28 14.68
CA VAL C 145 15.80 25.70 13.50
C VAL C 145 16.80 25.39 12.39
N VAL C 146 16.44 24.41 11.58
CA VAL C 146 16.96 24.23 10.22
C VAL C 146 15.76 24.34 9.29
N ALA C 147 15.97 24.27 7.98
CA ALA C 147 14.87 24.48 7.05
C ALA C 147 14.76 23.36 6.03
N HIS C 148 13.52 23.03 5.68
CA HIS C 148 13.21 22.29 4.45
C HIS C 148 13.01 23.33 3.36
N CYS C 149 13.63 23.13 2.19
CA CYS C 149 13.60 24.21 1.21
C CYS C 149 12.38 24.17 0.29
N LEU C 150 11.49 23.19 0.40
CA LEU C 150 10.35 23.15 -0.49
C LEU C 150 9.25 24.07 0.02
N SER C 151 8.77 24.96 -0.84
CA SER C 151 7.74 25.93 -0.52
C SER C 151 6.53 25.61 -1.38
N VAL C 152 5.37 25.37 -0.75
CA VAL C 152 4.14 25.09 -1.47
C VAL C 152 3.02 25.95 -0.90
N GLU C 153 2.17 26.48 -1.79
CA GLU C 153 1.02 27.24 -1.32
C GLU C 153 -0.22 26.37 -1.16
N LEU C 154 -0.31 25.27 -1.90
CA LEU C 154 -1.36 24.26 -1.67
C LEU C 154 -2.77 24.80 -1.91
N GLU C 155 -2.93 25.77 -2.82
CA GLU C 155 -4.28 26.19 -3.18
C GLU C 155 -4.98 25.15 -4.04
N SER C 156 -4.25 24.45 -4.90
CA SER C 156 -4.80 23.31 -5.63
C SER C 156 -5.07 22.15 -4.69
N PRO C 157 -6.13 21.37 -4.93
CA PRO C 157 -6.31 20.12 -4.16
C PRO C 157 -5.25 19.06 -4.45
N ASP C 158 -4.48 19.18 -5.53
CA ASP C 158 -3.66 18.05 -6.00
C ASP C 158 -2.72 17.52 -4.93
N GLY C 159 -2.12 18.40 -4.12
CA GLY C 159 -1.08 18.01 -3.19
C GLY C 159 -1.55 17.69 -1.80
N HIS C 160 -2.86 17.53 -1.58
CA HIS C 160 -3.36 17.36 -0.23
C HIS C 160 -3.38 15.90 0.22
N ASN C 161 -2.81 14.99 -0.57
CA ASN C 161 -2.54 13.63 -0.12
C ASN C 161 -1.05 13.29 -0.19
N ASP C 162 -0.19 14.29 -0.34
CA ASP C 162 1.25 14.19 -0.61
C ASP C 162 1.61 15.47 -1.35
N THR C 163 2.23 16.44 -0.66
CA THR C 163 2.42 17.76 -1.25
C THR C 163 3.38 17.74 -2.44
N MET C 164 4.13 16.67 -2.68
CA MET C 164 4.95 16.66 -3.89
C MET C 164 4.09 16.67 -5.15
N MET C 165 2.79 16.37 -5.05
CA MET C 165 1.90 16.48 -6.20
C MET C 165 1.40 17.90 -6.42
N ASP C 166 1.70 18.82 -5.52
CA ASP C 166 1.33 20.21 -5.76
C ASP C 166 1.92 20.66 -7.09
N PRO C 167 1.15 21.35 -7.94
CA PRO C 167 1.68 21.76 -9.24
C PRO C 167 2.50 23.03 -9.24
N GLU C 168 2.71 23.68 -8.09
CA GLU C 168 3.29 25.03 -8.04
C GLU C 168 4.27 25.18 -6.87
N GLN C 169 5.28 24.33 -6.84
CA GLN C 169 6.31 24.38 -5.81
C GLN C 169 7.33 25.48 -6.12
N ARG C 170 7.93 26.02 -5.06
CA ARG C 170 9.06 26.92 -5.17
C ARG C 170 10.16 26.42 -4.25
N ILE C 171 11.39 26.35 -4.76
CA ILE C 171 12.54 26.00 -3.93
C ILE C 171 13.05 27.29 -3.29
N TRP C 172 12.92 27.40 -1.97
CA TRP C 172 13.32 28.61 -1.27
C TRP C 172 14.79 28.91 -1.52
N GLY C 173 15.09 30.20 -1.76
CA GLY C 173 16.44 30.63 -2.08
C GLY C 173 16.84 30.43 -3.51
N PHE C 174 15.99 29.80 -4.32
CA PHE C 174 16.24 29.56 -5.73
C PHE C 174 15.11 30.11 -6.59
N GLU C 175 13.87 29.75 -6.28
CA GLU C 175 12.68 30.35 -6.88
C GLU C 175 11.98 31.33 -5.92
N THR C 176 12.62 31.65 -4.79
CA THR C 176 12.22 32.74 -3.91
C THR C 176 13.45 33.55 -3.55
N ASN C 177 13.21 34.75 -3.02
CA ASN C 177 14.28 35.58 -2.52
C ASN C 177 14.51 35.28 -1.04
N PHE C 178 15.44 36.04 -0.43
CA PHE C 178 15.69 35.99 1.01
C PHE C 178 16.17 34.59 1.44
N GLY C 179 17.16 34.06 0.72
CA GLY C 179 17.71 32.76 1.00
C GLY C 179 18.65 32.74 2.21
N GLY C 180 19.23 31.57 2.44
CA GLY C 180 19.97 31.29 3.66
C GLY C 180 21.43 31.75 3.69
N LEU C 181 22.00 32.13 2.54
CA LEU C 181 23.38 32.60 2.52
C LEU C 181 23.41 34.10 2.86
N ALA C 182 23.14 34.38 4.13
CA ALA C 182 22.94 35.74 4.62
C ALA C 182 22.83 35.69 6.14
N GLN C 183 22.87 36.86 6.76
CA GLN C 183 22.74 36.92 8.22
C GLN C 183 21.31 36.71 8.67
N LEU C 184 20.34 37.01 7.82
CA LEU C 184 18.92 36.83 8.12
C LEU C 184 18.26 36.15 6.93
N ALA C 185 17.13 35.49 7.19
CA ALA C 185 16.36 34.87 6.13
C ALA C 185 14.87 34.90 6.47
N LEU C 186 14.06 34.77 5.44
CA LEU C 186 12.60 34.69 5.56
C LEU C 186 12.15 33.34 5.01
N VAL C 187 11.43 32.56 5.82
CA VAL C 187 10.89 31.28 5.37
C VAL C 187 9.44 31.15 5.82
N LYS C 188 8.70 30.25 5.17
CA LYS C 188 7.41 29.85 5.70
C LYS C 188 7.63 29.01 6.95
N THR C 189 6.70 29.12 7.91
CA THR C 189 6.88 28.31 9.12
C THR C 189 6.73 26.82 8.86
N ASN C 190 6.03 26.41 7.78
CA ASN C 190 6.01 25.00 7.41
C ASN C 190 7.20 24.62 6.53
N GLN C 191 8.28 25.38 6.64
CA GLN C 191 9.60 24.93 6.25
C GLN C 191 10.51 24.66 7.44
N LEU C 192 10.11 25.05 8.65
CA LEU C 192 11.00 25.00 9.80
C LEU C 192 11.05 23.61 10.41
N LEU C 193 12.24 23.23 10.87
CA LEU C 193 12.50 21.96 11.54
C LEU C 193 13.39 22.19 12.74
N PRO C 194 13.25 21.38 13.79
CA PRO C 194 14.08 21.57 14.99
C PRO C 194 15.54 21.23 14.72
N LYS C 195 16.45 22.10 15.21
CA LYS C 195 17.89 21.87 15.06
C LYS C 195 18.33 20.65 15.88
N PRO C 196 19.03 19.68 15.28
CA PRO C 196 19.64 18.60 16.08
C PRO C 196 20.64 19.15 17.09
N LYS C 197 20.44 18.82 18.36
CA LYS C 197 21.20 19.51 19.41
C LYS C 197 22.65 19.04 19.50
N HIS C 198 22.99 17.87 18.98
CA HIS C 198 24.35 17.37 19.08
C HIS C 198 25.25 17.87 17.95
N LEU C 199 24.73 18.68 17.03
CA LEU C 199 25.47 19.14 15.87
C LEU C 199 25.82 20.63 15.99
N THR C 200 26.91 21.02 15.34
CA THR C 200 27.22 22.44 15.18
C THR C 200 26.23 23.08 14.20
N TRP C 201 26.21 24.42 14.20
CA TRP C 201 25.37 25.14 13.26
C TRP C 201 25.59 24.66 11.82
N GLU C 202 26.87 24.64 11.39
CA GLU C 202 27.15 24.28 9.99
C GLU C 202 26.84 22.81 9.71
N GLU C 203 27.07 21.93 10.70
CA GLU C 203 26.67 20.53 10.51
C GLU C 203 25.16 20.40 10.37
N ALA C 204 24.41 21.11 11.22
CA ALA C 204 22.95 20.98 11.19
C ALA C 204 22.36 21.48 9.87
N ALA C 205 23.00 22.47 9.24
CA ALA C 205 22.53 22.98 7.95
C ALA C 205 22.91 22.11 6.76
N SER C 206 23.67 21.02 6.97
N SER C 206 23.67 21.04 6.97
CA SER C 206 24.28 20.34 5.84
CA SER C 206 24.30 20.31 5.87
C SER C 206 23.40 19.25 5.21
C SER C 206 23.40 19.27 5.22
N PRO C 207 22.71 18.40 5.99
CA PRO C 207 21.99 17.29 5.32
C PRO C 207 20.92 17.77 4.36
N GLY C 208 20.08 18.72 4.76
CA GLY C 208 19.12 19.36 3.88
C GLY C 208 18.40 18.51 2.86
N LEU C 209 18.38 18.99 1.62
CA LEU C 209 17.50 18.39 0.61
C LEU C 209 17.98 17.00 0.18
N VAL C 210 19.29 16.79 0.04
N VAL C 210 19.30 16.80 0.05
CA VAL C 210 19.77 15.48 -0.40
CA VAL C 210 19.79 15.49 -0.39
C VAL C 210 19.40 14.41 0.63
C VAL C 210 19.42 14.42 0.63
N ASN C 211 19.47 14.77 1.93
CA ASN C 211 19.09 13.81 2.97
C ASN C 211 17.61 13.48 2.90
N SER C 212 16.74 14.49 2.76
N SER C 212 16.75 14.50 2.79
CA SER C 212 15.32 14.21 2.74
CA SER C 212 15.31 14.27 2.72
C SER C 212 14.88 13.57 1.43
C SER C 212 14.94 13.52 1.45
N THR C 213 15.56 13.87 0.32
CA THR C 213 15.28 13.18 -0.94
C THR C 213 15.62 11.70 -0.83
N ALA C 214 16.76 11.39 -0.21
CA ALA C 214 17.13 9.99 -0.04
C ALA C 214 16.14 9.28 0.88
N TYR C 215 15.69 9.99 1.93
CA TYR C 215 14.70 9.40 2.84
C TYR C 215 13.42 9.06 2.10
N ARG C 216 12.86 10.01 1.34
CA ARG C 216 11.61 9.69 0.64
C ARG C 216 11.82 8.55 -0.34
N GLN C 217 12.93 8.57 -1.07
CA GLN C 217 13.16 7.60 -2.13
C GLN C 217 13.34 6.19 -1.57
N LEU C 218 14.06 6.05 -0.46
CA LEU C 218 14.43 4.72 0.03
C LEU C 218 13.56 4.23 1.19
N VAL C 219 13.28 5.08 2.17
CA VAL C 219 12.63 4.66 3.41
C VAL C 219 11.11 4.75 3.32
N SER C 220 10.57 5.84 2.75
CA SER C 220 9.14 6.10 2.86
C SER C 220 8.33 5.19 1.93
N ARG C 221 7.04 5.06 2.26
CA ARG C 221 6.13 4.31 1.41
C ARG C 221 5.84 4.99 0.08
N ASN C 222 6.17 6.28 -0.06
CA ASN C 222 6.10 6.94 -1.36
C ASN C 222 7.29 6.59 -2.26
N GLY C 223 8.30 5.91 -1.73
CA GLY C 223 9.43 5.45 -2.52
C GLY C 223 9.51 3.94 -2.46
N ALA C 224 10.65 3.41 -2.02
CA ALA C 224 10.89 1.97 -2.06
C ALA C 224 10.39 1.22 -0.83
N GLY C 225 10.08 1.90 0.26
CA GLY C 225 9.52 1.21 1.42
C GLY C 225 10.43 0.15 2.01
N LEU C 226 11.69 0.54 2.25
CA LEU C 226 12.72 -0.35 2.78
C LEU C 226 12.25 -1.10 4.03
N LYS C 227 12.71 -2.36 4.17
CA LYS C 227 12.55 -3.07 5.42
C LYS C 227 13.85 -3.78 5.78
N GLN C 228 14.01 -4.10 7.06
CA GLN C 228 15.21 -4.80 7.49
C GLN C 228 15.37 -6.11 6.73
N GLY C 229 16.62 -6.46 6.44
CA GLY C 229 16.95 -7.62 5.64
C GLY C 229 17.06 -7.36 4.15
N ASP C 230 16.54 -6.25 3.66
CA ASP C 230 16.59 -5.97 2.23
C ASP C 230 18.05 -5.82 1.79
N ASN C 231 18.32 -6.18 0.54
CA ASN C 231 19.58 -5.83 -0.13
C ASN C 231 19.31 -4.66 -1.04
N VAL C 232 20.14 -3.61 -0.95
CA VAL C 232 19.91 -2.38 -1.69
C VAL C 232 21.15 -2.02 -2.50
N LEU C 233 21.02 -1.97 -3.83
CA LEU C 233 22.10 -1.45 -4.66
C LEU C 233 22.06 0.08 -4.62
N ILE C 234 23.18 0.70 -4.26
CA ILE C 234 23.22 2.16 -4.08
C ILE C 234 24.30 2.71 -4.98
N TRP C 235 23.91 3.29 -6.11
CA TRP C 235 24.85 3.97 -6.97
C TRP C 235 25.40 5.22 -6.29
N GLY C 236 26.61 5.61 -6.68
CA GLY C 236 27.21 6.85 -6.18
C GLY C 236 27.18 6.94 -4.66
N ALA C 237 27.59 5.86 -4.00
CA ALA C 237 27.28 5.69 -2.58
C ALA C 237 28.03 6.67 -1.67
N SER C 238 29.09 7.33 -2.14
CA SER C 238 29.74 8.36 -1.33
C SER C 238 29.35 9.77 -1.74
N GLY C 239 28.51 9.92 -2.76
CA GLY C 239 27.99 11.23 -3.13
C GLY C 239 26.85 11.66 -2.22
N GLY C 240 26.24 12.79 -2.58
CA GLY C 240 25.18 13.37 -1.77
C GLY C 240 24.03 12.41 -1.47
N LEU C 241 23.25 12.10 -2.51
CA LEU C 241 22.13 11.17 -2.34
C LEU C 241 22.60 9.83 -1.81
N GLY C 242 23.67 9.28 -2.40
CA GLY C 242 24.07 7.93 -2.05
C GLY C 242 24.60 7.82 -0.63
N SER C 243 25.25 8.87 -0.13
CA SER C 243 25.78 8.78 1.22
C SER C 243 24.65 8.69 2.23
N TYR C 244 23.59 9.47 2.05
CA TYR C 244 22.46 9.35 2.96
C TYR C 244 21.70 8.04 2.76
N ALA C 245 21.54 7.61 1.50
CA ALA C 245 20.93 6.30 1.23
C ALA C 245 21.69 5.18 1.92
N THR C 246 23.03 5.20 1.86
CA THR C 246 23.81 4.17 2.54
C THR C 246 23.54 4.17 4.03
N GLN C 247 23.47 5.36 4.64
CA GLN C 247 23.19 5.40 6.08
C GLN C 247 21.79 4.92 6.40
N TYR C 248 20.80 5.27 5.55
CA TYR C 248 19.43 4.78 5.80
C TYR C 248 19.34 3.26 5.67
N ALA C 249 20.06 2.69 4.71
CA ALA C 249 20.08 1.23 4.57
C ALA C 249 20.59 0.58 5.84
N LEU C 250 21.74 1.04 6.34
CA LEU C 250 22.30 0.44 7.55
C LEU C 250 21.42 0.70 8.77
N ALA C 251 20.92 1.91 8.91
CA ALA C 251 20.10 2.25 10.07
C ALA C 251 18.79 1.48 10.07
N GLY C 252 18.28 1.13 8.89
CA GLY C 252 17.04 0.35 8.79
C GLY C 252 17.21 -1.15 8.86
N GLY C 253 18.43 -1.64 9.09
CA GLY C 253 18.64 -3.07 9.19
C GLY C 253 18.83 -3.79 7.87
N ALA C 254 19.06 -3.06 6.78
CA ALA C 254 19.24 -3.60 5.45
C ALA C 254 20.74 -3.65 5.11
N THR C 255 21.05 -4.21 3.94
CA THR C 255 22.44 -4.30 3.49
C THR C 255 22.66 -3.40 2.28
N PRO C 256 23.44 -2.33 2.37
CA PRO C 256 23.76 -1.55 1.18
C PRO C 256 24.87 -2.24 0.40
N ILE C 257 24.68 -2.34 -0.91
CA ILE C 257 25.74 -2.72 -1.83
C ILE C 257 26.16 -1.41 -2.48
N CYS C 258 27.28 -0.83 -2.01
CA CYS C 258 27.69 0.52 -2.37
C CYS C 258 28.52 0.50 -3.64
N VAL C 259 28.18 1.36 -4.60
CA VAL C 259 28.98 1.52 -5.82
C VAL C 259 29.67 2.87 -5.79
N VAL C 260 30.99 2.87 -5.99
CA VAL C 260 31.80 4.08 -6.07
C VAL C 260 32.78 3.90 -7.24
N SER C 261 33.61 4.92 -7.49
CA SER C 261 34.56 4.83 -8.59
C SER C 261 36.02 5.05 -8.18
N SER C 262 36.35 4.98 -6.89
CA SER C 262 37.74 5.11 -6.49
C SER C 262 37.94 4.43 -5.14
N PRO C 263 39.16 4.00 -4.83
CA PRO C 263 39.43 3.42 -3.51
C PRO C 263 39.23 4.40 -2.36
N ARG C 264 39.52 5.69 -2.56
CA ARG C 264 39.28 6.66 -1.49
C ARG C 264 37.80 6.74 -1.15
N LYS C 265 36.95 6.74 -2.18
CA LYS C 265 35.50 6.71 -1.94
C LYS C 265 35.09 5.43 -1.21
N ALA C 266 35.69 4.29 -1.55
CA ALA C 266 35.36 3.07 -0.84
C ALA C 266 35.73 3.16 0.62
N ASP C 267 36.85 3.82 0.94
CA ASP C 267 37.21 3.99 2.36
C ASP C 267 36.14 4.79 3.09
N ILE C 268 35.57 5.79 2.43
CA ILE C 268 34.52 6.60 3.06
C ILE C 268 33.30 5.75 3.34
N CYS C 269 32.93 4.87 2.41
CA CYS C 269 31.80 3.97 2.63
C CYS C 269 32.04 3.07 3.84
N ARG C 270 33.28 2.57 3.99
CA ARG C 270 33.58 1.77 5.17
C ARG C 270 33.48 2.60 6.45
N ALA C 271 33.89 3.88 6.37
CA ALA C 271 33.77 4.76 7.54
C ALA C 271 32.31 4.97 7.92
N MET C 272 31.41 5.05 6.94
CA MET C 272 29.98 5.14 7.24
C MET C 272 29.40 3.86 7.82
N GLY C 273 30.11 2.73 7.73
CA GLY C 273 29.64 1.46 8.25
C GLY C 273 29.30 0.41 7.20
N ALA C 274 29.50 0.71 5.92
CA ALA C 274 29.20 -0.27 4.88
C ALA C 274 30.36 -1.23 4.73
N GLU C 275 30.06 -2.41 4.22
CA GLU C 275 31.08 -3.41 3.95
C GLU C 275 31.09 -3.88 2.50
N ALA C 276 29.93 -4.00 1.85
CA ALA C 276 29.82 -4.48 0.48
C ALA C 276 30.00 -3.29 -0.46
N ILE C 277 31.17 -3.20 -1.10
CA ILE C 277 31.50 -2.04 -1.91
C ILE C 277 32.06 -2.50 -3.25
N ILE C 278 31.49 -1.97 -4.34
CA ILE C 278 31.92 -2.23 -5.70
C ILE C 278 32.51 -0.96 -6.29
N ASP C 279 33.75 -1.06 -6.79
CA ASP C 279 34.37 0.05 -7.52
C ASP C 279 34.09 -0.18 -8.99
N ARG C 280 33.13 0.59 -9.53
CA ARG C 280 32.68 0.38 -10.90
C ARG C 280 33.80 0.67 -11.92
N SER C 281 34.75 1.53 -11.56
N SER C 281 34.75 1.51 -11.56
CA SER C 281 35.87 1.80 -12.46
CA SER C 281 35.86 1.79 -12.48
C SER C 281 36.86 0.65 -12.45
C SER C 281 36.89 0.67 -12.44
N ALA C 282 37.21 0.16 -11.25
CA ALA C 282 38.10 -1.01 -11.17
C ALA C 282 37.49 -2.21 -11.87
N GLU C 283 36.17 -2.40 -11.77
CA GLU C 283 35.55 -3.51 -12.48
C GLU C 283 35.47 -3.24 -13.97
N GLY C 284 35.53 -1.98 -14.38
CA GLY C 284 35.49 -1.64 -15.79
C GLY C 284 34.19 -1.93 -16.50
N TYR C 285 33.05 -1.69 -15.85
CA TYR C 285 31.77 -1.98 -16.50
C TYR C 285 31.58 -1.08 -17.71
N ARG C 286 31.12 -1.67 -18.81
CA ARG C 286 30.83 -0.96 -20.06
C ARG C 286 29.40 -1.34 -20.46
N PHE C 287 28.42 -0.73 -19.77
CA PHE C 287 27.03 -1.12 -19.99
C PHE C 287 26.55 -0.75 -21.39
N TRP C 288 27.13 0.28 -21.99
CA TRP C 288 26.80 0.70 -23.35
C TRP C 288 27.94 0.33 -24.27
N LYS C 289 27.61 -0.36 -25.37
CA LYS C 289 28.60 -0.75 -26.37
C LYS C 289 28.96 0.43 -27.26
N ASP C 290 27.98 1.25 -27.57
CA ASP C 290 28.16 2.43 -28.39
C ASP C 290 27.08 3.43 -27.98
N GLU C 291 26.84 4.41 -28.82
CA GLU C 291 25.89 5.45 -28.48
C GLU C 291 24.45 4.93 -28.41
N HIS C 292 24.16 3.78 -29.04
CA HIS C 292 22.78 3.35 -29.17
C HIS C 292 22.47 1.95 -28.62
N HIS C 293 23.49 1.16 -28.28
CA HIS C 293 23.23 -0.22 -27.88
C HIS C 293 23.95 -0.55 -26.58
N GLN C 294 23.24 -1.27 -25.71
CA GLN C 294 23.79 -1.74 -24.45
C GLN C 294 24.36 -3.14 -24.60
N ASP C 295 25.09 -3.57 -23.58
CA ASP C 295 25.74 -4.87 -23.54
C ASP C 295 25.14 -5.67 -22.39
N PRO C 296 24.12 -6.49 -22.64
CA PRO C 296 23.54 -7.29 -21.55
C PRO C 296 24.57 -8.15 -20.84
N ARG C 297 25.70 -8.50 -21.47
N ARG C 297 25.68 -8.51 -21.50
CA ARG C 297 26.67 -9.30 -20.74
CA ARG C 297 26.72 -9.26 -20.80
C ARG C 297 27.30 -8.51 -19.61
C ARG C 297 27.22 -8.49 -19.59
N GLU C 298 27.34 -7.17 -19.73
CA GLU C 298 27.85 -6.34 -18.64
C GLU C 298 26.81 -6.13 -17.54
N TRP C 299 25.52 -6.05 -17.91
CA TRP C 299 24.48 -6.12 -16.88
C TRP C 299 24.68 -7.36 -16.01
N LYS C 300 24.85 -8.51 -16.67
CA LYS C 300 25.00 -9.76 -15.95
C LYS C 300 26.28 -9.79 -15.13
N ARG C 301 27.35 -9.15 -15.62
CA ARG C 301 28.59 -9.14 -14.85
C ARG C 301 28.42 -8.35 -13.56
N LEU C 302 27.74 -7.20 -13.62
CA LEU C 302 27.38 -6.49 -12.40
C LEU C 302 26.53 -7.39 -11.48
N GLY C 303 25.50 -8.03 -12.03
CA GLY C 303 24.65 -8.88 -11.22
C GLY C 303 25.42 -9.98 -10.51
N GLY C 304 26.38 -10.59 -11.21
CA GLY C 304 27.20 -11.62 -10.57
C GLY C 304 28.06 -11.08 -9.44
N LYS C 305 28.58 -9.86 -9.62
CA LYS C 305 29.38 -9.23 -8.57
C LYS C 305 28.55 -8.92 -7.35
N ILE C 306 27.32 -8.42 -7.55
CA ILE C 306 26.41 -8.20 -6.43
C ILE C 306 26.18 -9.49 -5.67
N ARG C 307 25.95 -10.58 -6.39
CA ARG C 307 25.68 -11.87 -5.73
C ARG C 307 26.84 -12.31 -4.85
N GLU C 308 28.07 -11.86 -5.13
CA GLU C 308 29.21 -12.25 -4.28
C GLU C 308 29.07 -11.73 -2.87
N PHE C 309 28.42 -10.59 -2.69
CA PHE C 309 28.27 -9.98 -1.38
C PHE C 309 27.01 -10.39 -0.65
N THR C 310 26.02 -10.92 -1.36
CA THR C 310 24.70 -11.21 -0.79
C THR C 310 24.45 -12.70 -0.59
N GLY C 311 25.46 -13.53 -0.82
CA GLY C 311 25.22 -14.96 -0.78
C GLY C 311 24.35 -15.48 -1.90
N GLY C 312 24.36 -14.83 -3.05
CA GLY C 312 23.62 -15.30 -4.22
C GLY C 312 22.27 -14.65 -4.43
N GLU C 313 21.90 -13.65 -3.63
CA GLU C 313 20.62 -12.99 -3.73
C GLU C 313 20.72 -11.74 -4.59
N ASP C 314 19.63 -11.43 -5.27
CA ASP C 314 19.51 -10.23 -6.07
C ASP C 314 18.83 -9.13 -5.25
N VAL C 315 19.16 -7.87 -5.55
CA VAL C 315 18.76 -6.78 -4.67
C VAL C 315 17.24 -6.58 -4.70
N ASP C 316 16.66 -6.34 -3.53
CA ASP C 316 15.26 -5.96 -3.43
C ASP C 316 14.99 -4.59 -4.02
N ILE C 317 15.98 -3.69 -3.96
CA ILE C 317 15.80 -2.28 -4.32
C ILE C 317 17.06 -1.80 -5.02
N VAL C 318 16.89 -1.06 -6.11
CA VAL C 318 17.98 -0.26 -6.67
C VAL C 318 17.69 1.22 -6.41
N PHE C 319 18.66 1.90 -5.81
CA PHE C 319 18.62 3.34 -5.54
C PHE C 319 19.29 4.02 -6.73
N GLU C 320 18.47 4.45 -7.70
CA GLU C 320 18.96 5.02 -8.96
C GLU C 320 19.06 6.54 -8.89
N HIS C 321 19.93 7.08 -9.73
CA HIS C 321 20.05 8.52 -9.96
C HIS C 321 21.08 8.79 -11.06
N PRO C 322 22.01 7.88 -11.36
CA PRO C 322 22.90 8.14 -12.50
C PRO C 322 22.19 8.15 -13.85
N GLY C 323 21.15 7.35 -14.03
CA GLY C 323 20.32 7.48 -15.23
C GLY C 323 20.79 6.60 -16.38
N ARG C 324 20.91 7.20 -17.58
N ARG C 324 20.92 7.20 -17.57
CA ARG C 324 21.05 6.43 -18.81
CA ARG C 324 21.06 6.44 -18.81
C ARG C 324 22.16 5.39 -18.73
C ARG C 324 22.16 5.40 -18.75
N GLU C 325 23.35 5.78 -18.27
CA GLU C 325 24.48 4.84 -18.32
C GLU C 325 24.19 3.57 -17.53
N THR C 326 23.53 3.70 -16.38
CA THR C 326 23.37 2.59 -15.44
C THR C 326 21.98 1.96 -15.45
N PHE C 327 20.99 2.63 -16.02
CA PHE C 327 19.59 2.26 -15.78
C PHE C 327 19.22 0.91 -16.40
N GLY C 328 19.81 0.55 -17.55
CA GLY C 328 19.57 -0.78 -18.08
C GLY C 328 20.01 -1.86 -17.12
N ALA C 329 21.23 -1.72 -16.60
CA ALA C 329 21.74 -2.66 -15.61
C ALA C 329 20.88 -2.67 -14.35
N SER C 330 20.46 -1.49 -13.89
CA SER C 330 19.62 -1.41 -12.69
C SER C 330 18.35 -2.24 -12.85
N VAL C 331 17.68 -2.11 -13.99
CA VAL C 331 16.45 -2.89 -14.20
C VAL C 331 16.77 -4.38 -14.26
N TYR C 332 17.88 -4.75 -14.91
CA TYR C 332 18.20 -6.17 -15.09
C TYR C 332 18.50 -6.85 -13.75
N VAL C 333 19.33 -6.24 -12.90
CA VAL C 333 19.81 -6.94 -11.70
C VAL C 333 18.78 -7.00 -10.57
N THR C 334 17.72 -6.19 -10.63
CA THR C 334 16.72 -6.18 -9.56
C THR C 334 16.03 -7.55 -9.45
N ARG C 335 15.75 -7.95 -8.21
CA ARG C 335 15.07 -9.20 -7.89
C ARG C 335 13.63 -9.20 -8.41
N LYS C 336 13.10 -10.41 -8.61
CA LYS C 336 11.71 -10.55 -9.03
C LYS C 336 10.80 -9.88 -8.00
N GLY C 337 9.88 -9.03 -8.47
CA GLY C 337 9.04 -8.30 -7.54
C GLY C 337 9.68 -7.08 -6.90
N GLY C 338 10.90 -6.73 -7.31
CA GLY C 338 11.64 -5.64 -6.68
C GLY C 338 11.34 -4.28 -7.29
N THR C 339 12.04 -3.27 -6.78
CA THR C 339 11.74 -1.87 -7.12
C THR C 339 13.03 -1.15 -7.50
N ILE C 340 12.99 -0.44 -8.64
CA ILE C 340 13.99 0.55 -9.01
C ILE C 340 13.39 1.93 -8.72
N VAL C 341 13.95 2.68 -7.76
N VAL C 341 13.97 2.66 -7.78
CA VAL C 341 13.49 4.03 -7.44
CA VAL C 341 13.53 4.02 -7.46
C VAL C 341 14.48 5.04 -8.01
C VAL C 341 14.50 4.99 -8.10
N THR C 342 13.96 6.04 -8.73
CA THR C 342 14.80 7.02 -9.44
C THR C 342 14.37 8.45 -9.11
N CYS C 343 15.35 9.31 -8.82
CA CYS C 343 15.07 10.71 -8.49
C CYS C 343 15.99 11.66 -9.24
N ALA C 344 16.64 11.19 -10.30
CA ALA C 344 17.58 12.00 -11.06
C ALA C 344 18.08 11.16 -12.23
N SER C 345 18.78 11.82 -13.16
CA SER C 345 19.38 11.14 -14.32
C SER C 345 20.67 11.88 -14.69
N THR C 346 21.66 11.82 -13.79
CA THR C 346 22.88 12.63 -13.93
C THR C 346 23.54 12.45 -15.30
N SER C 347 23.65 11.21 -15.75
CA SER C 347 24.38 10.87 -16.97
C SER C 347 23.54 10.99 -18.23
N GLY C 348 22.27 11.38 -18.11
CA GLY C 348 21.39 11.49 -19.26
C GLY C 348 19.99 11.00 -18.93
N TYR C 349 18.96 11.75 -19.34
CA TYR C 349 17.59 11.42 -18.95
C TYR C 349 16.85 10.54 -19.97
N MET C 350 17.45 10.24 -21.12
CA MET C 350 16.82 9.34 -22.08
C MET C 350 17.18 7.91 -21.68
N HIS C 351 16.37 7.32 -20.81
CA HIS C 351 16.60 5.96 -20.33
C HIS C 351 16.21 4.92 -21.38
N GLN C 352 17.02 3.85 -21.46
CA GLN C 352 16.73 2.68 -22.29
C GLN C 352 16.85 1.43 -21.42
N TYR C 353 15.84 0.56 -21.45
CA TYR C 353 15.92 -0.67 -20.69
C TYR C 353 15.13 -1.76 -21.42
N ASP C 354 15.40 -3.01 -21.04
CA ASP C 354 14.76 -4.18 -21.64
C ASP C 354 13.50 -4.50 -20.84
N ASN C 355 12.32 -4.21 -21.41
CA ASN C 355 11.06 -4.36 -20.70
C ASN C 355 10.68 -5.81 -20.43
N ARG C 356 11.28 -6.78 -21.14
CA ARG C 356 11.02 -8.17 -20.82
C ARG C 356 11.36 -8.46 -19.35
N TYR C 357 12.51 -7.96 -18.88
CA TYR C 357 12.85 -8.21 -17.48
C TYR C 357 11.88 -7.52 -16.54
N LEU C 358 11.40 -6.33 -16.91
CA LEU C 358 10.49 -5.62 -16.02
C LEU C 358 9.15 -6.35 -15.87
N TRP C 359 8.51 -6.71 -16.97
CA TRP C 359 7.18 -7.32 -16.79
C TRP C 359 7.29 -8.80 -16.41
N MET C 360 8.23 -9.54 -17.00
N MET C 360 8.25 -9.55 -17.00
CA MET C 360 8.30 -10.97 -16.73
CA MET C 360 8.33 -10.98 -16.74
C MET C 360 8.69 -11.30 -15.30
C MET C 360 8.64 -11.27 -15.27
N SER C 361 9.39 -10.39 -14.62
CA SER C 361 9.71 -10.55 -13.21
C SER C 361 8.98 -9.52 -12.33
N LEU C 362 7.94 -8.88 -12.87
CA LEU C 362 7.01 -8.03 -12.12
C LEU C 362 7.74 -6.98 -11.29
N LYS C 363 8.73 -6.33 -11.90
CA LYS C 363 9.44 -5.24 -11.25
C LYS C 363 8.71 -3.92 -11.49
N ARG C 364 9.13 -2.89 -10.79
CA ARG C 364 8.55 -1.57 -11.02
C ARG C 364 9.61 -0.50 -10.91
N ILE C 365 9.40 0.58 -11.64
CA ILE C 365 10.24 1.78 -11.62
C ILE C 365 9.41 2.88 -10.97
N VAL C 366 9.85 3.37 -9.80
CA VAL C 366 9.10 4.35 -9.03
C VAL C 366 9.84 5.67 -9.10
N GLY C 367 9.21 6.67 -9.70
CA GLY C 367 9.76 8.03 -9.71
C GLY C 367 9.56 8.69 -8.36
N SER C 368 10.62 9.33 -7.86
CA SER C 368 10.55 10.13 -6.64
C SER C 368 11.27 11.45 -6.88
N HIS C 369 10.88 12.47 -6.13
CA HIS C 369 11.41 13.82 -6.34
C HIS C 369 11.37 14.52 -5.00
N PHE C 370 12.53 15.03 -4.56
CA PHE C 370 12.62 15.82 -3.33
C PHE C 370 11.90 15.09 -2.19
N ALA C 371 11.08 15.81 -1.42
CA ALA C 371 10.39 15.25 -0.27
C ALA C 371 9.31 16.20 0.18
N ASN C 372 8.18 15.65 0.63
CA ASN C 372 7.20 16.52 1.25
C ASN C 372 7.64 16.85 2.69
N TYR C 373 6.92 17.79 3.30
CA TYR C 373 7.37 18.31 4.60
C TYR C 373 7.35 17.23 5.67
N ARG C 374 6.41 16.29 5.60
CA ARG C 374 6.43 15.21 6.58
C ARG C 374 7.67 14.35 6.43
N GLU C 375 8.05 14.04 5.18
CA GLU C 375 9.24 13.24 4.93
C GLU C 375 10.51 13.99 5.36
N ALA C 376 10.54 15.30 5.12
CA ALA C 376 11.67 16.12 5.58
C ALA C 376 11.75 16.12 7.10
N PHE C 377 10.61 16.26 7.78
CA PHE C 377 10.61 16.16 9.23
C PHE C 377 11.18 14.81 9.68
N GLU C 378 10.72 13.71 9.06
CA GLU C 378 11.18 12.41 9.51
C GLU C 378 12.67 12.23 9.22
N ALA C 379 13.15 12.72 8.08
CA ALA C 379 14.57 12.59 7.77
C ALA C 379 15.44 13.38 8.76
N ASN C 380 15.02 14.61 9.08
CA ASN C 380 15.75 15.41 10.08
C ASN C 380 15.64 14.79 11.47
N ARG C 381 14.49 14.20 11.78
CA ARG C 381 14.32 13.51 13.06
C ARG C 381 15.31 12.35 13.20
N LEU C 382 15.59 11.63 12.12
CA LEU C 382 16.57 10.53 12.24
C LEU C 382 17.98 11.07 12.43
N VAL C 383 18.27 12.27 11.91
CA VAL C 383 19.55 12.90 12.24
C VAL C 383 19.58 13.27 13.71
N ALA C 384 18.48 13.87 14.21
CA ALA C 384 18.40 14.24 15.62
C ALA C 384 18.53 13.03 16.53
N LYS C 385 18.06 11.86 16.10
CA LYS C 385 18.19 10.66 16.90
C LYS C 385 19.59 10.06 16.84
N GLY C 386 20.49 10.62 16.04
CA GLY C 386 21.81 10.03 15.89
C GLY C 386 21.86 8.79 15.04
N LYS C 387 20.81 8.51 14.25
CA LYS C 387 20.85 7.38 13.33
C LYS C 387 21.53 7.74 12.04
N ILE C 388 21.53 9.02 11.67
CA ILE C 388 21.98 9.53 10.39
C ILE C 388 22.86 10.74 10.66
N HIS C 389 24.01 10.81 9.98
CA HIS C 389 25.00 11.82 10.33
C HIS C 389 25.32 12.75 9.16
N PRO C 390 25.66 14.02 9.45
CA PRO C 390 26.01 14.96 8.39
C PRO C 390 27.36 14.58 7.76
N THR C 391 27.62 15.17 6.60
CA THR C 391 28.71 14.73 5.73
C THR C 391 29.62 15.90 5.32
N LEU C 392 29.82 16.86 6.23
CA LEU C 392 30.61 18.05 5.94
C LEU C 392 32.07 17.71 5.64
N SER C 393 32.62 18.29 4.56
CA SER C 393 34.04 18.26 4.24
C SER C 393 34.77 19.56 4.58
N LYS C 394 34.17 20.72 4.31
CA LYS C 394 34.88 21.99 4.38
C LYS C 394 33.88 23.10 4.64
N VAL C 395 34.33 24.12 5.38
CA VAL C 395 33.47 25.24 5.76
C VAL C 395 34.17 26.54 5.41
N TYR C 396 33.41 27.46 4.83
CA TYR C 396 33.88 28.79 4.46
C TYR C 396 33.11 29.85 5.23
N ALA C 397 33.70 31.03 5.33
CA ALA C 397 33.00 32.19 5.89
C ALA C 397 32.09 32.80 4.82
N LEU C 398 31.06 33.52 5.29
CA LEU C 398 30.09 34.11 4.36
C LEU C 398 30.77 34.92 3.26
N GLU C 399 31.79 35.71 3.64
CA GLU C 399 32.53 36.53 2.67
C GLU C 399 33.18 35.69 1.60
N GLU C 400 33.44 34.40 1.85
CA GLU C 400 34.06 33.51 0.89
C GLU C 400 33.06 32.61 0.17
N THR C 401 31.78 33.00 0.10
CA THR C 401 30.81 32.09 -0.50
C THR C 401 31.11 31.85 -1.97
N GLY C 402 31.70 32.82 -2.66
CA GLY C 402 32.08 32.59 -4.05
C GLY C 402 33.05 31.45 -4.22
N GLN C 403 34.08 31.38 -3.35
CA GLN C 403 35.03 30.27 -3.42
C GLN C 403 34.36 28.95 -3.02
N ALA C 404 33.46 28.98 -2.04
CA ALA C 404 32.69 27.79 -1.70
C ALA C 404 31.95 27.26 -2.92
N ALA C 405 31.29 28.16 -3.66
CA ALA C 405 30.55 27.75 -4.86
C ALA C 405 31.48 27.22 -5.93
N LEU C 406 32.65 27.84 -6.10
CA LEU C 406 33.61 27.29 -7.05
C LEU C 406 34.04 25.88 -6.67
N ASP C 407 34.31 25.67 -5.38
CA ASP C 407 34.68 24.33 -4.90
C ASP C 407 33.62 23.30 -5.24
N VAL C 408 32.35 23.64 -5.05
CA VAL C 408 31.29 22.69 -5.39
C VAL C 408 31.21 22.50 -6.91
N HIS C 409 31.29 23.62 -7.64
CA HIS C 409 31.22 23.58 -9.11
C HIS C 409 32.30 22.69 -9.71
N HIS C 410 33.49 22.66 -9.10
CA HIS C 410 34.60 21.86 -9.62
C HIS C 410 34.86 20.60 -8.81
N ASN C 411 33.88 20.15 -8.02
CA ASN C 411 33.96 18.87 -7.31
C ASN C 411 35.26 18.71 -6.53
N LYS C 412 35.61 19.73 -5.74
CA LYS C 412 36.87 19.67 -5.00
C LYS C 412 36.81 18.80 -3.75
N HIS C 413 35.63 18.51 -3.22
CA HIS C 413 35.53 17.79 -1.94
C HIS C 413 34.67 16.55 -2.11
N GLN C 414 34.94 15.56 -1.26
CA GLN C 414 34.17 14.32 -1.30
C GLN C 414 32.81 14.46 -0.62
N GLY C 415 32.71 15.37 0.36
CA GLY C 415 31.47 15.64 1.06
C GLY C 415 30.97 17.05 0.85
N LYS C 416 30.16 17.56 1.77
CA LYS C 416 29.45 18.83 1.60
C LYS C 416 30.31 20.02 1.99
N VAL C 417 29.95 21.18 1.43
CA VAL C 417 30.60 22.46 1.73
C VAL C 417 29.62 23.33 2.52
N GLY C 418 30.00 23.71 3.74
CA GLY C 418 29.19 24.58 4.56
C GLY C 418 29.69 26.02 4.55
N VAL C 419 28.83 26.93 5.01
CA VAL C 419 29.14 28.36 5.08
C VAL C 419 28.73 28.90 6.44
N LEU C 420 29.66 29.58 7.12
CA LEU C 420 29.30 30.32 8.33
C LEU C 420 28.61 31.61 7.93
N CYS C 421 27.48 31.94 8.59
CA CYS C 421 26.78 33.19 8.29
C CYS C 421 27.02 34.11 9.46
N LEU C 422 26.16 34.12 10.48
CA LEU C 422 26.50 34.91 11.68
C LEU C 422 27.54 34.22 12.56
N ALA C 423 27.66 32.89 12.50
CA ALA C 423 28.57 32.20 13.41
C ALA C 423 29.99 32.71 13.19
N PRO C 424 30.70 33.11 14.25
CA PRO C 424 32.05 33.68 14.06
C PRO C 424 33.13 32.64 13.78
N ARG C 425 32.87 31.35 14.04
CA ARG C 425 33.85 30.32 13.80
C ARG C 425 33.13 28.98 13.73
N GLU C 426 33.84 27.97 13.23
CA GLU C 426 33.34 26.60 13.26
C GLU C 426 33.24 26.11 14.70
N GLY C 427 32.36 25.15 14.92
CA GLY C 427 32.34 24.38 16.16
C GLY C 427 31.36 24.83 17.22
N LEU C 428 30.50 25.80 16.91
CA LEU C 428 29.55 26.34 17.88
C LEU C 428 28.18 25.70 17.73
N GLY C 429 27.37 25.80 18.77
CA GLY C 429 25.97 25.43 18.71
C GLY C 429 25.61 24.06 19.25
N VAL C 430 26.59 23.30 19.75
CA VAL C 430 26.32 21.96 20.31
C VAL C 430 25.74 22.14 21.71
N THR C 431 24.54 21.58 21.94
CA THR C 431 23.99 21.56 23.29
C THR C 431 23.71 20.16 23.81
N ASP C 432 24.08 19.11 23.06
CA ASP C 432 24.03 17.72 23.53
C ASP C 432 25.40 17.10 23.31
N PRO C 433 26.36 17.41 24.20
CA PRO C 433 27.71 16.90 24.00
C PRO C 433 27.83 15.39 24.18
N GLU C 434 26.99 14.79 25.01
CA GLU C 434 27.01 13.33 25.19
C GLU C 434 26.68 12.61 23.90
N LEU C 435 25.59 13.00 23.23
CA LEU C 435 25.23 12.32 21.99
C LEU C 435 26.28 12.56 20.91
N ARG C 436 26.84 13.78 20.86
CA ARG C 436 27.89 14.05 19.88
C ARG C 436 29.09 13.14 20.09
N SER C 437 29.48 12.95 21.34
CA SER C 437 30.65 12.11 21.63
C SER C 437 30.44 10.69 21.13
N LYS C 438 29.21 10.17 21.20
CA LYS C 438 28.97 8.80 20.76
C LYS C 438 29.20 8.61 19.26
N HIS C 439 28.99 9.67 18.47
CA HIS C 439 28.97 9.57 17.02
C HIS C 439 30.04 10.41 16.34
N LEU C 440 30.97 10.96 17.12
CA LEU C 440 31.94 11.93 16.59
C LEU C 440 32.69 11.39 15.39
N THR C 441 33.11 10.12 15.43
CA THR C 441 33.92 9.61 14.32
C THR C 441 33.13 9.60 13.02
N LYS C 442 31.88 9.13 13.05
CA LYS C 442 31.08 9.11 11.83
C LYS C 442 30.70 10.53 11.41
N ILE C 443 30.45 11.41 12.38
CA ILE C 443 30.11 12.79 12.06
C ILE C 443 31.22 13.41 11.19
N ASN C 444 32.48 13.08 11.49
CA ASN C 444 33.61 13.67 10.78
C ASN C 444 34.14 12.79 9.64
N ALA C 445 33.35 11.81 9.18
CA ALA C 445 33.86 10.84 8.20
C ALA C 445 34.28 11.49 6.89
N PHE C 446 33.71 12.64 6.54
CA PHE C 446 34.03 13.27 5.26
C PHE C 446 35.03 14.41 5.39
N ARG C 447 35.56 14.65 6.59
CA ARG C 447 36.68 15.57 6.77
C ARG C 447 37.98 14.84 6.47
N ASN C 448 38.82 15.43 5.64
CA ASN C 448 38.51 16.64 4.89
C ASN C 448 38.86 16.38 3.44
N ARG D 3 23.53 -50.59 14.35
CA ARG D 3 22.21 -49.98 14.35
C ARG D 3 22.13 -48.89 13.29
N HIS D 4 21.03 -48.88 12.55
CA HIS D 4 20.90 -47.95 11.42
C HIS D 4 20.76 -46.51 11.91
N MET D 5 20.01 -46.30 13.00
CA MET D 5 19.89 -44.96 13.55
C MET D 5 21.23 -44.42 14.04
N GLN D 6 22.05 -45.28 14.67
CA GLN D 6 23.34 -44.81 15.15
C GLN D 6 24.24 -44.39 13.99
N GLU D 7 24.19 -45.11 12.87
CA GLU D 7 25.02 -44.74 11.74
C GLU D 7 24.58 -43.40 11.14
N ILE D 8 23.27 -43.11 11.16
CA ILE D 8 22.80 -41.79 10.77
C ILE D 8 23.38 -40.72 11.69
N LEU D 9 23.25 -40.92 13.01
CA LEU D 9 23.81 -39.96 13.96
C LEU D 9 25.31 -39.81 13.77
N ASP D 10 26.04 -40.92 13.57
CA ASP D 10 27.49 -40.81 13.41
C ASP D 10 27.84 -39.95 12.19
N ALA D 11 27.08 -40.10 11.10
CA ALA D 11 27.36 -39.30 9.90
C ALA D 11 27.13 -37.82 10.17
N ILE D 12 26.04 -37.48 10.83
CA ILE D 12 25.78 -36.08 11.19
C ILE D 12 26.92 -35.55 12.04
N LEU D 13 27.29 -36.30 13.08
CA LEU D 13 28.28 -35.80 14.03
C LEU D 13 29.66 -35.67 13.40
N SER D 14 29.95 -36.46 12.36
CA SER D 14 31.27 -36.36 11.72
C SER D 14 31.49 -34.98 11.12
N GLY D 15 30.42 -34.32 10.68
CA GLY D 15 30.51 -32.99 10.14
C GLY D 15 30.80 -32.92 8.65
N ASP D 16 31.39 -33.96 8.07
CA ASP D 16 31.84 -33.93 6.69
C ASP D 16 31.22 -35.03 5.83
N ALA D 17 30.02 -35.48 6.15
CA ALA D 17 29.32 -36.43 5.29
C ALA D 17 28.76 -35.71 4.07
N ALA D 18 28.78 -36.38 2.92
CA ALA D 18 28.27 -35.80 1.70
C ALA D 18 26.83 -36.23 1.45
N SER D 19 26.17 -35.53 0.53
CA SER D 19 24.79 -35.86 0.20
C SER D 19 24.65 -37.32 -0.22
N ALA D 20 25.60 -37.82 -1.02
CA ALA D 20 25.53 -39.21 -1.45
C ALA D 20 25.67 -40.17 -0.25
N ASP D 21 26.50 -39.81 0.72
CA ASP D 21 26.60 -40.61 1.94
C ASP D 21 25.24 -40.75 2.61
N TYR D 22 24.47 -39.65 2.70
CA TYR D 22 23.16 -39.72 3.33
C TYR D 22 22.17 -40.51 2.49
N ALA D 23 22.23 -40.37 1.17
CA ALA D 23 21.32 -41.12 0.32
C ALA D 23 21.59 -42.62 0.41
N ALA D 24 22.81 -43.01 0.76
CA ALA D 24 23.18 -44.42 0.83
C ALA D 24 22.89 -45.05 2.18
N LEU D 25 22.73 -44.26 3.24
CA LEU D 25 22.47 -44.82 4.55
C LEU D 25 21.12 -45.52 4.57
N ALA D 26 21.08 -46.70 5.18
CA ALA D 26 19.86 -47.48 5.26
C ALA D 26 18.93 -46.89 6.31
N LEU D 27 17.67 -46.69 5.93
CA LEU D 27 16.70 -46.16 6.87
C LEU D 27 16.46 -47.17 8.00
N PRO D 28 16.34 -46.70 9.24
CA PRO D 28 15.90 -47.59 10.33
C PRO D 28 14.47 -48.03 10.09
N GLU D 29 14.10 -49.14 10.74
CA GLU D 29 12.74 -49.62 10.63
C GLU D 29 11.80 -48.94 11.62
N SER D 30 12.33 -48.36 12.68
CA SER D 30 11.55 -47.62 13.65
C SER D 30 12.36 -46.43 14.14
N TYR D 31 11.66 -45.49 14.77
CA TYR D 31 12.36 -44.39 15.43
C TYR D 31 11.69 -44.07 16.76
N ARG D 32 12.49 -43.52 17.67
CA ARG D 32 12.01 -43.12 19.00
C ARG D 32 11.24 -41.80 18.89
N ALA D 33 10.06 -41.74 19.50
CA ALA D 33 9.17 -40.61 19.34
C ALA D 33 8.39 -40.36 20.63
N VAL D 34 8.06 -39.08 20.86
CA VAL D 34 7.18 -38.69 21.96
C VAL D 34 5.75 -38.69 21.45
N THR D 35 4.88 -39.49 22.08
CA THR D 35 3.55 -39.76 21.53
C THR D 35 2.44 -39.57 22.57
N LEU D 36 1.25 -39.27 22.06
CA LEU D 36 -0.01 -39.45 22.78
C LEU D 36 -0.63 -40.78 22.35
N HIS D 37 -1.47 -41.34 23.22
CA HIS D 37 -2.14 -42.61 22.94
C HIS D 37 -3.64 -42.39 22.87
N LYS D 38 -4.25 -42.86 21.79
CA LYS D 38 -5.67 -42.62 21.54
C LYS D 38 -6.54 -43.02 22.73
N GLY D 39 -6.19 -44.11 23.40
CA GLY D 39 -7.04 -44.61 24.49
C GLY D 39 -7.11 -43.70 25.71
N GLU D 40 -6.15 -42.80 25.87
CA GLU D 40 -6.02 -42.03 27.10
C GLU D 40 -6.63 -40.64 27.01
N GLU D 41 -7.35 -40.33 25.92
CA GLU D 41 -7.73 -38.94 25.67
C GLU D 41 -8.64 -38.36 26.74
N ARG D 42 -9.19 -39.18 27.64
CA ARG D 42 -10.06 -38.70 28.71
C ARG D 42 -9.41 -38.82 30.09
N MET D 43 -8.12 -39.16 30.15
CA MET D 43 -7.50 -39.42 31.44
C MET D 43 -7.50 -38.21 32.36
N PHE D 44 -7.67 -36.99 31.82
CA PHE D 44 -7.65 -35.76 32.59
C PHE D 44 -9.04 -35.18 32.81
N ASP D 45 -10.09 -35.93 32.51
CA ASP D 45 -11.44 -35.41 32.68
C ASP D 45 -11.71 -35.08 34.14
N GLY D 46 -12.35 -33.92 34.36
CA GLY D 46 -12.68 -33.45 35.69
C GLY D 46 -11.67 -32.53 36.33
N LEU D 47 -10.41 -32.59 35.90
CA LEU D 47 -9.35 -31.79 36.50
C LEU D 47 -9.33 -30.37 35.94
N ALA D 48 -8.84 -29.44 36.74
CA ALA D 48 -8.51 -28.12 36.22
C ALA D 48 -7.29 -28.23 35.32
N SER D 49 -7.19 -27.33 34.34
CA SER D 49 -6.09 -27.39 33.37
C SER D 49 -4.73 -27.43 34.07
N ARG D 50 -4.54 -26.59 35.09
CA ARG D 50 -3.23 -26.49 35.73
C ARG D 50 -2.81 -27.81 36.37
N ASP D 51 -3.76 -28.63 36.79
CA ASP D 51 -3.48 -29.90 37.44
C ASP D 51 -3.28 -31.04 36.44
N LYS D 52 -3.43 -30.80 35.14
CA LYS D 52 -3.17 -31.82 34.14
C LYS D 52 -1.65 -31.91 33.92
N ASP D 53 -1.09 -33.10 34.11
CA ASP D 53 0.35 -33.32 34.15
C ASP D 53 0.83 -34.00 32.87
N PRO D 54 1.45 -33.27 31.94
CA PRO D 54 1.92 -33.91 30.69
C PRO D 54 2.81 -35.12 30.91
N ARG D 55 3.50 -35.20 32.06
CA ARG D 55 4.33 -36.37 32.30
C ARG D 55 3.52 -37.66 32.35
N LYS D 56 2.22 -37.56 32.60
CA LYS D 56 1.36 -38.75 32.66
C LYS D 56 0.85 -39.18 31.30
N SER D 57 0.70 -38.26 30.35
CA SER D 57 0.11 -38.59 29.06
C SER D 57 1.13 -38.81 27.95
N LEU D 58 2.36 -38.31 28.10
CA LEU D 58 3.36 -38.39 27.03
C LEU D 58 4.17 -39.67 27.15
N HIS D 59 4.26 -40.41 26.05
CA HIS D 59 4.94 -41.69 25.98
C HIS D 59 6.16 -41.62 25.08
N LEU D 60 7.19 -42.39 25.44
CA LEU D 60 8.39 -42.55 24.61
C LEU D 60 8.32 -43.92 23.95
N ASP D 61 7.93 -43.94 22.67
CA ASP D 61 7.65 -45.16 21.93
C ASP D 61 8.62 -45.33 20.76
N ASP D 62 8.69 -46.57 20.28
CA ASP D 62 9.33 -46.88 19.00
C ASP D 62 8.22 -47.02 17.97
N VAL D 63 8.31 -46.24 16.89
CA VAL D 63 7.24 -46.20 15.89
C VAL D 63 7.83 -46.47 14.50
N PRO D 64 7.05 -47.06 13.58
CA PRO D 64 7.55 -47.27 12.22
C PRO D 64 7.58 -45.97 11.43
N LEU D 65 8.35 -45.99 10.31
CA LEU D 65 8.49 -44.81 9.46
C LEU D 65 7.27 -44.65 8.56
N PRO D 66 6.75 -43.44 8.42
CA PRO D 66 5.67 -43.22 7.45
C PRO D 66 6.20 -43.38 6.03
N GLU D 67 5.27 -43.61 5.11
CA GLU D 67 5.63 -43.65 3.70
C GLU D 67 5.81 -42.22 3.19
N LEU D 68 6.90 -42.00 2.46
CA LEU D 68 7.23 -40.66 1.98
C LEU D 68 6.40 -40.33 0.74
N GLY D 69 5.68 -39.21 0.79
CA GLY D 69 4.79 -38.82 -0.28
C GLY D 69 5.39 -37.77 -1.20
N PRO D 70 4.64 -37.38 -2.23
CA PRO D 70 5.14 -36.34 -3.15
C PRO D 70 5.31 -35.01 -2.42
N GLY D 71 6.43 -34.34 -2.71
CA GLY D 71 6.69 -33.05 -2.11
C GLY D 71 6.92 -33.08 -0.61
N GLU D 72 7.42 -34.19 -0.09
CA GLU D 72 7.68 -34.34 1.34
C GLU D 72 9.14 -34.68 1.57
N ALA D 73 9.59 -34.53 2.81
CA ALA D 73 10.96 -34.81 3.19
C ALA D 73 10.97 -35.60 4.49
N LEU D 74 11.87 -36.58 4.59
CA LEU D 74 12.15 -37.29 5.83
C LEU D 74 13.40 -36.68 6.44
N VAL D 75 13.28 -36.21 7.69
CA VAL D 75 14.32 -35.42 8.33
C VAL D 75 14.86 -36.18 9.54
N ALA D 76 16.18 -36.23 9.68
CA ALA D 76 16.79 -36.70 10.91
C ALA D 76 16.87 -35.52 11.87
N VAL D 77 16.21 -35.63 13.03
CA VAL D 77 15.99 -34.48 13.91
C VAL D 77 17.02 -34.47 15.02
N MET D 78 17.84 -33.41 15.08
CA MET D 78 18.79 -33.22 16.17
C MET D 78 18.18 -32.54 17.38
N ALA D 79 17.23 -31.62 17.18
CA ALA D 79 16.60 -30.92 18.31
C ALA D 79 15.21 -30.44 17.91
N SER D 80 14.41 -30.13 18.92
CA SER D 80 13.05 -29.65 18.74
C SER D 80 12.73 -28.68 19.90
N SER D 81 11.45 -28.48 20.19
CA SER D 81 11.01 -27.48 21.14
C SER D 81 9.69 -27.91 21.75
N VAL D 82 9.35 -27.31 22.89
CA VAL D 82 8.02 -27.46 23.50
C VAL D 82 7.43 -26.06 23.63
N ASN D 83 6.32 -25.75 23.10
CA ASN D 83 5.54 -24.51 23.07
C ASN D 83 4.10 -24.81 23.49
N TYR D 84 3.36 -23.74 23.66
CA TYR D 84 2.01 -23.85 24.20
C TYR D 84 1.17 -24.84 23.40
N ASN D 85 1.32 -24.90 22.10
CA ASN D 85 0.56 -25.85 21.31
C ASN D 85 0.90 -27.26 21.75
N THR D 86 2.17 -27.56 21.91
CA THR D 86 2.55 -28.89 22.36
C THR D 86 1.92 -29.21 23.72
N VAL D 87 1.98 -28.24 24.64
CA VAL D 87 1.41 -28.45 25.96
C VAL D 87 -0.09 -28.75 25.86
N TRP D 88 -0.83 -27.91 25.13
CA TRP D 88 -2.28 -28.12 25.02
C TRP D 88 -2.60 -29.50 24.47
N SER D 89 -1.92 -29.90 23.39
N SER D 89 -1.91 -29.91 23.41
CA SER D 89 -2.14 -31.25 22.86
CA SER D 89 -2.15 -31.25 22.85
C SER D 89 -1.88 -32.31 23.92
C SER D 89 -1.84 -32.33 23.88
N SER D 90 -0.78 -32.15 24.67
CA SER D 90 -0.41 -33.17 25.65
C SER D 90 -1.42 -33.32 26.77
N ILE D 91 -2.29 -32.33 26.98
CA ILE D 91 -3.36 -32.44 27.98
C ILE D 91 -4.73 -32.45 27.29
N PHE D 92 -4.76 -32.72 25.99
CA PHE D 92 -6.01 -32.93 25.25
C PHE D 92 -6.92 -31.70 25.32
N GLU D 93 -6.31 -30.51 25.28
CA GLU D 93 -7.07 -29.27 25.25
C GLU D 93 -6.79 -28.51 23.96
N PRO D 94 -7.79 -27.79 23.42
CA PRO D 94 -9.16 -27.74 23.95
C PRO D 94 -9.90 -29.07 23.76
N VAL D 95 -9.46 -29.86 22.77
CA VAL D 95 -9.97 -31.20 22.53
C VAL D 95 -8.79 -32.09 22.16
N SER D 96 -9.05 -33.40 22.13
CA SER D 96 -8.03 -34.34 21.68
C SER D 96 -7.62 -34.07 20.24
N THR D 97 -6.32 -34.13 19.98
CA THR D 97 -5.84 -33.97 18.61
C THR D 97 -6.27 -35.13 17.70
N PHE D 98 -6.59 -36.31 18.26
CA PHE D 98 -6.94 -37.44 17.41
C PHE D 98 -8.21 -37.18 16.61
N GLY D 99 -9.07 -36.28 17.08
CA GLY D 99 -10.32 -36.02 16.35
C GLY D 99 -10.06 -35.51 14.95
N PHE D 100 -9.22 -34.47 14.83
CA PHE D 100 -8.93 -33.93 13.51
C PHE D 100 -8.15 -34.92 12.66
N LEU D 101 -7.17 -35.62 13.25
CA LEU D 101 -6.40 -36.60 12.49
C LEU D 101 -7.32 -37.64 11.86
N GLU D 102 -8.35 -38.07 12.59
CA GLU D 102 -9.29 -39.05 12.05
C GLU D 102 -10.13 -38.44 10.93
N ARG D 103 -10.71 -37.27 11.17
CA ARG D 103 -11.58 -36.66 10.17
C ARG D 103 -10.81 -36.38 8.89
N TYR D 104 -9.70 -35.65 8.99
CA TYR D 104 -8.93 -35.32 7.80
C TYR D 104 -8.40 -36.58 7.11
N GLY D 105 -8.11 -37.63 7.89
CA GLY D 105 -7.64 -38.89 7.36
C GLY D 105 -8.63 -39.64 6.51
N ARG D 106 -9.90 -39.21 6.48
CA ARG D 106 -10.89 -39.79 5.58
C ARG D 106 -10.73 -39.29 4.16
N LEU D 107 -9.91 -38.25 3.94
CA LEU D 107 -9.91 -37.55 2.66
C LEU D 107 -9.26 -38.39 1.57
N SER D 108 -8.13 -39.02 1.85
CA SER D 108 -7.39 -39.75 0.83
C SER D 108 -6.44 -40.72 1.53
N PRO D 109 -5.89 -41.68 0.79
CA PRO D 109 -4.85 -42.53 1.39
C PRO D 109 -3.64 -41.76 1.88
N LEU D 110 -3.38 -40.57 1.33
CA LEU D 110 -2.25 -39.78 1.79
C LEU D 110 -2.53 -39.18 3.17
N THR D 111 -3.69 -38.52 3.31
CA THR D 111 -4.06 -37.98 4.61
C THR D 111 -4.32 -39.06 5.63
N ALA D 112 -4.66 -40.28 5.19
CA ALA D 112 -4.91 -41.37 6.12
C ALA D 112 -3.65 -41.85 6.81
N ARG D 113 -2.48 -41.58 6.24
CA ARG D 113 -1.23 -41.96 6.90
C ARG D 113 -1.18 -41.41 8.33
N HIS D 114 -1.75 -40.22 8.56
CA HIS D 114 -1.66 -39.55 9.84
C HIS D 114 -2.66 -40.08 10.87
N ASP D 115 -3.67 -40.82 10.43
CA ASP D 115 -4.72 -41.35 11.30
C ASP D 115 -4.20 -42.64 11.92
N LEU D 116 -3.52 -42.53 13.05
CA LEU D 116 -2.92 -43.65 13.77
C LEU D 116 -3.38 -43.63 15.22
N PRO D 117 -3.17 -44.73 15.94
CA PRO D 117 -3.57 -44.77 17.36
C PRO D 117 -2.63 -44.02 18.29
N TYR D 118 -1.50 -43.54 17.80
CA TYR D 118 -0.59 -42.69 18.52
C TYR D 118 -0.38 -41.41 17.72
N HIS D 119 0.04 -40.34 18.41
CA HIS D 119 0.27 -39.04 17.80
C HIS D 119 1.67 -38.57 18.20
N VAL D 120 2.59 -38.53 17.24
CA VAL D 120 3.94 -38.00 17.46
C VAL D 120 3.86 -36.48 17.41
N LEU D 121 4.14 -35.83 18.55
CA LEU D 121 3.95 -34.39 18.68
C LEU D 121 5.22 -33.62 18.29
N GLY D 122 5.10 -32.29 18.30
CA GLY D 122 6.27 -31.41 18.06
C GLY D 122 6.09 -30.62 16.77
N SER D 123 6.21 -29.30 16.89
CA SER D 123 5.98 -28.39 15.77
C SER D 123 7.22 -27.58 15.43
N ASP D 124 8.38 -28.00 15.90
CA ASP D 124 9.67 -27.41 15.57
C ASP D 124 10.65 -28.52 15.27
N LEU D 125 11.65 -28.22 14.44
CA LEU D 125 12.78 -29.14 14.32
C LEU D 125 14.00 -28.38 13.84
N ALA D 126 15.16 -28.97 14.14
CA ALA D 126 16.42 -28.61 13.51
C ALA D 126 17.14 -29.92 13.23
N GLY D 127 17.51 -30.15 11.97
CA GLY D 127 18.06 -31.43 11.64
C GLY D 127 18.61 -31.52 10.24
N VAL D 128 18.61 -32.72 9.66
CA VAL D 128 19.33 -33.02 8.42
C VAL D 128 18.40 -33.83 7.52
N VAL D 129 18.14 -33.33 6.31
CA VAL D 129 17.29 -34.06 5.37
C VAL D 129 17.91 -35.42 5.08
N LEU D 130 17.09 -36.47 5.13
CA LEU D 130 17.51 -37.83 4.76
C LEU D 130 16.99 -38.28 3.40
N ARG D 131 15.72 -38.03 3.09
CA ARG D 131 15.10 -38.43 1.85
C ARG D 131 14.11 -37.36 1.42
N THR D 132 13.85 -37.29 0.12
CA THR D 132 12.82 -36.40 -0.40
C THR D 132 11.89 -37.17 -1.33
N GLY D 133 10.62 -36.77 -1.33
CA GLY D 133 9.61 -37.37 -2.18
C GLY D 133 9.70 -36.86 -3.61
N ALA D 134 8.71 -37.26 -4.41
CA ALA D 134 8.70 -36.94 -5.83
C ALA D 134 8.44 -35.46 -6.08
N GLY D 135 9.00 -34.95 -7.17
CA GLY D 135 8.85 -33.57 -7.57
C GLY D 135 9.70 -32.59 -6.78
N VAL D 136 10.30 -33.02 -5.68
CA VAL D 136 11.12 -32.13 -4.87
C VAL D 136 12.31 -31.65 -5.69
N ASN D 137 12.56 -30.37 -5.65
CA ASN D 137 13.69 -29.79 -6.37
C ASN D 137 14.66 -29.04 -5.46
N ALA D 138 14.15 -28.38 -4.44
CA ALA D 138 14.94 -27.40 -3.70
C ALA D 138 15.83 -28.02 -2.63
N TRP D 139 15.61 -29.27 -2.26
CA TRP D 139 16.25 -29.87 -1.09
C TRP D 139 16.77 -31.25 -1.44
N LYS D 140 17.85 -31.64 -0.79
CA LYS D 140 18.50 -32.92 -1.04
C LYS D 140 19.04 -33.47 0.27
N PRO D 141 19.37 -34.76 0.31
CA PRO D 141 19.94 -35.34 1.53
C PRO D 141 21.19 -34.61 1.95
N GLY D 142 21.32 -34.40 3.26
CA GLY D 142 22.43 -33.69 3.85
C GLY D 142 22.14 -32.25 4.19
N ASP D 143 21.09 -31.67 3.59
CA ASP D 143 20.78 -30.27 3.83
C ASP D 143 20.39 -30.06 5.30
N GLU D 144 20.90 -28.97 5.90
CA GLU D 144 20.59 -28.65 7.30
C GLU D 144 19.39 -27.71 7.34
N VAL D 145 18.37 -28.08 8.11
CA VAL D 145 17.06 -27.44 7.98
C VAL D 145 16.45 -27.17 9.34
N VAL D 146 15.61 -26.13 9.39
CA VAL D 146 14.59 -25.97 10.41
C VAL D 146 13.26 -25.96 9.67
N ALA D 147 12.13 -25.84 10.39
CA ALA D 147 10.83 -26.00 9.76
C ALA D 147 9.87 -24.87 10.13
N HIS D 148 9.12 -24.40 9.14
CA HIS D 148 7.92 -23.59 9.33
C HIS D 148 6.75 -24.55 9.53
N CYS D 149 6.01 -24.40 10.63
CA CYS D 149 5.07 -25.47 10.98
C CYS D 149 3.73 -25.38 10.23
N LEU D 150 3.47 -24.34 9.46
CA LEU D 150 2.17 -24.18 8.84
C LEU D 150 2.19 -24.84 7.46
N SER D 151 1.29 -25.79 7.24
CA SER D 151 1.19 -26.47 5.95
C SER D 151 -0.14 -26.10 5.29
N VAL D 152 -0.09 -25.74 4.01
CA VAL D 152 -1.28 -25.40 3.26
C VAL D 152 -1.32 -26.22 1.99
N GLU D 153 -2.54 -26.57 1.56
CA GLU D 153 -2.72 -27.31 0.32
C GLU D 153 -2.95 -26.40 -0.87
N LEU D 154 -3.55 -25.22 -0.64
CA LEU D 154 -3.68 -24.18 -1.66
C LEU D 154 -4.50 -24.65 -2.86
N GLU D 155 -5.48 -25.54 -2.66
CA GLU D 155 -6.36 -25.88 -3.76
C GLU D 155 -7.37 -24.76 -4.04
N SER D 156 -7.80 -24.06 -3.00
CA SER D 156 -8.62 -22.87 -3.19
C SER D 156 -7.78 -21.73 -3.76
N PRO D 157 -8.36 -20.87 -4.60
CA PRO D 157 -7.65 -19.65 -5.00
C PRO D 157 -7.42 -18.67 -3.86
N ASP D 158 -8.13 -18.81 -2.73
CA ASP D 158 -8.19 -17.73 -1.74
C ASP D 158 -6.80 -17.33 -1.27
N GLY D 159 -5.90 -18.29 -1.11
CA GLY D 159 -4.59 -18.07 -0.53
C GLY D 159 -3.48 -17.73 -1.49
N HIS D 160 -3.77 -17.48 -2.77
CA HIS D 160 -2.72 -17.31 -3.74
C HIS D 160 -2.22 -15.87 -3.87
N ASN D 161 -2.67 -14.96 -3.00
CA ASN D 161 -2.04 -13.64 -2.86
C ASN D 161 -1.46 -13.44 -1.47
N ASP D 162 -1.39 -14.50 -0.65
CA ASP D 162 -0.99 -14.48 0.75
C ASP D 162 -1.57 -15.75 1.34
N THR D 163 -0.75 -16.78 1.59
CA THR D 163 -1.34 -18.07 1.92
C THR D 163 -2.05 -18.07 3.26
N MET D 164 -1.90 -17.03 4.08
CA MET D 164 -2.66 -17.01 5.34
C MET D 164 -4.16 -16.90 5.08
N MET D 165 -4.57 -16.50 3.87
CA MET D 165 -5.99 -16.52 3.52
C MET D 165 -6.47 -17.91 3.11
N ASP D 166 -5.58 -18.90 3.01
CA ASP D 166 -6.02 -20.25 2.69
C ASP D 166 -7.01 -20.73 3.74
N PRO D 167 -8.10 -21.39 3.36
CA PRO D 167 -9.08 -21.84 4.35
C PRO D 167 -8.78 -23.17 5.02
N GLU D 168 -7.71 -23.86 4.64
CA GLU D 168 -7.46 -25.23 5.13
C GLU D 168 -6.00 -25.41 5.57
N GLN D 169 -5.61 -24.63 6.57
CA GLN D 169 -4.26 -24.73 7.12
C GLN D 169 -4.17 -25.85 8.15
N ARG D 170 -2.97 -26.41 8.29
CA ARG D 170 -2.67 -27.43 9.29
C ARG D 170 -1.36 -27.10 9.96
N ILE D 171 -1.33 -27.11 11.30
CA ILE D 171 -0.09 -26.97 12.04
C ILE D 171 0.56 -28.34 12.12
N TRP D 172 1.75 -28.48 11.53
CA TRP D 172 2.48 -29.74 11.57
C TRP D 172 2.79 -30.12 13.01
N GLY D 173 2.62 -31.41 13.33
CA GLY D 173 2.81 -31.91 14.68
C GLY D 173 1.65 -31.65 15.62
N PHE D 174 0.64 -30.91 15.19
CA PHE D 174 -0.56 -30.64 15.96
C PHE D 174 -1.80 -31.14 15.24
N GLU D 175 -2.02 -30.71 14.00
CA GLU D 175 -3.07 -31.24 13.14
C GLU D 175 -2.53 -32.20 12.09
N THR D 176 -1.26 -32.60 12.22
CA THR D 176 -0.66 -33.69 11.46
C THR D 176 0.08 -34.60 12.43
N ASN D 177 0.41 -35.80 11.96
CA ASN D 177 1.25 -36.69 12.73
C ASN D 177 2.71 -36.45 12.35
N PHE D 178 3.60 -37.26 12.93
CA PHE D 178 5.02 -37.27 12.59
C PHE D 178 5.67 -35.93 12.88
N GLY D 179 5.45 -35.42 14.10
CA GLY D 179 6.04 -34.17 14.55
C GLY D 179 7.51 -34.29 14.93
N GLY D 180 8.05 -33.15 15.40
CA GLY D 180 9.49 -33.01 15.60
C GLY D 180 10.04 -33.52 16.91
N LEU D 181 9.19 -33.90 17.87
CA LEU D 181 9.69 -34.41 19.14
C LEU D 181 9.94 -35.91 19.00
N ALA D 182 10.98 -36.21 18.22
CA ALA D 182 11.29 -37.58 17.83
C ALA D 182 12.62 -37.56 17.08
N GLN D 183 13.15 -38.77 16.81
CA GLN D 183 14.42 -38.86 16.09
C GLN D 183 14.28 -38.60 14.60
N LEU D 184 13.08 -38.78 14.04
CA LEU D 184 12.81 -38.54 12.63
C LEU D 184 11.48 -37.82 12.52
N ALA D 185 11.28 -37.11 11.42
CA ALA D 185 10.03 -36.41 11.19
C ALA D 185 9.73 -36.35 9.71
N LEU D 186 8.47 -36.13 9.39
CA LEU D 186 7.98 -35.99 8.02
C LEU D 186 7.36 -34.61 7.87
N VAL D 187 7.84 -33.84 6.88
CA VAL D 187 7.32 -32.51 6.61
C VAL D 187 7.21 -32.32 5.10
N LYS D 188 6.41 -31.33 4.71
CA LYS D 188 6.40 -30.91 3.31
C LYS D 188 7.67 -30.13 3.00
N THR D 189 8.16 -30.26 1.77
CA THR D 189 9.37 -29.54 1.41
C THR D 189 9.18 -28.04 1.44
N ASN D 190 7.94 -27.54 1.26
CA ASN D 190 7.70 -26.11 1.41
C ASN D 190 7.38 -25.72 2.85
N GLN D 191 7.86 -26.50 3.81
CA GLN D 191 8.01 -26.08 5.19
C GLN D 191 9.46 -25.90 5.59
N LEU D 192 10.40 -26.32 4.75
CA LEU D 192 11.80 -26.37 5.14
C LEU D 192 12.48 -25.01 4.96
N LEU D 193 13.40 -24.71 5.87
CA LEU D 193 14.19 -23.49 5.88
C LEU D 193 15.65 -23.83 6.20
N PRO D 194 16.59 -23.04 5.69
CA PRO D 194 18.01 -23.30 5.98
C PRO D 194 18.36 -23.02 7.44
N LYS D 195 19.08 -23.96 8.05
CA LYS D 195 19.52 -23.81 9.43
C LYS D 195 20.51 -22.65 9.54
N PRO D 196 20.29 -21.72 10.47
CA PRO D 196 21.32 -20.69 10.76
C PRO D 196 22.62 -21.34 11.23
N LYS D 197 23.72 -21.06 10.53
CA LYS D 197 24.96 -21.80 10.76
C LYS D 197 25.64 -21.45 12.07
N HIS D 198 25.38 -20.25 12.62
CA HIS D 198 26.04 -19.83 13.86
C HIS D 198 25.34 -20.35 15.11
N LEU D 199 24.22 -21.05 14.97
CA LEU D 199 23.45 -21.53 16.11
C LEU D 199 23.66 -23.02 16.33
N THR D 200 23.46 -23.45 17.58
CA THR D 200 23.40 -24.88 17.88
C THR D 200 22.07 -25.45 17.36
N TRP D 201 21.99 -26.78 17.33
CA TRP D 201 20.75 -27.41 16.88
C TRP D 201 19.56 -26.91 17.69
N GLU D 202 19.66 -26.97 19.02
CA GLU D 202 18.52 -26.61 19.85
C GLU D 202 18.21 -25.12 19.75
N GLU D 203 19.22 -24.28 19.56
CA GLU D 203 18.96 -22.85 19.35
C GLU D 203 18.23 -22.60 18.04
N ALA D 204 18.66 -23.29 16.97
CA ALA D 204 18.06 -23.08 15.65
C ALA D 204 16.60 -23.50 15.62
N ALA D 205 16.22 -24.50 16.42
CA ALA D 205 14.83 -24.95 16.48
C ALA D 205 13.94 -24.07 17.35
N SER D 206 14.49 -23.03 17.99
N SER D 206 14.50 -23.04 18.00
CA SER D 206 13.75 -22.33 19.04
CA SER D 206 13.76 -22.32 19.04
C SER D 206 12.88 -21.18 18.52
C SER D 206 12.88 -21.19 18.50
N PRO D 207 13.37 -20.32 17.62
CA PRO D 207 12.54 -19.15 17.24
C PRO D 207 11.18 -19.53 16.67
N GLY D 208 11.16 -20.43 15.70
CA GLY D 208 9.93 -21.05 15.21
C GLY D 208 8.80 -20.10 14.94
N LEU D 209 7.60 -20.50 15.38
CA LEU D 209 6.38 -19.83 14.97
C LEU D 209 6.20 -18.46 15.63
N VAL D 210 6.62 -18.29 16.89
CA VAL D 210 6.44 -16.97 17.50
C VAL D 210 7.31 -15.94 16.80
N ASN D 211 8.51 -16.34 16.36
CA ASN D 211 9.37 -15.42 15.63
C ASN D 211 8.72 -14.99 14.32
N SER D 212 8.27 -15.95 13.50
N SER D 212 8.28 -15.96 13.50
CA SER D 212 7.67 -15.58 12.22
CA SER D 212 7.65 -15.60 12.23
C SER D 212 6.35 -14.84 12.40
C SER D 212 6.38 -14.78 12.46
N THR D 213 5.59 -15.14 13.47
CA THR D 213 4.36 -14.40 13.76
C THR D 213 4.69 -12.94 14.09
N ALA D 214 5.69 -12.71 14.93
CA ALA D 214 6.09 -11.34 15.25
C ALA D 214 6.59 -10.62 14.00
N TYR D 215 7.34 -11.33 13.14
CA TYR D 215 7.81 -10.72 11.89
C TYR D 215 6.65 -10.26 11.00
N ARG D 216 5.67 -11.13 10.76
CA ARG D 216 4.55 -10.73 9.93
C ARG D 216 3.81 -9.55 10.56
N GLN D 217 3.58 -9.62 11.87
CA GLN D 217 2.77 -8.60 12.52
C GLN D 217 3.45 -7.24 12.52
N LEU D 218 4.77 -7.20 12.74
CA LEU D 218 5.45 -5.93 12.95
C LEU D 218 6.19 -5.43 11.71
N VAL D 219 6.92 -6.31 11.03
CA VAL D 219 7.84 -5.90 9.97
C VAL D 219 7.15 -5.88 8.62
N SER D 220 6.30 -6.87 8.32
CA SER D 220 5.84 -7.02 6.95
C SER D 220 4.74 -6.03 6.61
N ARG D 221 4.51 -5.87 5.30
CA ARG D 221 3.42 -5.01 4.83
C ARG D 221 2.04 -5.63 5.06
N ASN D 222 1.96 -6.94 5.38
CA ASN D 222 0.71 -7.54 5.81
C ASN D 222 0.37 -7.24 7.26
N GLY D 223 1.32 -6.67 8.02
CA GLY D 223 1.07 -6.20 9.36
C GLY D 223 1.28 -4.70 9.45
N ALA D 224 2.17 -4.27 10.34
CA ALA D 224 2.35 -2.85 10.66
C ALA D 224 3.33 -2.12 9.75
N GLY D 225 4.15 -2.83 8.99
CA GLY D 225 5.05 -2.18 8.06
C GLY D 225 6.01 -1.20 8.72
N LEU D 226 6.71 -1.69 9.74
CA LEU D 226 7.66 -0.90 10.52
C LEU D 226 8.65 -0.17 9.64
N LYS D 227 9.04 1.05 10.05
CA LYS D 227 10.16 1.74 9.43
C LYS D 227 11.04 2.35 10.51
N GLN D 228 12.30 2.58 10.15
CA GLN D 228 13.20 3.17 11.12
C GLN D 228 12.67 4.51 11.62
N GLY D 229 12.92 4.79 12.91
CA GLY D 229 12.39 5.97 13.55
C GLY D 229 11.05 5.78 14.24
N ASP D 230 10.31 4.74 13.90
CA ASP D 230 9.00 4.51 14.53
C ASP D 230 9.18 4.26 16.02
N ASN D 231 8.18 4.68 16.80
CA ASN D 231 8.02 4.26 18.18
C ASN D 231 6.98 3.16 18.23
N VAL D 232 7.30 2.07 18.94
CA VAL D 232 6.46 0.87 18.96
C VAL D 232 6.20 0.46 20.41
N LEU D 233 4.94 0.46 20.83
CA LEU D 233 4.58 -0.09 22.13
C LEU D 233 4.52 -1.61 22.01
N ILE D 234 5.28 -2.33 22.84
CA ILE D 234 5.35 -3.79 22.75
C ILE D 234 4.88 -4.37 24.08
N TRP D 235 3.65 -4.87 24.12
CA TRP D 235 3.17 -5.57 25.30
C TRP D 235 3.94 -6.88 25.49
N GLY D 236 4.00 -7.34 26.75
CA GLY D 236 4.63 -8.63 27.03
C GLY D 236 5.99 -8.79 26.39
N ALA D 237 6.86 -7.80 26.61
CA ALA D 237 8.05 -7.64 25.76
C ALA D 237 9.12 -8.70 26.01
N SER D 238 9.07 -9.42 27.14
CA SER D 238 10.00 -10.53 27.35
C SER D 238 9.36 -11.88 27.07
N GLY D 239 8.08 -11.92 26.73
CA GLY D 239 7.42 -13.15 26.36
C GLY D 239 7.79 -13.58 24.96
N GLY D 240 7.15 -14.64 24.49
CA GLY D 240 7.45 -15.17 23.17
C GLY D 240 7.33 -14.17 22.05
N LEU D 241 6.11 -13.73 21.74
CA LEU D 241 5.90 -12.74 20.68
C LEU D 241 6.65 -11.46 20.96
N GLY D 242 6.55 -10.94 22.20
CA GLY D 242 7.14 -9.64 22.49
C GLY D 242 8.66 -9.63 22.40
N SER D 243 9.31 -10.73 22.76
CA SER D 243 10.77 -10.76 22.69
C SER D 243 11.26 -10.63 21.25
N TYR D 244 10.63 -11.35 20.31
CA TYR D 244 11.03 -11.18 18.91
C TYR D 244 10.61 -9.80 18.38
N ALA D 245 9.42 -9.33 18.76
CA ALA D 245 8.99 -7.98 18.38
C ALA D 245 9.99 -6.93 18.83
N THR D 246 10.46 -7.02 20.08
CA THR D 246 11.45 -6.08 20.59
C THR D 246 12.71 -6.13 19.74
N GLN D 247 13.16 -7.33 19.37
CA GLN D 247 14.37 -7.45 18.56
C GLN D 247 14.17 -6.88 17.17
N TYR D 248 12.99 -7.14 16.56
CA TYR D 248 12.70 -6.56 15.25
C TYR D 248 12.66 -5.04 15.30
N ALA D 249 12.08 -4.47 16.36
CA ALA D 249 12.04 -3.02 16.48
C ALA D 249 13.46 -2.45 16.48
N LEU D 250 14.33 -3.02 17.30
CA LEU D 250 15.70 -2.52 17.37
C LEU D 250 16.45 -2.74 16.06
N ALA D 251 16.29 -3.93 15.45
CA ALA D 251 17.04 -4.23 14.24
C ALA D 251 16.57 -3.38 13.07
N GLY D 252 15.30 -2.95 13.09
CA GLY D 252 14.80 -2.08 12.03
C GLY D 252 15.05 -0.61 12.23
N GLY D 253 15.75 -0.23 13.29
CA GLY D 253 16.03 1.17 13.52
C GLY D 253 14.93 1.93 14.23
N ALA D 254 13.96 1.23 14.82
CA ALA D 254 12.86 1.82 15.57
C ALA D 254 13.17 1.79 17.08
N THR D 255 12.27 2.36 17.87
CA THR D 255 12.40 2.38 19.33
C THR D 255 11.31 1.52 19.94
N PRO D 256 11.65 0.40 20.60
CA PRO D 256 10.61 -0.34 21.34
C PRO D 256 10.36 0.33 22.67
N ILE D 257 9.09 0.51 23.02
N ILE D 257 9.09 0.49 23.02
CA ILE D 257 8.67 0.83 24.38
CA ILE D 257 8.68 0.82 24.37
C ILE D 257 8.15 -0.49 24.95
C ILE D 257 8.15 -0.48 24.95
N CYS D 258 8.98 -1.15 25.74
CA CYS D 258 8.71 -2.50 26.20
C CYS D 258 7.87 -2.47 27.47
N VAL D 259 6.81 -3.28 27.52
CA VAL D 259 6.00 -3.44 28.73
C VAL D 259 6.24 -4.84 29.29
N VAL D 260 6.53 -4.91 30.58
CA VAL D 260 6.72 -6.18 31.30
C VAL D 260 6.08 -6.04 32.67
N SER D 261 6.10 -7.10 33.48
CA SER D 261 5.48 -7.03 34.80
C SER D 261 6.43 -7.33 35.97
N SER D 262 7.74 -7.32 35.76
CA SER D 262 8.64 -7.55 36.88
C SER D 262 10.00 -6.97 36.54
N PRO D 263 10.80 -6.64 37.56
CA PRO D 263 12.18 -6.16 37.30
C PRO D 263 13.09 -7.19 36.62
N ARG D 264 12.94 -8.48 36.90
CA ARG D 264 13.74 -9.47 36.19
C ARG D 264 13.46 -9.43 34.70
N LYS D 265 12.19 -9.26 34.33
CA LYS D 265 11.84 -9.16 32.92
C LYS D 265 12.40 -7.89 32.31
N ALA D 266 12.40 -6.79 33.06
CA ALA D 266 13.02 -5.57 32.56
C ALA D 266 14.49 -5.77 32.29
N ASP D 267 15.19 -6.47 33.21
CA ASP D 267 16.60 -6.76 32.98
C ASP D 267 16.81 -7.51 31.67
N ILE D 268 15.92 -8.46 31.36
CA ILE D 268 16.06 -9.22 30.12
C ILE D 268 15.87 -8.31 28.91
N CYS D 269 14.90 -7.39 28.99
CA CYS D 269 14.72 -6.45 27.89
C CYS D 269 15.99 -5.64 27.66
N ARG D 270 16.65 -5.21 28.74
CA ARG D 270 17.90 -4.48 28.56
C ARG D 270 18.98 -5.36 27.91
N ALA D 271 19.01 -6.65 28.28
CA ALA D 271 19.99 -7.54 27.67
C ALA D 271 19.73 -7.71 26.18
N MET D 272 18.47 -7.64 25.75
CA MET D 272 18.14 -7.68 24.33
C MET D 272 18.54 -6.41 23.60
N GLY D 273 18.79 -5.32 24.32
CA GLY D 273 19.17 -4.05 23.74
C GLY D 273 18.16 -2.93 23.89
N ALA D 274 17.03 -3.17 24.55
CA ALA D 274 16.03 -2.14 24.73
C ALA D 274 16.42 -1.24 25.89
N GLU D 275 15.85 -0.06 25.90
CA GLU D 275 16.11 0.86 27.01
C GLU D 275 14.84 1.42 27.63
N ALA D 276 13.80 1.67 26.83
CA ALA D 276 12.55 2.25 27.32
C ALA D 276 11.66 1.10 27.78
N ILE D 277 11.54 0.92 29.09
CA ILE D 277 10.84 -0.24 29.65
C ILE D 277 9.87 0.23 30.72
N ILE D 278 8.60 -0.20 30.60
CA ILE D 278 7.54 0.13 31.54
C ILE D 278 7.14 -1.16 32.27
N ASP D 279 7.15 -1.12 33.61
CA ASP D 279 6.68 -2.24 34.43
C ASP D 279 5.21 -1.98 34.78
N ARG D 280 4.29 -2.66 34.07
CA ARG D 280 2.86 -2.38 34.22
C ARG D 280 2.37 -2.68 35.64
N SER D 281 3.02 -3.61 36.34
CA SER D 281 2.57 -3.91 37.71
C SER D 281 3.12 -2.91 38.71
N ALA D 282 4.36 -2.46 38.53
CA ALA D 282 4.89 -1.38 39.35
C ALA D 282 4.07 -0.11 39.15
N GLU D 283 3.71 0.20 37.90
CA GLU D 283 2.89 1.38 37.66
C GLU D 283 1.47 1.22 38.20
N GLY D 284 1.01 -0.02 38.35
CA GLY D 284 -0.32 -0.26 38.89
C GLY D 284 -1.47 0.08 37.98
N TYR D 285 -1.32 -0.09 36.66
CA TYR D 285 -2.42 0.27 35.77
C TYR D 285 -3.65 -0.57 36.05
N ARG D 286 -4.81 0.10 36.11
CA ARG D 286 -6.12 -0.54 36.30
C ARG D 286 -6.99 -0.07 35.14
N PHE D 287 -6.79 -0.67 33.96
CA PHE D 287 -7.48 -0.18 32.78
C PHE D 287 -8.98 -0.44 32.87
N TRP D 288 -9.38 -1.46 33.61
CA TRP D 288 -10.78 -1.79 33.80
C TRP D 288 -11.19 -1.45 35.23
N LYS D 289 -12.30 -0.72 35.37
CA LYS D 289 -12.83 -0.36 36.68
C LYS D 289 -13.59 -1.52 37.31
N ASP D 290 -14.33 -2.26 36.51
CA ASP D 290 -15.06 -3.45 36.92
C ASP D 290 -15.15 -4.35 35.70
N GLU D 291 -16.06 -5.32 35.72
CA GLU D 291 -16.13 -6.30 34.64
C GLU D 291 -16.64 -5.69 33.34
N HIS D 292 -17.23 -4.50 33.36
CA HIS D 292 -17.88 -3.96 32.17
C HIS D 292 -17.42 -2.56 31.76
N HIS D 293 -16.63 -1.87 32.57
CA HIS D 293 -16.32 -0.48 32.28
C HIS D 293 -14.83 -0.23 32.47
N GLN D 294 -14.25 0.49 31.51
CA GLN D 294 -12.84 0.85 31.57
C GLN D 294 -12.66 2.20 32.23
N ASP D 295 -11.40 2.55 32.50
CA ASP D 295 -11.05 3.80 33.14
C ASP D 295 -10.18 4.62 32.20
N PRO D 296 -10.75 5.57 31.45
CA PRO D 296 -9.91 6.36 30.53
C PRO D 296 -8.79 7.12 31.19
N ARG D 297 -8.90 7.45 32.49
CA ARG D 297 -7.78 8.11 33.16
C ARG D 297 -6.55 7.23 33.18
N GLU D 298 -6.75 5.90 33.22
CA GLU D 298 -5.62 4.98 33.22
C GLU D 298 -5.04 4.78 31.82
N TRP D 299 -5.88 4.80 30.78
CA TRP D 299 -5.32 4.87 29.42
C TRP D 299 -4.39 6.06 29.31
N LYS D 300 -4.83 7.22 29.84
CA LYS D 300 -4.05 8.44 29.69
C LYS D 300 -2.80 8.39 30.56
N ARG D 301 -2.86 7.74 31.72
CA ARG D 301 -1.65 7.62 32.54
C ARG D 301 -0.58 6.80 31.83
N LEU D 302 -0.98 5.69 31.20
CA LEU D 302 -0.05 4.96 30.35
C LEU D 302 0.49 5.84 29.23
N GLY D 303 -0.41 6.57 28.55
CA GLY D 303 0.04 7.44 27.48
C GLY D 303 1.08 8.45 27.91
N GLY D 304 0.90 9.01 29.12
CA GLY D 304 1.86 9.97 29.62
C GLY D 304 3.20 9.34 29.96
N LYS D 305 3.18 8.09 30.44
CA LYS D 305 4.42 7.38 30.71
C LYS D 305 5.18 7.08 29.43
N ILE D 306 4.48 6.61 28.40
CA ILE D 306 5.09 6.41 27.09
C ILE D 306 5.78 7.70 26.63
N ARG D 307 5.09 8.83 26.75
CA ARG D 307 5.65 10.10 26.31
C ARG D 307 6.92 10.48 27.04
N GLU D 308 7.15 9.93 28.26
CA GLU D 308 8.40 10.21 28.97
C GLU D 308 9.61 9.63 28.24
N PHE D 309 9.42 8.52 27.55
CA PHE D 309 10.52 7.87 26.87
C PHE D 309 10.73 8.37 25.46
N THR D 310 9.70 8.94 24.84
CA THR D 310 9.75 9.28 23.42
C THR D 310 9.94 10.77 23.19
N GLY D 311 10.13 11.57 24.25
CA GLY D 311 10.17 13.00 24.07
C GLY D 311 8.84 13.60 23.68
N GLY D 312 7.75 13.07 24.19
CA GLY D 312 6.44 13.64 23.94
C GLY D 312 5.68 13.03 22.79
N GLU D 313 6.24 12.04 22.11
CA GLU D 313 5.60 11.45 20.93
C GLU D 313 4.77 10.23 21.31
N ASP D 314 3.68 10.05 20.58
CA ASP D 314 2.85 8.86 20.75
C ASP D 314 3.25 7.81 19.73
N VAL D 315 3.04 6.53 20.08
CA VAL D 315 3.61 5.44 19.29
C VAL D 315 2.92 5.35 17.92
N ASP D 316 3.74 5.08 16.91
CA ASP D 316 3.23 4.81 15.57
C ASP D 316 2.50 3.48 15.50
N ILE D 317 2.89 2.53 16.34
CA ILE D 317 2.46 1.14 16.25
C ILE D 317 2.31 0.60 17.66
N VAL D 318 1.20 -0.10 17.92
CA VAL D 318 1.05 -0.93 19.11
C VAL D 318 1.09 -2.40 18.67
N PHE D 319 2.00 -3.16 19.27
CA PHE D 319 2.11 -4.60 19.05
C PHE D 319 1.22 -5.27 20.10
N GLU D 320 -0.01 -5.61 19.72
CA GLU D 320 -1.01 -6.16 20.63
C GLU D 320 -1.01 -7.69 20.62
N HIS D 321 -1.46 -8.27 21.75
CA HIS D 321 -1.72 -9.70 21.90
C HIS D 321 -2.37 -10.00 23.26
N PRO D 322 -2.22 -9.14 24.28
CA PRO D 322 -2.97 -9.40 25.53
C PRO D 322 -4.48 -9.32 25.36
N GLY D 323 -5.00 -8.47 24.48
CA GLY D 323 -6.44 -8.46 24.23
C GLY D 323 -7.22 -7.59 25.21
N ARG D 324 -8.29 -8.15 25.79
CA ARG D 324 -9.31 -7.34 26.47
C ARG D 324 -8.71 -6.39 27.51
N GLU D 325 -7.79 -6.87 28.36
CA GLU D 325 -7.35 -6.00 29.46
C GLU D 325 -6.69 -4.73 28.95
N THR D 326 -5.89 -4.84 27.88
CA THR D 326 -5.04 -3.75 27.40
C THR D 326 -5.59 -3.04 26.16
N PHE D 327 -6.58 -3.63 25.47
CA PHE D 327 -6.87 -3.20 24.10
C PHE D 327 -7.46 -1.79 24.06
N GLY D 328 -8.26 -1.42 25.05
CA GLY D 328 -8.77 -0.05 25.09
C GLY D 328 -7.64 0.97 25.21
N ALA D 329 -6.68 0.69 26.09
CA ALA D 329 -5.53 1.57 26.23
C ALA D 329 -4.69 1.60 24.97
N SER D 330 -4.51 0.45 24.31
CA SER D 330 -3.73 0.40 23.08
C SER D 330 -4.34 1.33 22.03
N VAL D 331 -5.66 1.27 21.86
CA VAL D 331 -6.28 2.13 20.85
C VAL D 331 -6.12 3.60 21.22
N TYR D 332 -6.25 3.93 22.51
CA TYR D 332 -6.17 5.32 22.96
C TYR D 332 -4.79 5.92 22.71
N VAL D 333 -3.73 5.21 23.09
CA VAL D 333 -2.39 5.82 23.09
C VAL D 333 -1.76 5.91 21.71
N THR D 334 -2.31 5.21 20.73
CA THR D 334 -1.73 5.20 19.39
C THR D 334 -1.79 6.59 18.74
N ARG D 335 -0.73 6.95 18.03
CA ARG D 335 -0.63 8.23 17.32
C ARG D 335 -1.70 8.36 16.24
N LYS D 336 -2.06 9.61 15.91
CA LYS D 336 -2.97 9.85 14.80
C LYS D 336 -2.42 9.21 13.53
N GLY D 337 -3.26 8.46 12.82
CA GLY D 337 -2.80 7.76 11.63
C GLY D 337 -2.04 6.47 11.90
N GLY D 338 -1.94 6.04 13.15
CA GLY D 338 -1.15 4.87 13.52
C GLY D 338 -1.93 3.57 13.44
N THR D 339 -1.23 2.48 13.81
CA THR D 339 -1.76 1.13 13.62
C THR D 339 -1.66 0.34 14.92
N ILE D 340 -2.74 -0.36 15.26
CA ILE D 340 -2.74 -1.36 16.33
C ILE D 340 -2.80 -2.71 15.63
N VAL D 341 -1.76 -3.52 15.75
CA VAL D 341 -1.75 -4.84 15.10
C VAL D 341 -1.93 -5.91 16.17
N THR D 342 -2.80 -6.88 15.90
CA THR D 342 -3.21 -7.85 16.92
C THR D 342 -3.20 -9.27 16.35
N CYS D 343 -2.64 -10.21 17.11
CA CYS D 343 -2.51 -11.59 16.65
C CYS D 343 -2.90 -12.59 17.75
N ALA D 344 -3.60 -12.13 18.78
CA ALA D 344 -3.95 -12.96 19.93
C ALA D 344 -4.75 -12.09 20.90
N SER D 345 -5.41 -12.75 21.85
CA SER D 345 -6.15 -12.05 22.90
C SER D 345 -6.04 -12.84 24.22
N THR D 346 -4.82 -12.93 24.75
CA THR D 346 -4.52 -13.79 25.89
C THR D 346 -5.52 -13.58 27.04
N SER D 347 -5.75 -12.33 27.41
CA SER D 347 -6.57 -12.00 28.57
C SER D 347 -8.06 -12.06 28.29
N GLY D 348 -8.48 -12.38 27.07
CA GLY D 348 -9.87 -12.39 26.69
C GLY D 348 -10.10 -11.78 25.33
N TYR D 349 -10.94 -12.42 24.51
CA TYR D 349 -11.12 -12.02 23.12
C TYR D 349 -12.28 -11.06 22.90
N MET D 350 -13.09 -10.74 23.91
CA MET D 350 -14.16 -9.75 23.74
C MET D 350 -13.56 -8.38 23.99
N HIS D 351 -13.08 -7.75 22.92
CA HIS D 351 -12.43 -6.44 23.01
C HIS D 351 -13.46 -5.33 23.16
N GLN D 352 -13.12 -4.34 23.97
CA GLN D 352 -13.90 -3.11 24.10
C GLN D 352 -12.97 -1.93 23.89
N TYR D 353 -13.38 -0.99 23.04
CA TYR D 353 -12.57 0.20 22.83
C TYR D 353 -13.49 1.35 22.47
N ASP D 354 -12.96 2.58 22.62
CA ASP D 354 -13.70 3.80 22.33
C ASP D 354 -13.46 4.18 20.87
N ASN D 355 -14.48 4.01 20.03
CA ASN D 355 -14.32 4.21 18.59
C ASN D 355 -14.12 5.68 18.21
N ARG D 356 -14.42 6.62 19.11
CA ARG D 356 -14.15 8.02 18.79
C ARG D 356 -12.65 8.23 18.51
N TYR D 357 -11.79 7.65 19.34
CA TYR D 357 -10.35 7.81 19.10
C TYR D 357 -9.93 7.16 17.79
N LEU D 358 -10.52 6.01 17.45
CA LEU D 358 -10.11 5.33 16.23
C LEU D 358 -10.47 6.12 14.97
N TRP D 359 -11.71 6.58 14.87
CA TRP D 359 -12.10 7.32 13.65
C TRP D 359 -11.65 8.79 13.69
N MET D 360 -11.70 9.46 14.76
N MET D 360 -11.71 9.46 14.74
CA MET D 360 -11.32 10.88 14.80
CA MET D 360 -11.33 10.86 14.71
C MET D 360 -9.83 11.07 14.54
C MET D 360 -9.83 11.05 14.48
N SER D 361 -9.01 10.07 14.89
CA SER D 361 -7.57 10.13 14.63
C SER D 361 -7.14 9.12 13.59
N LEU D 362 -8.10 8.56 12.83
CA LEU D 362 -7.83 7.77 11.63
C LEU D 362 -6.82 6.65 11.90
N LYS D 363 -7.01 5.97 13.03
CA LYS D 363 -6.22 4.81 13.39
C LYS D 363 -6.82 3.56 12.76
N ARG D 364 -6.06 2.47 12.80
CA ARG D 364 -6.58 1.21 12.29
C ARG D 364 -6.13 0.07 13.18
N ILE D 365 -6.96 -0.96 13.24
CA ILE D 365 -6.68 -2.22 13.94
C ILE D 365 -6.50 -3.28 12.86
N VAL D 366 -5.30 -3.83 12.75
CA VAL D 366 -4.94 -4.79 11.71
C VAL D 366 -4.78 -6.17 12.34
N GLY D 367 -5.64 -7.11 11.94
CA GLY D 367 -5.51 -8.49 12.40
C GLY D 367 -4.42 -9.24 11.65
N SER D 368 -3.61 -10.00 12.40
CA SER D 368 -2.55 -10.81 11.83
C SER D 368 -2.55 -12.16 12.54
N HIS D 369 -2.09 -13.18 11.85
CA HIS D 369 -2.15 -14.54 12.37
C HIS D 369 -0.97 -15.29 11.77
N PHE D 370 -0.13 -15.88 12.63
CA PHE D 370 0.95 -16.77 12.19
C PHE D 370 1.74 -16.04 11.10
N ALA D 371 2.08 -16.70 9.99
CA ALA D 371 2.90 -16.13 8.93
C ALA D 371 2.84 -17.03 7.72
N ASN D 372 2.87 -16.44 6.54
CA ASN D 372 2.97 -17.30 5.37
C ASN D 372 4.43 -17.73 5.20
N TYR D 373 4.65 -18.62 4.24
CA TYR D 373 5.97 -19.23 4.12
C TYR D 373 7.02 -18.22 3.68
N ARG D 374 6.64 -17.22 2.89
CA ARG D 374 7.60 -16.18 2.55
C ARG D 374 7.99 -15.39 3.79
N GLU D 375 7.01 -15.06 4.63
CA GLU D 375 7.31 -14.33 5.85
C GLU D 375 8.13 -15.19 6.82
N ALA D 376 7.82 -16.48 6.90
CA ALA D 376 8.63 -17.37 7.74
C ALA D 376 10.06 -17.43 7.24
N PHE D 377 10.24 -17.51 5.92
CA PHE D 377 11.59 -17.48 5.34
C PHE D 377 12.34 -16.20 5.71
N GLU D 378 11.69 -15.05 5.56
CA GLU D 378 12.37 -13.77 5.85
C GLU D 378 12.70 -13.68 7.34
N ALA D 379 11.81 -14.14 8.20
CA ALA D 379 12.09 -14.09 9.64
C ALA D 379 13.28 -14.98 10.00
N ASN D 380 13.32 -16.21 9.47
CA ASN D 380 14.46 -17.10 9.71
C ASN D 380 15.74 -16.54 9.09
N ARG D 381 15.61 -15.85 7.96
CA ARG D 381 16.76 -15.23 7.32
C ARG D 381 17.35 -14.10 8.17
N LEU D 382 16.52 -13.38 8.93
CA LEU D 382 17.07 -12.35 9.81
C LEU D 382 17.75 -12.97 11.03
N VAL D 383 17.30 -14.16 11.47
CA VAL D 383 18.07 -14.91 12.46
C VAL D 383 19.42 -15.32 11.87
N ALA D 384 19.41 -15.82 10.63
CA ALA D 384 20.63 -16.26 9.97
C ALA D 384 21.61 -15.12 9.77
N LYS D 385 21.11 -13.90 9.56
CA LYS D 385 21.99 -12.75 9.44
C LYS D 385 22.54 -12.26 10.78
N GLY D 386 22.10 -12.85 11.89
CA GLY D 386 22.52 -12.38 13.19
C GLY D 386 21.87 -11.08 13.63
N LYS D 387 20.75 -10.69 13.01
CA LYS D 387 19.99 -9.53 13.44
C LYS D 387 19.02 -9.88 14.56
N ILE D 388 18.61 -11.15 14.63
CA ILE D 388 17.58 -11.62 15.56
C ILE D 388 18.11 -12.89 16.20
N HIS D 389 17.94 -13.03 17.51
CA HIS D 389 18.61 -14.07 18.27
C HIS D 389 17.62 -14.98 19.00
N PRO D 390 17.94 -16.27 19.13
CA PRO D 390 17.04 -17.19 19.85
C PRO D 390 17.04 -16.88 21.34
N THR D 391 16.07 -17.47 22.05
CA THR D 391 15.75 -17.06 23.41
C THR D 391 15.61 -18.27 24.35
N LEU D 392 16.50 -19.25 24.19
CA LEU D 392 16.48 -20.47 25.02
C LEU D 392 16.80 -20.19 26.48
N SER D 393 15.99 -20.77 27.38
CA SER D 393 16.30 -20.78 28.81
C SER D 393 16.82 -22.12 29.30
N LYS D 394 16.36 -23.22 28.73
CA LYS D 394 16.55 -24.54 29.32
C LYS D 394 16.34 -25.58 28.23
N VAL D 395 17.14 -26.64 28.28
CA VAL D 395 17.07 -27.72 27.31
C VAL D 395 16.94 -29.05 28.05
N TYR D 396 16.05 -29.90 27.56
CA TYR D 396 15.84 -31.24 28.09
C TYR D 396 16.21 -32.29 27.06
N ALA D 397 16.53 -33.49 27.55
CA ALA D 397 16.66 -34.64 26.66
C ALA D 397 15.28 -35.12 26.22
N LEU D 398 15.26 -35.81 25.07
CA LEU D 398 14.00 -36.32 24.53
C LEU D 398 13.22 -37.14 25.55
N GLU D 399 13.92 -37.97 26.33
CA GLU D 399 13.24 -38.80 27.33
C GLU D 399 12.55 -37.96 28.39
N GLU D 400 12.94 -36.69 28.53
CA GLU D 400 12.41 -35.78 29.55
C GLU D 400 11.39 -34.81 28.97
N THR D 401 10.81 -35.12 27.80
CA THR D 401 9.89 -34.17 27.20
C THR D 401 8.69 -33.91 28.09
N GLY D 402 8.25 -34.93 28.86
CA GLY D 402 7.17 -34.71 29.79
C GLY D 402 7.47 -33.59 30.77
N GLN D 403 8.68 -33.58 31.34
CA GLN D 403 9.07 -32.51 32.26
C GLN D 403 9.15 -31.17 31.54
N ALA D 404 9.71 -31.16 30.32
CA ALA D 404 9.75 -29.93 29.54
C ALA D 404 8.36 -29.34 29.36
N ALA D 405 7.38 -30.18 29.04
CA ALA D 405 6.01 -29.70 28.85
C ALA D 405 5.41 -29.16 30.14
N LEU D 406 5.65 -29.84 31.27
CA LEU D 406 5.17 -29.31 32.54
C LEU D 406 5.81 -27.95 32.83
N ASP D 407 7.11 -27.80 32.56
CA ASP D 407 7.78 -26.51 32.77
C ASP D 407 7.11 -25.40 31.98
N VAL D 408 6.73 -25.67 30.73
CA VAL D 408 6.06 -24.64 29.94
C VAL D 408 4.66 -24.40 30.48
N HIS D 409 3.93 -25.49 30.78
CA HIS D 409 2.57 -25.41 31.30
C HIS D 409 2.49 -24.53 32.54
N HIS D 410 3.50 -24.61 33.41
CA HIS D 410 3.52 -23.84 34.65
C HIS D 410 4.45 -22.63 34.58
N ASN D 411 4.80 -22.17 33.38
CA ASN D 411 5.54 -20.92 33.19
C ASN D 411 6.77 -20.83 34.09
N LYS D 412 7.59 -21.90 34.07
CA LYS D 412 8.75 -21.94 34.96
C LYS D 412 9.97 -21.18 34.44
N HIS D 413 10.03 -20.87 33.14
CA HIS D 413 11.19 -20.20 32.58
C HIS D 413 10.79 -18.90 31.90
N GLN D 414 11.74 -17.97 31.82
CA GLN D 414 11.48 -16.67 31.21
C GLN D 414 11.56 -16.75 29.69
N GLY D 415 12.39 -17.64 29.16
CA GLY D 415 12.51 -17.88 27.74
C GLY D 415 12.00 -19.26 27.34
N LYS D 416 12.51 -19.75 26.22
CA LYS D 416 11.95 -20.95 25.62
C LYS D 416 12.64 -22.21 26.14
N VAL D 417 11.95 -23.34 25.94
CA VAL D 417 12.42 -24.66 26.40
C VAL D 417 12.70 -25.50 25.16
N GLY D 418 13.96 -25.91 25.01
CA GLY D 418 14.35 -26.76 23.90
C GLY D 418 14.42 -28.24 24.31
N VAL D 419 14.45 -29.10 23.29
CA VAL D 419 14.54 -30.55 23.50
C VAL D 419 15.58 -31.12 22.54
N LEU D 420 16.54 -31.87 23.08
CA LEU D 420 17.46 -32.63 22.24
C LEU D 420 16.75 -33.88 21.74
N CYS D 421 16.92 -34.18 20.45
CA CYS D 421 16.28 -35.36 19.89
C CYS D 421 17.41 -36.36 19.63
N LEU D 422 18.03 -36.35 18.45
CA LEU D 422 19.20 -37.20 18.25
C LEU D 422 20.46 -36.60 18.86
N ALA D 423 20.51 -35.27 19.02
CA ALA D 423 21.73 -34.65 19.49
C ALA D 423 22.11 -35.22 20.87
N PRO D 424 23.35 -35.68 21.07
CA PRO D 424 23.69 -36.30 22.35
C PRO D 424 23.94 -35.31 23.49
N ARG D 425 24.15 -34.03 23.20
CA ARG D 425 24.34 -33.02 24.24
C ARG D 425 24.04 -31.66 23.63
N GLU D 426 23.97 -30.64 24.50
CA GLU D 426 23.84 -29.27 24.05
C GLU D 426 25.13 -28.79 23.38
N GLY D 427 25.00 -27.77 22.54
CA GLY D 427 26.15 -27.06 22.03
C GLY D 427 26.71 -27.54 20.72
N LEU D 428 26.06 -28.50 20.06
CA LEU D 428 26.56 -29.00 18.79
C LEU D 428 25.92 -28.26 17.62
N GLY D 429 26.58 -28.35 16.46
CA GLY D 429 26.00 -27.89 15.21
C GLY D 429 26.43 -26.52 14.72
N VAL D 430 27.30 -25.83 15.45
CA VAL D 430 27.77 -24.52 15.02
C VAL D 430 28.82 -24.71 13.93
N THR D 431 28.57 -24.13 12.75
CA THR D 431 29.57 -24.11 11.69
C THR D 431 29.96 -22.69 11.26
N ASP D 432 29.41 -21.65 11.90
CA ASP D 432 29.87 -20.26 11.72
C ASP D 432 30.28 -19.74 13.09
N PRO D 433 31.47 -20.14 13.56
CA PRO D 433 31.90 -19.70 14.90
C PRO D 433 32.21 -18.22 14.98
N GLU D 434 32.57 -17.58 13.87
CA GLU D 434 32.84 -16.14 13.92
C GLU D 434 31.58 -15.34 14.21
N LEU D 435 30.50 -15.59 13.47
CA LEU D 435 29.25 -14.88 13.74
C LEU D 435 28.73 -15.17 15.13
N ARG D 436 28.83 -16.42 15.58
CA ARG D 436 28.35 -16.76 16.91
C ARG D 436 29.08 -15.97 17.99
N SER D 437 30.40 -15.83 17.87
N SER D 437 30.41 -15.85 17.87
CA SER D 437 31.15 -15.14 18.90
CA SER D 437 31.17 -15.14 18.87
C SER D 437 30.72 -13.68 19.02
C SER D 437 30.68 -13.70 19.02
N LYS D 438 30.33 -13.06 17.90
CA LYS D 438 29.86 -11.68 17.94
C LYS D 438 28.62 -11.52 18.80
N HIS D 439 27.75 -12.52 18.83
CA HIS D 439 26.40 -12.35 19.36
C HIS D 439 26.11 -13.22 20.57
N LEU D 440 27.13 -13.87 21.13
CA LEU D 440 26.94 -14.84 22.20
C LEU D 440 26.15 -14.27 23.38
N THR D 441 26.46 -13.03 23.79
CA THR D 441 25.79 -12.47 24.96
C THR D 441 24.27 -12.36 24.74
N LYS D 442 23.85 -11.85 23.58
CA LYS D 442 22.41 -11.74 23.33
C LYS D 442 21.78 -13.12 23.10
N ILE D 443 22.50 -14.01 22.43
CA ILE D 443 22.02 -15.39 22.25
C ILE D 443 21.68 -16.01 23.59
N ASN D 444 22.43 -15.70 24.64
CA ASN D 444 22.20 -16.33 25.94
C ASN D 444 21.40 -15.44 26.90
N ALA D 445 20.73 -14.40 26.40
CA ALA D 445 20.10 -13.42 27.29
C ALA D 445 19.01 -14.02 28.19
N PHE D 446 18.43 -15.16 27.80
CA PHE D 446 17.33 -15.76 28.55
C PHE D 446 17.78 -16.96 29.40
N ARG D 447 19.08 -17.24 29.45
CA ARG D 447 19.54 -18.46 30.12
C ARG D 447 19.37 -18.43 31.62
#